data_8SIF
# 
_entry.id   8SIF 
# 
_audit_conform.dict_name       mmcif_pdbx.dic 
_audit_conform.dict_version    5.395 
_audit_conform.dict_location   http://mmcif.pdb.org/dictionaries/ascii/mmcif_pdbx.dic 
# 
loop_
_database_2.database_id 
_database_2.database_code 
_database_2.pdbx_database_accession 
_database_2.pdbx_DOI 
PDB   8SIF         pdb_00008sif 10.2210/pdb8sif/pdb 
WWPDB D_1000273835 ?            ?                   
# 
_pdbx_audit_revision_history.ordinal             1 
_pdbx_audit_revision_history.data_content_type   'Structure model' 
_pdbx_audit_revision_history.major_revision      1 
_pdbx_audit_revision_history.minor_revision      0 
_pdbx_audit_revision_history.revision_date       2024-07-03 
# 
_pdbx_audit_revision_details.ordinal             1 
_pdbx_audit_revision_details.revision_ordinal    1 
_pdbx_audit_revision_details.data_content_type   'Structure model' 
_pdbx_audit_revision_details.provider            repository 
_pdbx_audit_revision_details.type                'Initial release' 
_pdbx_audit_revision_details.description         ? 
_pdbx_audit_revision_details.details             ? 
# 
_pdbx_database_status.status_code                     REL 
_pdbx_database_status.status_code_sf                  REL 
_pdbx_database_status.status_code_mr                  ? 
_pdbx_database_status.entry_id                        8SIF 
_pdbx_database_status.recvd_initial_deposition_date   2023-04-16 
_pdbx_database_status.SG_entry                        N 
_pdbx_database_status.deposit_site                    RCSB 
_pdbx_database_status.process_site                    RCSB 
_pdbx_database_status.status_code_cs                  ? 
_pdbx_database_status.status_code_nmr_data            ? 
_pdbx_database_status.methods_development_category    ? 
_pdbx_database_status.pdb_format_compatible           Y 
# 
_pdbx_contact_author.id                 1 
_pdbx_contact_author.email              jix@mail.nih.gov 
_pdbx_contact_author.name_first         Xinhua 
_pdbx_contact_author.name_last          Ji 
_pdbx_contact_author.name_mi            ? 
_pdbx_contact_author.role               'principal investigator/group leader' 
_pdbx_contact_author.identifier_ORCID   0000-0001-6942-1514 
# 
loop_
_audit_author.name 
_audit_author.pdbx_ordinal 
_audit_author.identifier_ORCID 
'Shaw, G.X.' 1 0000-0002-2510-3538 
'Shi, G.'    2 ?                   
'Ji, X.'     3 0000-0001-6942-1514 
# 
_citation.abstract                  ? 
_citation.abstract_id_CAS           ? 
_citation.book_id_ISBN              ? 
_citation.book_publisher            ? 
_citation.book_publisher_city       ? 
_citation.book_title                ? 
_citation.coordinate_linkage        ? 
_citation.country                   ? 
_citation.database_id_Medline       ? 
_citation.details                   ? 
_citation.id                        primary 
_citation.journal_abbrev            'To be published' 
_citation.journal_id_ASTM           ? 
_citation.journal_id_CSD            0353 
_citation.journal_id_ISSN           ? 
_citation.journal_full              ? 
_citation.journal_issue             ? 
_citation.journal_volume            ? 
_citation.language                  ? 
_citation.page_first                ? 
_citation.page_last                 ? 
_citation.title                     'The first bisubstrate inhibitor of HPPK exhibiting cell permeability' 
_citation.year                      ? 
_citation.database_id_CSD           ? 
_citation.pdbx_database_id_DOI      ? 
_citation.pdbx_database_id_PubMed   ? 
_citation.pdbx_database_id_patent   ? 
_citation.unpublished_flag          ? 
# 
loop_
_citation_author.citation_id 
_citation_author.name 
_citation_author.ordinal 
_citation_author.identifier_ORCID 
primary 'Shi, G.'    1 ?                   
primary 'Shaw, G.X.' 2 0000-0002-2510-3538 
primary 'Ji, X.'     3 0000-0001-6942-1514 
# 
loop_
_entity.id 
_entity.type 
_entity.src_method 
_entity.pdbx_description 
_entity.formula_weight 
_entity.pdbx_number_of_molecules 
_entity.pdbx_ec 
_entity.pdbx_mutation 
_entity.pdbx_fragment 
_entity.details 
1 polymer     man '2-amino-4-hydroxy-6-hydroxymethyldihydropteridine pyrophosphokinase' 18097.730 1   2.7.6.3 ? ? ? 
2 non-polymer syn 
"5'-S-{(2R,4R)-1-[3-(2-amino-4-oxo-4,7-dihydro-3H-pyrrolo[2,3-d]pyrimidin-5-yl)propyl]-2-carboxypiperidin-4-yl}-5'-thioadenosine" 
600.650   1   ?       ? ? ? 
3 water       nat water 18.015    186 ?       ? ? ? 
# 
_entity_name_com.entity_id   1 
_entity_name_com.name        
'6-hydroxymethyl-7,8-dihydropterin pyrophosphokinase,PPPK,7,8-dihydro-6-hydroxymethylpterin-pyrophosphokinase,HPPK' 
# 
_entity_poly.entity_id                      1 
_entity_poly.type                           'polypeptide(L)' 
_entity_poly.nstd_linkage                   no 
_entity_poly.nstd_monomer                   no 
_entity_poly.pdbx_seq_one_letter_code       
;MTVAYIAIGSNLASPLEQVNAALKALGDIPESHILTVSSFYRTPPLGPQDQPDYLNAAVALETSLAPEELLNHTQRIELQ
QGRVRKAERWGPRTLDLDIMLFGNEVINTERLTVPHYDMKNRGFMLWPLFEIAPELVFPDGEMLRQILHTRAFDKLNKW
;
_entity_poly.pdbx_seq_one_letter_code_can   
;MTVAYIAIGSNLASPLEQVNAALKALGDIPESHILTVSSFYRTPPLGPQDQPDYLNAAVALETSLAPEELLNHTQRIELQ
QGRVRKAERWGPRTLDLDIMLFGNEVINTERLTVPHYDMKNRGFMLWPLFEIAPELVFPDGEMLRQILHTRAFDKLNKW
;
_entity_poly.pdbx_strand_id                 A 
_entity_poly.pdbx_target_identifier         ? 
# 
loop_
_pdbx_entity_nonpoly.entity_id 
_pdbx_entity_nonpoly.name 
_pdbx_entity_nonpoly.comp_id 
2 
"5'-S-{(2R,4R)-1-[3-(2-amino-4-oxo-4,7-dihydro-3H-pyrrolo[2,3-d]pyrimidin-5-yl)propyl]-2-carboxypiperidin-4-yl}-5'-thioadenosine" 
ZX4 
3 water HOH 
# 
loop_
_entity_poly_seq.entity_id 
_entity_poly_seq.num 
_entity_poly_seq.mon_id 
_entity_poly_seq.hetero 
1 1   MET n 
1 2   THR n 
1 3   VAL n 
1 4   ALA n 
1 5   TYR n 
1 6   ILE n 
1 7   ALA n 
1 8   ILE n 
1 9   GLY n 
1 10  SER n 
1 11  ASN n 
1 12  LEU n 
1 13  ALA n 
1 14  SER n 
1 15  PRO n 
1 16  LEU n 
1 17  GLU n 
1 18  GLN n 
1 19  VAL n 
1 20  ASN n 
1 21  ALA n 
1 22  ALA n 
1 23  LEU n 
1 24  LYS n 
1 25  ALA n 
1 26  LEU n 
1 27  GLY n 
1 28  ASP n 
1 29  ILE n 
1 30  PRO n 
1 31  GLU n 
1 32  SER n 
1 33  HIS n 
1 34  ILE n 
1 35  LEU n 
1 36  THR n 
1 37  VAL n 
1 38  SER n 
1 39  SER n 
1 40  PHE n 
1 41  TYR n 
1 42  ARG n 
1 43  THR n 
1 44  PRO n 
1 45  PRO n 
1 46  LEU n 
1 47  GLY n 
1 48  PRO n 
1 49  GLN n 
1 50  ASP n 
1 51  GLN n 
1 52  PRO n 
1 53  ASP n 
1 54  TYR n 
1 55  LEU n 
1 56  ASN n 
1 57  ALA n 
1 58  ALA n 
1 59  VAL n 
1 60  ALA n 
1 61  LEU n 
1 62  GLU n 
1 63  THR n 
1 64  SER n 
1 65  LEU n 
1 66  ALA n 
1 67  PRO n 
1 68  GLU n 
1 69  GLU n 
1 70  LEU n 
1 71  LEU n 
1 72  ASN n 
1 73  HIS n 
1 74  THR n 
1 75  GLN n 
1 76  ARG n 
1 77  ILE n 
1 78  GLU n 
1 79  LEU n 
1 80  GLN n 
1 81  GLN n 
1 82  GLY n 
1 83  ARG n 
1 84  VAL n 
1 85  ARG n 
1 86  LYS n 
1 87  ALA n 
1 88  GLU n 
1 89  ARG n 
1 90  TRP n 
1 91  GLY n 
1 92  PRO n 
1 93  ARG n 
1 94  THR n 
1 95  LEU n 
1 96  ASP n 
1 97  LEU n 
1 98  ASP n 
1 99  ILE n 
1 100 MET n 
1 101 LEU n 
1 102 PHE n 
1 103 GLY n 
1 104 ASN n 
1 105 GLU n 
1 106 VAL n 
1 107 ILE n 
1 108 ASN n 
1 109 THR n 
1 110 GLU n 
1 111 ARG n 
1 112 LEU n 
1 113 THR n 
1 114 VAL n 
1 115 PRO n 
1 116 HIS n 
1 117 TYR n 
1 118 ASP n 
1 119 MET n 
1 120 LYS n 
1 121 ASN n 
1 122 ARG n 
1 123 GLY n 
1 124 PHE n 
1 125 MET n 
1 126 LEU n 
1 127 TRP n 
1 128 PRO n 
1 129 LEU n 
1 130 PHE n 
1 131 GLU n 
1 132 ILE n 
1 133 ALA n 
1 134 PRO n 
1 135 GLU n 
1 136 LEU n 
1 137 VAL n 
1 138 PHE n 
1 139 PRO n 
1 140 ASP n 
1 141 GLY n 
1 142 GLU n 
1 143 MET n 
1 144 LEU n 
1 145 ARG n 
1 146 GLN n 
1 147 ILE n 
1 148 LEU n 
1 149 HIS n 
1 150 THR n 
1 151 ARG n 
1 152 ALA n 
1 153 PHE n 
1 154 ASP n 
1 155 LYS n 
1 156 LEU n 
1 157 ASN n 
1 158 LYS n 
1 159 TRP n 
# 
_entity_src_gen.entity_id                          1 
_entity_src_gen.pdbx_src_id                        1 
_entity_src_gen.pdbx_alt_source_flag               sample 
_entity_src_gen.pdbx_seq_type                      'Biological sequence' 
_entity_src_gen.pdbx_beg_seq_num                   1 
_entity_src_gen.pdbx_end_seq_num                   159 
_entity_src_gen.gene_src_common_name               ? 
_entity_src_gen.gene_src_genus                     ? 
_entity_src_gen.pdbx_gene_src_gene                 'folK, b0142, JW0138' 
_entity_src_gen.gene_src_species                   ? 
_entity_src_gen.gene_src_strain                    ? 
_entity_src_gen.gene_src_tissue                    ? 
_entity_src_gen.gene_src_tissue_fraction           ? 
_entity_src_gen.gene_src_details                   ? 
_entity_src_gen.pdbx_gene_src_fragment             ? 
_entity_src_gen.pdbx_gene_src_scientific_name      'Escherichia coli' 
_entity_src_gen.pdbx_gene_src_ncbi_taxonomy_id     562 
_entity_src_gen.pdbx_gene_src_variant              ? 
_entity_src_gen.pdbx_gene_src_cell_line            ? 
_entity_src_gen.pdbx_gene_src_atcc                 ? 
_entity_src_gen.pdbx_gene_src_organ                ? 
_entity_src_gen.pdbx_gene_src_organelle            ? 
_entity_src_gen.pdbx_gene_src_cell                 ? 
_entity_src_gen.pdbx_gene_src_cellular_location    ? 
_entity_src_gen.host_org_common_name               ? 
_entity_src_gen.pdbx_host_org_scientific_name      'Escherichia coli' 
_entity_src_gen.pdbx_host_org_ncbi_taxonomy_id     562 
_entity_src_gen.host_org_genus                     ? 
_entity_src_gen.pdbx_host_org_gene                 ? 
_entity_src_gen.pdbx_host_org_organ                ? 
_entity_src_gen.host_org_species                   ? 
_entity_src_gen.pdbx_host_org_tissue               ? 
_entity_src_gen.pdbx_host_org_tissue_fraction      ? 
_entity_src_gen.pdbx_host_org_strain               ? 
_entity_src_gen.pdbx_host_org_variant              ? 
_entity_src_gen.pdbx_host_org_cell_line            ? 
_entity_src_gen.pdbx_host_org_atcc                 ? 
_entity_src_gen.pdbx_host_org_culture_collection   ? 
_entity_src_gen.pdbx_host_org_cell                 ? 
_entity_src_gen.pdbx_host_org_organelle            ? 
_entity_src_gen.pdbx_host_org_cellular_location    ? 
_entity_src_gen.pdbx_host_org_vector_type          ? 
_entity_src_gen.pdbx_host_org_vector               ? 
_entity_src_gen.host_org_details                   ? 
_entity_src_gen.expression_system_id               ? 
_entity_src_gen.plasmid_name                       ? 
_entity_src_gen.plasmid_details                    ? 
_entity_src_gen.pdbx_description                   ? 
# 
loop_
_chem_comp.id 
_chem_comp.type 
_chem_comp.mon_nstd_flag 
_chem_comp.name 
_chem_comp.pdbx_synonyms 
_chem_comp.formula 
_chem_comp.formula_weight 
ALA 'L-peptide linking' y ALANINE ? 'C3 H7 N O2'       89.093  
ARG 'L-peptide linking' y ARGININE ? 'C6 H15 N4 O2 1'   175.209 
ASN 'L-peptide linking' y ASPARAGINE ? 'C4 H8 N2 O3'      132.118 
ASP 'L-peptide linking' y 'ASPARTIC ACID' ? 'C4 H7 N O4'       133.103 
GLN 'L-peptide linking' y GLUTAMINE ? 'C5 H10 N2 O3'     146.144 
GLU 'L-peptide linking' y 'GLUTAMIC ACID' ? 'C5 H9 N O4'       147.129 
GLY 'peptide linking'   y GLYCINE ? 'C2 H5 N O2'       75.067  
HIS 'L-peptide linking' y HISTIDINE ? 'C6 H10 N3 O2 1'   156.162 
HOH non-polymer         . WATER ? 'H2 O'             18.015  
ILE 'L-peptide linking' y ISOLEUCINE ? 'C6 H13 N O2'      131.173 
LEU 'L-peptide linking' y LEUCINE ? 'C6 H13 N O2'      131.173 
LYS 'L-peptide linking' y LYSINE ? 'C6 H15 N2 O2 1'   147.195 
MET 'L-peptide linking' y METHIONINE ? 'C5 H11 N O2 S'    149.211 
PHE 'L-peptide linking' y PHENYLALANINE ? 'C9 H11 N O2'      165.189 
PRO 'L-peptide linking' y PROLINE ? 'C5 H9 N O2'       115.130 
SER 'L-peptide linking' y SERINE ? 'C3 H7 N O3'       105.093 
THR 'L-peptide linking' y THREONINE ? 'C4 H9 N O3'       119.119 
TRP 'L-peptide linking' y TRYPTOPHAN ? 'C11 H12 N2 O2'    204.225 
TYR 'L-peptide linking' y TYROSINE ? 'C9 H11 N O3'      181.189 
VAL 'L-peptide linking' y VALINE ? 'C5 H11 N O2'      117.146 
ZX4 non-polymer         . 
"5'-S-{(2R,4R)-1-[3-(2-amino-4-oxo-4,7-dihydro-3H-pyrrolo[2,3-d]pyrimidin-5-yl)propyl]-2-carboxypiperidin-4-yl}-5'-thioadenosine" 
? 'C25 H32 N10 O6 S' 600.650 
# 
loop_
_pdbx_poly_seq_scheme.asym_id 
_pdbx_poly_seq_scheme.entity_id 
_pdbx_poly_seq_scheme.seq_id 
_pdbx_poly_seq_scheme.mon_id 
_pdbx_poly_seq_scheme.ndb_seq_num 
_pdbx_poly_seq_scheme.pdb_seq_num 
_pdbx_poly_seq_scheme.auth_seq_num 
_pdbx_poly_seq_scheme.pdb_mon_id 
_pdbx_poly_seq_scheme.auth_mon_id 
_pdbx_poly_seq_scheme.pdb_strand_id 
_pdbx_poly_seq_scheme.pdb_ins_code 
_pdbx_poly_seq_scheme.hetero 
A 1 1   MET 1   0   ?   ?   ?   A . n 
A 1 2   THR 2   1   1   THR THR A . n 
A 1 3   VAL 3   2   2   VAL VAL A . n 
A 1 4   ALA 4   3   3   ALA ALA A . n 
A 1 5   TYR 5   4   4   TYR TYR A . n 
A 1 6   ILE 6   5   5   ILE ILE A . n 
A 1 7   ALA 7   6   6   ALA ALA A . n 
A 1 8   ILE 8   7   7   ILE ILE A . n 
A 1 9   GLY 9   8   8   GLY GLY A . n 
A 1 10  SER 10  9   9   SER SER A . n 
A 1 11  ASN 11  10  10  ASN ASN A . n 
A 1 12  LEU 12  11  11  LEU LEU A . n 
A 1 13  ALA 13  12  12  ALA ALA A . n 
A 1 14  SER 14  13  13  SER SER A . n 
A 1 15  PRO 15  14  14  PRO PRO A . n 
A 1 16  LEU 16  15  15  LEU LEU A . n 
A 1 17  GLU 17  16  16  GLU GLU A . n 
A 1 18  GLN 18  17  17  GLN GLN A . n 
A 1 19  VAL 19  18  18  VAL VAL A . n 
A 1 20  ASN 20  19  19  ASN ASN A . n 
A 1 21  ALA 21  20  20  ALA ALA A . n 
A 1 22  ALA 22  21  21  ALA ALA A . n 
A 1 23  LEU 23  22  22  LEU LEU A . n 
A 1 24  LYS 24  23  23  LYS LYS A . n 
A 1 25  ALA 25  24  24  ALA ALA A . n 
A 1 26  LEU 26  25  25  LEU LEU A . n 
A 1 27  GLY 27  26  26  GLY GLY A . n 
A 1 28  ASP 28  27  27  ASP ASP A . n 
A 1 29  ILE 29  28  28  ILE ILE A . n 
A 1 30  PRO 30  29  29  PRO PRO A . n 
A 1 31  GLU 31  30  30  GLU GLU A . n 
A 1 32  SER 32  31  31  SER SER A . n 
A 1 33  HIS 33  32  32  HIS HIS A . n 
A 1 34  ILE 34  33  33  ILE ILE A . n 
A 1 35  LEU 35  34  34  LEU LEU A . n 
A 1 36  THR 36  35  35  THR THR A . n 
A 1 37  VAL 37  36  36  VAL VAL A . n 
A 1 38  SER 38  37  37  SER SER A . n 
A 1 39  SER 39  38  38  SER SER A . n 
A 1 40  PHE 40  39  39  PHE PHE A . n 
A 1 41  TYR 41  40  40  TYR TYR A . n 
A 1 42  ARG 42  41  41  ARG ARG A . n 
A 1 43  THR 43  42  42  THR THR A . n 
A 1 44  PRO 44  43  43  PRO PRO A . n 
A 1 45  PRO 45  44  44  PRO PRO A . n 
A 1 46  LEU 46  45  45  LEU LEU A . n 
A 1 47  GLY 47  46  46  GLY GLY A . n 
A 1 48  PRO 48  47  47  PRO PRO A . n 
A 1 49  GLN 49  48  48  GLN GLN A . n 
A 1 50  ASP 50  49  49  ASP ASP A . n 
A 1 51  GLN 51  50  50  GLN GLN A . n 
A 1 52  PRO 52  51  51  PRO PRO A . n 
A 1 53  ASP 53  52  52  ASP ASP A . n 
A 1 54  TYR 54  53  53  TYR TYR A . n 
A 1 55  LEU 55  54  54  LEU LEU A . n 
A 1 56  ASN 56  55  55  ASN ASN A . n 
A 1 57  ALA 57  56  56  ALA ALA A . n 
A 1 58  ALA 58  57  57  ALA ALA A . n 
A 1 59  VAL 59  58  58  VAL VAL A . n 
A 1 60  ALA 60  59  59  ALA ALA A . n 
A 1 61  LEU 61  60  60  LEU LEU A . n 
A 1 62  GLU 62  61  61  GLU GLU A . n 
A 1 63  THR 63  62  62  THR THR A . n 
A 1 64  SER 64  63  63  SER SER A . n 
A 1 65  LEU 65  64  64  LEU LEU A . n 
A 1 66  ALA 66  65  65  ALA ALA A . n 
A 1 67  PRO 67  66  66  PRO PRO A . n 
A 1 68  GLU 68  67  67  GLU GLU A . n 
A 1 69  GLU 69  68  68  GLU GLU A . n 
A 1 70  LEU 70  69  69  LEU LEU A . n 
A 1 71  LEU 71  70  70  LEU LEU A . n 
A 1 72  ASN 72  71  71  ASN ASN A . n 
A 1 73  HIS 73  72  72  HIS HIS A . n 
A 1 74  THR 74  73  73  THR THR A . n 
A 1 75  GLN 75  74  74  GLN GLN A . n 
A 1 76  ARG 76  75  75  ARG ARG A . n 
A 1 77  ILE 77  76  76  ILE ILE A . n 
A 1 78  GLU 78  77  77  GLU GLU A . n 
A 1 79  LEU 79  78  78  LEU LEU A . n 
A 1 80  GLN 80  79  79  GLN GLN A . n 
A 1 81  GLN 81  80  80  GLN GLN A . n 
A 1 82  GLY 82  81  81  GLY GLY A . n 
A 1 83  ARG 83  82  82  ARG ARG A . n 
A 1 84  VAL 84  83  83  VAL VAL A . n 
A 1 85  ARG 85  84  84  ARG ARG A . n 
A 1 86  LYS 86  85  85  LYS LYS A . n 
A 1 87  ALA 87  86  86  ALA ALA A . n 
A 1 88  GLU 88  87  87  GLU GLU A . n 
A 1 89  ARG 89  88  88  ARG ARG A . n 
A 1 90  TRP 90  89  89  TRP TRP A . n 
A 1 91  GLY 91  90  90  GLY GLY A . n 
A 1 92  PRO 92  91  91  PRO PRO A . n 
A 1 93  ARG 93  92  92  ARG ARG A . n 
A 1 94  THR 94  93  93  THR THR A . n 
A 1 95  LEU 95  94  94  LEU LEU A . n 
A 1 96  ASP 96  95  95  ASP ASP A . n 
A 1 97  LEU 97  96  96  LEU LEU A . n 
A 1 98  ASP 98  97  97  ASP ASP A . n 
A 1 99  ILE 99  98  98  ILE ILE A . n 
A 1 100 MET 100 99  99  MET MET A . n 
A 1 101 LEU 101 100 100 LEU LEU A . n 
A 1 102 PHE 102 101 101 PHE PHE A . n 
A 1 103 GLY 103 102 102 GLY GLY A . n 
A 1 104 ASN 104 103 103 ASN ASN A . n 
A 1 105 GLU 105 104 104 GLU GLU A . n 
A 1 106 VAL 106 105 105 VAL VAL A . n 
A 1 107 ILE 107 106 106 ILE ILE A . n 
A 1 108 ASN 108 107 107 ASN ASN A . n 
A 1 109 THR 109 108 108 THR THR A . n 
A 1 110 GLU 110 109 109 GLU GLU A . n 
A 1 111 ARG 111 110 110 ARG ARG A . n 
A 1 112 LEU 112 111 111 LEU LEU A . n 
A 1 113 THR 113 112 112 THR THR A . n 
A 1 114 VAL 114 113 113 VAL VAL A . n 
A 1 115 PRO 115 114 114 PRO PRO A . n 
A 1 116 HIS 116 115 115 HIS HIS A . n 
A 1 117 TYR 117 116 116 TYR TYR A . n 
A 1 118 ASP 118 117 117 ASP ASP A . n 
A 1 119 MET 119 118 118 MET MET A . n 
A 1 120 LYS 120 119 119 LYS LYS A . n 
A 1 121 ASN 121 120 120 ASN ASN A . n 
A 1 122 ARG 122 121 121 ARG ARG A . n 
A 1 123 GLY 123 122 122 GLY GLY A . n 
A 1 124 PHE 124 123 123 PHE PHE A . n 
A 1 125 MET 125 124 124 MET MET A . n 
A 1 126 LEU 126 125 125 LEU LEU A . n 
A 1 127 TRP 127 126 126 TRP TRP A . n 
A 1 128 PRO 128 127 127 PRO PRO A . n 
A 1 129 LEU 129 128 128 LEU LEU A . n 
A 1 130 PHE 130 129 129 PHE PHE A . n 
A 1 131 GLU 131 130 130 GLU GLU A . n 
A 1 132 ILE 132 131 131 ILE ILE A . n 
A 1 133 ALA 133 132 132 ALA ALA A . n 
A 1 134 PRO 134 133 133 PRO PRO A . n 
A 1 135 GLU 135 134 134 GLU GLU A . n 
A 1 136 LEU 136 135 135 LEU LEU A . n 
A 1 137 VAL 137 136 136 VAL VAL A . n 
A 1 138 PHE 138 137 137 PHE PHE A . n 
A 1 139 PRO 139 138 138 PRO PRO A . n 
A 1 140 ASP 140 139 139 ASP ASP A . n 
A 1 141 GLY 141 140 140 GLY GLY A . n 
A 1 142 GLU 142 141 141 GLU GLU A . n 
A 1 143 MET 143 142 142 MET MET A . n 
A 1 144 LEU 144 143 143 LEU LEU A . n 
A 1 145 ARG 145 144 144 ARG ARG A . n 
A 1 146 GLN 146 145 145 GLN GLN A . n 
A 1 147 ILE 147 146 146 ILE ILE A . n 
A 1 148 LEU 148 147 147 LEU LEU A . n 
A 1 149 HIS 149 148 148 HIS HIS A . n 
A 1 150 THR 150 149 149 THR THR A . n 
A 1 151 ARG 151 150 150 ARG ARG A . n 
A 1 152 ALA 152 151 151 ALA ALA A . n 
A 1 153 PHE 153 152 152 PHE PHE A . n 
A 1 154 ASP 154 153 153 ASP ASP A . n 
A 1 155 LYS 155 154 154 LYS LYS A . n 
A 1 156 LEU 156 155 155 LEU LEU A . n 
A 1 157 ASN 157 156 156 ASN ASN A . n 
A 1 158 LYS 158 157 157 LYS LYS A . n 
A 1 159 TRP 159 158 158 TRP TRP A . n 
# 
loop_
_pdbx_nonpoly_scheme.asym_id 
_pdbx_nonpoly_scheme.entity_id 
_pdbx_nonpoly_scheme.mon_id 
_pdbx_nonpoly_scheme.ndb_seq_num 
_pdbx_nonpoly_scheme.pdb_seq_num 
_pdbx_nonpoly_scheme.auth_seq_num 
_pdbx_nonpoly_scheme.pdb_mon_id 
_pdbx_nonpoly_scheme.auth_mon_id 
_pdbx_nonpoly_scheme.pdb_strand_id 
_pdbx_nonpoly_scheme.pdb_ins_code 
B 2 ZX4 1   201 161 ZX4 J1Y A . 
C 3 HOH 1   301 111 HOH HOH A . 
C 3 HOH 2   302 175 HOH HOH A . 
C 3 HOH 3   303 174 HOH HOH A . 
C 3 HOH 4   304 184 HOH HOH A . 
C 3 HOH 5   305 77  HOH HOH A . 
C 3 HOH 6   306 144 HOH HOH A . 
C 3 HOH 7   307 168 HOH HOH A . 
C 3 HOH 8   308 98  HOH HOH A . 
C 3 HOH 9   309 66  HOH HOH A . 
C 3 HOH 10  310 187 HOH HOH A . 
C 3 HOH 11  311 162 HOH HOH A . 
C 3 HOH 12  312 108 HOH HOH A . 
C 3 HOH 13  313 120 HOH HOH A . 
C 3 HOH 14  314 107 HOH HOH A . 
C 3 HOH 15  315 85  HOH HOH A . 
C 3 HOH 16  316 104 HOH HOH A . 
C 3 HOH 17  317 84  HOH HOH A . 
C 3 HOH 18  318 139 HOH HOH A . 
C 3 HOH 19  319 80  HOH HOH A . 
C 3 HOH 20  320 180 HOH HOH A . 
C 3 HOH 21  321 186 HOH HOH A . 
C 3 HOH 22  322 42  HOH HOH A . 
C 3 HOH 23  323 153 HOH HOH A . 
C 3 HOH 24  324 127 HOH HOH A . 
C 3 HOH 25  325 117 HOH HOH A . 
C 3 HOH 26  326 13  HOH HOH A . 
C 3 HOH 27  327 81  HOH HOH A . 
C 3 HOH 28  328 130 HOH HOH A . 
C 3 HOH 29  329 119 HOH HOH A . 
C 3 HOH 30  330 121 HOH HOH A . 
C 3 HOH 31  331 95  HOH HOH A . 
C 3 HOH 32  332 28  HOH HOH A . 
C 3 HOH 33  333 53  HOH HOH A . 
C 3 HOH 34  334 55  HOH HOH A . 
C 3 HOH 35  335 161 HOH HOH A . 
C 3 HOH 36  336 3   HOH HOH A . 
C 3 HOH 37  337 72  HOH HOH A . 
C 3 HOH 38  338 86  HOH HOH A . 
C 3 HOH 39  339 9   HOH HOH A . 
C 3 HOH 40  340 110 HOH HOH A . 
C 3 HOH 41  341 93  HOH HOH A . 
C 3 HOH 42  342 33  HOH HOH A . 
C 3 HOH 43  343 58  HOH HOH A . 
C 3 HOH 44  344 17  HOH HOH A . 
C 3 HOH 45  345 49  HOH HOH A . 
C 3 HOH 46  346 5   HOH HOH A . 
C 3 HOH 47  347 92  HOH HOH A . 
C 3 HOH 48  348 163 HOH HOH A . 
C 3 HOH 49  349 100 HOH HOH A . 
C 3 HOH 50  350 145 HOH HOH A . 
C 3 HOH 51  351 99  HOH HOH A . 
C 3 HOH 52  352 82  HOH HOH A . 
C 3 HOH 53  353 71  HOH HOH A . 
C 3 HOH 54  354 38  HOH HOH A . 
C 3 HOH 55  355 22  HOH HOH A . 
C 3 HOH 56  356 97  HOH HOH A . 
C 3 HOH 57  357 62  HOH HOH A . 
C 3 HOH 58  358 113 HOH HOH A . 
C 3 HOH 59  359 18  HOH HOH A . 
C 3 HOH 60  360 16  HOH HOH A . 
C 3 HOH 61  361 188 HOH HOH A . 
C 3 HOH 62  362 25  HOH HOH A . 
C 3 HOH 63  363 39  HOH HOH A . 
C 3 HOH 64  364 50  HOH HOH A . 
C 3 HOH 65  365 152 HOH HOH A . 
C 3 HOH 66  366 11  HOH HOH A . 
C 3 HOH 67  367 29  HOH HOH A . 
C 3 HOH 68  368 158 HOH HOH A . 
C 3 HOH 69  369 91  HOH HOH A . 
C 3 HOH 70  370 169 HOH HOH A . 
C 3 HOH 71  371 96  HOH HOH A . 
C 3 HOH 72  372 60  HOH HOH A . 
C 3 HOH 73  373 14  HOH HOH A . 
C 3 HOH 74  374 6   HOH HOH A . 
C 3 HOH 75  375 159 HOH HOH A . 
C 3 HOH 76  376 88  HOH HOH A . 
C 3 HOH 77  377 27  HOH HOH A . 
C 3 HOH 78  378 122 HOH HOH A . 
C 3 HOH 79  379 20  HOH HOH A . 
C 3 HOH 80  380 63  HOH HOH A . 
C 3 HOH 81  381 40  HOH HOH A . 
C 3 HOH 82  382 26  HOH HOH A . 
C 3 HOH 83  383 90  HOH HOH A . 
C 3 HOH 84  384 69  HOH HOH A . 
C 3 HOH 85  385 143 HOH HOH A . 
C 3 HOH 86  386 31  HOH HOH A . 
C 3 HOH 87  387 32  HOH HOH A . 
C 3 HOH 88  388 123 HOH HOH A . 
C 3 HOH 89  389 61  HOH HOH A . 
C 3 HOH 90  390 183 HOH HOH A . 
C 3 HOH 91  391 57  HOH HOH A . 
C 3 HOH 92  392 24  HOH HOH A . 
C 3 HOH 93  393 78  HOH HOH A . 
C 3 HOH 94  394 148 HOH HOH A . 
C 3 HOH 95  395 30  HOH HOH A . 
C 3 HOH 96  396 74  HOH HOH A . 
C 3 HOH 97  397 65  HOH HOH A . 
C 3 HOH 98  398 41  HOH HOH A . 
C 3 HOH 99  399 178 HOH HOH A . 
C 3 HOH 100 400 124 HOH HOH A . 
C 3 HOH 101 401 2   HOH HOH A . 
C 3 HOH 102 402 128 HOH HOH A . 
C 3 HOH 103 403 59  HOH HOH A . 
C 3 HOH 104 404 56  HOH HOH A . 
C 3 HOH 105 405 179 HOH HOH A . 
C 3 HOH 106 406 19  HOH HOH A . 
C 3 HOH 107 407 68  HOH HOH A . 
C 3 HOH 108 408 23  HOH HOH A . 
C 3 HOH 109 409 160 HOH HOH A . 
C 3 HOH 110 410 1   HOH HOH A . 
C 3 HOH 111 411 7   HOH HOH A . 
C 3 HOH 112 412 21  HOH HOH A . 
C 3 HOH 113 413 36  HOH HOH A . 
C 3 HOH 114 414 35  HOH HOH A . 
C 3 HOH 115 415 10  HOH HOH A . 
C 3 HOH 116 416 112 HOH HOH A . 
C 3 HOH 117 417 103 HOH HOH A . 
C 3 HOH 118 418 79  HOH HOH A . 
C 3 HOH 119 419 141 HOH HOH A . 
C 3 HOH 120 420 34  HOH HOH A . 
C 3 HOH 121 421 47  HOH HOH A . 
C 3 HOH 122 422 89  HOH HOH A . 
C 3 HOH 123 423 106 HOH HOH A . 
C 3 HOH 124 424 15  HOH HOH A . 
C 3 HOH 125 425 94  HOH HOH A . 
C 3 HOH 126 426 44  HOH HOH A . 
C 3 HOH 127 427 131 HOH HOH A . 
C 3 HOH 128 428 64  HOH HOH A . 
C 3 HOH 129 429 140 HOH HOH A . 
C 3 HOH 130 430 136 HOH HOH A . 
C 3 HOH 131 431 37  HOH HOH A . 
C 3 HOH 132 432 12  HOH HOH A . 
C 3 HOH 133 433 54  HOH HOH A . 
C 3 HOH 134 434 109 HOH HOH A . 
C 3 HOH 135 435 73  HOH HOH A . 
C 3 HOH 136 436 176 HOH HOH A . 
C 3 HOH 137 437 167 HOH HOH A . 
C 3 HOH 138 438 70  HOH HOH A . 
C 3 HOH 139 439 52  HOH HOH A . 
C 3 HOH 140 440 43  HOH HOH A . 
C 3 HOH 141 441 156 HOH HOH A . 
C 3 HOH 142 442 46  HOH HOH A . 
C 3 HOH 143 443 138 HOH HOH A . 
C 3 HOH 144 444 4   HOH HOH A . 
C 3 HOH 145 445 101 HOH HOH A . 
C 3 HOH 146 446 154 HOH HOH A . 
C 3 HOH 147 447 45  HOH HOH A . 
C 3 HOH 148 448 48  HOH HOH A . 
C 3 HOH 149 449 150 HOH HOH A . 
C 3 HOH 150 450 171 HOH HOH A . 
C 3 HOH 151 451 147 HOH HOH A . 
C 3 HOH 152 452 137 HOH HOH A . 
C 3 HOH 153 453 102 HOH HOH A . 
C 3 HOH 154 454 8   HOH HOH A . 
C 3 HOH 155 455 87  HOH HOH A . 
C 3 HOH 156 456 133 HOH HOH A . 
C 3 HOH 157 457 67  HOH HOH A . 
C 3 HOH 158 458 177 HOH HOH A . 
C 3 HOH 159 459 166 HOH HOH A . 
C 3 HOH 160 460 134 HOH HOH A . 
C 3 HOH 161 461 116 HOH HOH A . 
C 3 HOH 162 462 170 HOH HOH A . 
C 3 HOH 163 463 126 HOH HOH A . 
C 3 HOH 164 464 51  HOH HOH A . 
C 3 HOH 165 465 164 HOH HOH A . 
C 3 HOH 166 466 151 HOH HOH A . 
C 3 HOH 167 467 142 HOH HOH A . 
C 3 HOH 168 468 172 HOH HOH A . 
C 3 HOH 169 469 115 HOH HOH A . 
C 3 HOH 170 470 83  HOH HOH A . 
C 3 HOH 171 471 75  HOH HOH A . 
C 3 HOH 172 472 173 HOH HOH A . 
C 3 HOH 173 473 185 HOH HOH A . 
C 3 HOH 174 474 182 HOH HOH A . 
C 3 HOH 175 475 135 HOH HOH A . 
C 3 HOH 176 476 118 HOH HOH A . 
C 3 HOH 177 477 155 HOH HOH A . 
C 3 HOH 178 478 181 HOH HOH A . 
C 3 HOH 179 479 114 HOH HOH A . 
C 3 HOH 180 480 149 HOH HOH A . 
C 3 HOH 181 481 76  HOH HOH A . 
C 3 HOH 182 482 146 HOH HOH A . 
C 3 HOH 183 483 105 HOH HOH A . 
C 3 HOH 184 484 125 HOH HOH A . 
C 3 HOH 185 485 165 HOH HOH A . 
C 3 HOH 186 486 157 HOH HOH A . 
# 
loop_
_software.citation_id 
_software.classification 
_software.compiler_name 
_software.compiler_version 
_software.contact_author 
_software.contact_author_email 
_software.date 
_software.description 
_software.dependencies 
_software.hardware 
_software.language 
_software.location 
_software.mods 
_software.name 
_software.os 
_software.os_version 
_software.type 
_software.version 
_software.pdbx_ordinal 
? refinement       ? ? ? ? ? ? ? ? ? ? ? PHENIX    ? ? ? '(1.20.1_4487: ???)' 1 
? 'data scaling'   ? ? ? ? ? ? ? ? ? ? ? SCALEPACK ? ? ? .                    2 
? 'data reduction' ? ? ? ? ? ? ? ? ? ? ? DENZO     ? ? ? .                    3 
? phasing          ? ? ? ? ? ? ? ? ? ? ? PHENIX    ? ? ? .                    4 
# 
_cell.angle_alpha                  90.00 
_cell.angle_alpha_esd              ? 
_cell.angle_beta                   102.58 
_cell.angle_beta_esd               ? 
_cell.angle_gamma                  90.00 
_cell.angle_gamma_esd              ? 
_cell.entry_id                     8SIF 
_cell.details                      ? 
_cell.formula_units_Z              ? 
_cell.length_a                     80.625 
_cell.length_a_esd                 ? 
_cell.length_b                     52.576 
_cell.length_b_esd                 ? 
_cell.length_c                     36.512 
_cell.length_c_esd                 ? 
_cell.volume                       ? 
_cell.volume_esd                   ? 
_cell.Z_PDB                        4 
_cell.reciprocal_angle_alpha       ? 
_cell.reciprocal_angle_beta        ? 
_cell.reciprocal_angle_gamma       ? 
_cell.reciprocal_angle_alpha_esd   ? 
_cell.reciprocal_angle_beta_esd    ? 
_cell.reciprocal_angle_gamma_esd   ? 
_cell.reciprocal_length_a          ? 
_cell.reciprocal_length_b          ? 
_cell.reciprocal_length_c          ? 
_cell.reciprocal_length_a_esd      ? 
_cell.reciprocal_length_b_esd      ? 
_cell.reciprocal_length_c_esd      ? 
_cell.pdbx_unique_axis             ? 
_cell.pdbx_esd_method              ? 
# 
_symmetry.entry_id                         8SIF 
_symmetry.cell_setting                     ? 
_symmetry.Int_Tables_number                5 
_symmetry.space_group_name_Hall            ? 
_symmetry.space_group_name_H-M             'C 1 2 1' 
_symmetry.pdbx_full_space_group_name_H-M   ? 
# 
_exptl.absorpt_coefficient_mu     ? 
_exptl.absorpt_correction_T_max   ? 
_exptl.absorpt_correction_T_min   ? 
_exptl.absorpt_correction_type    ? 
_exptl.absorpt_process_details    ? 
_exptl.entry_id                   8SIF 
_exptl.crystals_number            1 
_exptl.details                    ? 
_exptl.method                     'X-RAY DIFFRACTION' 
_exptl.method_details             ? 
# 
_exptl_crystal.colour                       ? 
_exptl_crystal.density_diffrn               ? 
_exptl_crystal.density_Matthews             2.09 
_exptl_crystal.density_method               ? 
_exptl_crystal.density_percent_sol          41.05 
_exptl_crystal.description                  ? 
_exptl_crystal.F_000                        ? 
_exptl_crystal.id                           1 
_exptl_crystal.preparation                  ? 
_exptl_crystal.size_max                     ? 
_exptl_crystal.size_mid                     ? 
_exptl_crystal.size_min                     ? 
_exptl_crystal.size_rad                     ? 
_exptl_crystal.colour_lustre                ? 
_exptl_crystal.colour_modifier              ? 
_exptl_crystal.colour_primary               ? 
_exptl_crystal.density_meas                 ? 
_exptl_crystal.density_meas_esd             ? 
_exptl_crystal.density_meas_gt              ? 
_exptl_crystal.density_meas_lt              ? 
_exptl_crystal.density_meas_temp            ? 
_exptl_crystal.density_meas_temp_esd        ? 
_exptl_crystal.density_meas_temp_gt         ? 
_exptl_crystal.density_meas_temp_lt         ? 
_exptl_crystal.pdbx_crystal_image_url       ? 
_exptl_crystal.pdbx_crystal_image_format    ? 
_exptl_crystal.pdbx_mosaicity               ? 
_exptl_crystal.pdbx_mosaicity_esd           ? 
_exptl_crystal.pdbx_mosaic_method           ? 
_exptl_crystal.pdbx_mosaic_block_size       ? 
_exptl_crystal.pdbx_mosaic_block_size_esd   ? 
# 
_exptl_crystal_grow.apparatus       ? 
_exptl_crystal_grow.atmosphere      ? 
_exptl_crystal_grow.crystal_id      1 
_exptl_crystal_grow.details         ? 
_exptl_crystal_grow.method          'VAPOR DIFFUSION, SITTING DROP' 
_exptl_crystal_grow.method_ref      ? 
_exptl_crystal_grow.pH              7.5 
_exptl_crystal_grow.pressure        ? 
_exptl_crystal_grow.pressure_esd    ? 
_exptl_crystal_grow.seeding         ? 
_exptl_crystal_grow.seeding_ref     ? 
_exptl_crystal_grow.temp_details    ? 
_exptl_crystal_grow.temp_esd        ? 
_exptl_crystal_grow.time            ? 
_exptl_crystal_grow.pdbx_details    'PEG3350, NaCl' 
_exptl_crystal_grow.pdbx_pH_range   ? 
_exptl_crystal_grow.temp            293 
# 
_diffrn.ambient_environment              ? 
_diffrn.ambient_temp                     100 
_diffrn.ambient_temp_details             ? 
_diffrn.ambient_temp_esd                 ? 
_diffrn.crystal_id                       1 
_diffrn.crystal_support                  ? 
_diffrn.crystal_treatment                ? 
_diffrn.details                          ? 
_diffrn.id                               1 
_diffrn.ambient_pressure                 ? 
_diffrn.ambient_pressure_esd             ? 
_diffrn.ambient_pressure_gt              ? 
_diffrn.ambient_pressure_lt              ? 
_diffrn.ambient_temp_gt                  ? 
_diffrn.ambient_temp_lt                  ? 
_diffrn.pdbx_serial_crystal_experiment   N 
# 
_diffrn_detector.details                      ? 
_diffrn_detector.detector                     PIXEL 
_diffrn_detector.diffrn_id                    1 
_diffrn_detector.type                         'DECTRIS EIGER X 16M' 
_diffrn_detector.area_resol_mean              ? 
_diffrn_detector.dtime                        ? 
_diffrn_detector.pdbx_frames_total            ? 
_diffrn_detector.pdbx_collection_time_total   ? 
_diffrn_detector.pdbx_collection_date         2023-02-24 
_diffrn_detector.pdbx_frequency               ? 
_diffrn_detector.id                           ? 
_diffrn_detector.number_of_axes               ? 
# 
_diffrn_radiation.collimation                      ? 
_diffrn_radiation.diffrn_id                        1 
_diffrn_radiation.filter_edge                      ? 
_diffrn_radiation.inhomogeneity                    ? 
_diffrn_radiation.monochromator                    'Double crystal' 
_diffrn_radiation.polarisn_norm                    ? 
_diffrn_radiation.polarisn_ratio                   ? 
_diffrn_radiation.probe                            ? 
_diffrn_radiation.type                             ? 
_diffrn_radiation.xray_symbol                      ? 
_diffrn_radiation.wavelength_id                    1 
_diffrn_radiation.pdbx_monochromatic_or_laue_m_l   M 
_diffrn_radiation.pdbx_wavelength_list             ? 
_diffrn_radiation.pdbx_wavelength                  ? 
_diffrn_radiation.pdbx_diffrn_protocol             'SINGLE WAVELENGTH' 
_diffrn_radiation.pdbx_analyzer                    ? 
_diffrn_radiation.pdbx_scattering_type             x-ray 
# 
_diffrn_radiation_wavelength.id           1 
_diffrn_radiation_wavelength.wavelength   1.0 
_diffrn_radiation_wavelength.wt           1.0 
# 
_diffrn_source.current                     ? 
_diffrn_source.details                     ? 
_diffrn_source.diffrn_id                   1 
_diffrn_source.power                       ? 
_diffrn_source.size                        ? 
_diffrn_source.source                      SYNCHROTRON 
_diffrn_source.target                      ? 
_diffrn_source.type                        'APS BEAMLINE 22-ID' 
_diffrn_source.voltage                     ? 
_diffrn_source.take-off_angle              ? 
_diffrn_source.pdbx_wavelength_list        1.0 
_diffrn_source.pdbx_wavelength             ? 
_diffrn_source.pdbx_synchrotron_beamline   22-ID 
_diffrn_source.pdbx_synchrotron_site       APS 
# 
_reflns.B_iso_Wilson_estimate                          ? 
_reflns.entry_id                                       8SIF 
_reflns.data_reduction_details                         ? 
_reflns.data_reduction_method                          ? 
_reflns.d_resolution_high                              1.70 
_reflns.d_resolution_low                               30.00 
_reflns.details                                        ? 
_reflns.limit_h_max                                    ? 
_reflns.limit_h_min                                    ? 
_reflns.limit_k_max                                    ? 
_reflns.limit_k_min                                    ? 
_reflns.limit_l_max                                    ? 
_reflns.limit_l_min                                    ? 
_reflns.number_all                                     ? 
_reflns.number_obs                                     16542 
_reflns.observed_criterion                             ? 
_reflns.observed_criterion_F_max                       ? 
_reflns.observed_criterion_F_min                       ? 
_reflns.observed_criterion_I_max                       ? 
_reflns.observed_criterion_I_min                       ? 
_reflns.observed_criterion_sigma_F                     ? 
_reflns.observed_criterion_sigma_I                     ? 
_reflns.percent_possible_obs                           97.3 
_reflns.R_free_details                                 ? 
_reflns.Rmerge_F_all                                   ? 
_reflns.Rmerge_F_obs                                   ? 
_reflns.Friedel_coverage                               ? 
_reflns.number_gt                                      ? 
_reflns.threshold_expression                           ? 
_reflns.pdbx_redundancy                                5.4 
_reflns.pdbx_netI_over_av_sigmaI                       ? 
_reflns.pdbx_netI_over_sigmaI                          7.8 
_reflns.pdbx_res_netI_over_av_sigmaI_2                 ? 
_reflns.pdbx_res_netI_over_sigmaI_2                    ? 
_reflns.pdbx_chi_squared                               0.900 
_reflns.pdbx_scaling_rejects                           ? 
_reflns.pdbx_d_res_high_opt                            ? 
_reflns.pdbx_d_res_low_opt                             ? 
_reflns.pdbx_d_res_opt_method                          ? 
_reflns.phase_calculation_details                      ? 
_reflns.pdbx_Rrim_I_all                                0.195 
_reflns.pdbx_Rpim_I_all                                0.083 
_reflns.pdbx_d_opt                                     ? 
_reflns.pdbx_number_measured_all                       89419 
_reflns.pdbx_diffrn_id                                 1 
_reflns.pdbx_ordinal                                   1 
_reflns.pdbx_CC_half                                   0.986 
_reflns.pdbx_CC_star                                   0.996 
_reflns.pdbx_R_split                                   ? 
_reflns.pdbx_Rmerge_I_obs                              0.176 
_reflns.pdbx_Rmerge_I_all                              ? 
_reflns.pdbx_Rsym_value                                ? 
_reflns.pdbx_CC_split_method                           ? 
_reflns.pdbx_aniso_diffraction_limit_axis_1_ortho[1]   ? 
_reflns.pdbx_aniso_diffraction_limit_axis_1_ortho[2]   ? 
_reflns.pdbx_aniso_diffraction_limit_axis_1_ortho[3]   ? 
_reflns.pdbx_aniso_diffraction_limit_axis_2_ortho[1]   ? 
_reflns.pdbx_aniso_diffraction_limit_axis_2_ortho[2]   ? 
_reflns.pdbx_aniso_diffraction_limit_axis_2_ortho[3]   ? 
_reflns.pdbx_aniso_diffraction_limit_axis_3_ortho[1]   ? 
_reflns.pdbx_aniso_diffraction_limit_axis_3_ortho[2]   ? 
_reflns.pdbx_aniso_diffraction_limit_axis_3_ortho[3]   ? 
_reflns.pdbx_aniso_diffraction_limit_1                 ? 
_reflns.pdbx_aniso_diffraction_limit_2                 ? 
_reflns.pdbx_aniso_diffraction_limit_3                 ? 
_reflns.pdbx_aniso_B_tensor_eigenvector_1_ortho[1]     ? 
_reflns.pdbx_aniso_B_tensor_eigenvector_1_ortho[2]     ? 
_reflns.pdbx_aniso_B_tensor_eigenvector_1_ortho[3]     ? 
_reflns.pdbx_aniso_B_tensor_eigenvector_2_ortho[1]     ? 
_reflns.pdbx_aniso_B_tensor_eigenvector_2_ortho[2]     ? 
_reflns.pdbx_aniso_B_tensor_eigenvector_2_ortho[3]     ? 
_reflns.pdbx_aniso_B_tensor_eigenvector_3_ortho[1]     ? 
_reflns.pdbx_aniso_B_tensor_eigenvector_3_ortho[2]     ? 
_reflns.pdbx_aniso_B_tensor_eigenvector_3_ortho[3]     ? 
_reflns.pdbx_aniso_B_tensor_eigenvalue_1               ? 
_reflns.pdbx_aniso_B_tensor_eigenvalue_2               ? 
_reflns.pdbx_aniso_B_tensor_eigenvalue_3               ? 
_reflns.pdbx_orthogonalization_convention              ? 
_reflns.pdbx_percent_possible_ellipsoidal              ? 
_reflns.pdbx_percent_possible_spherical                ? 
_reflns.pdbx_percent_possible_ellipsoidal_anomalous    ? 
_reflns.pdbx_percent_possible_spherical_anomalous      ? 
_reflns.pdbx_redundancy_anomalous                      ? 
_reflns.pdbx_CC_half_anomalous                         ? 
_reflns.pdbx_absDiff_over_sigma_anomalous              ? 
_reflns.pdbx_percent_possible_anomalous                ? 
_reflns.pdbx_observed_signal_threshold                 ? 
_reflns.pdbx_signal_type                               ? 
_reflns.pdbx_signal_details                            ? 
_reflns.pdbx_signal_software_id                        ? 
# 
loop_
_reflns_shell.d_res_high 
_reflns_shell.d_res_low 
_reflns_shell.meanI_over_sigI_all 
_reflns_shell.meanI_over_sigI_obs 
_reflns_shell.number_measured_all 
_reflns_shell.number_measured_obs 
_reflns_shell.number_possible 
_reflns_shell.number_unique_all 
_reflns_shell.number_unique_obs 
_reflns_shell.percent_possible_obs 
_reflns_shell.Rmerge_F_all 
_reflns_shell.Rmerge_F_obs 
_reflns_shell.meanI_over_sigI_gt 
_reflns_shell.meanI_over_uI_all 
_reflns_shell.meanI_over_uI_gt 
_reflns_shell.number_measured_gt 
_reflns_shell.number_unique_gt 
_reflns_shell.percent_possible_gt 
_reflns_shell.Rmerge_F_gt 
_reflns_shell.Rmerge_I_gt 
_reflns_shell.pdbx_redundancy 
_reflns_shell.pdbx_chi_squared 
_reflns_shell.pdbx_netI_over_sigmaI_all 
_reflns_shell.pdbx_netI_over_sigmaI_obs 
_reflns_shell.pdbx_Rrim_I_all 
_reflns_shell.pdbx_Rpim_I_all 
_reflns_shell.pdbx_rejects 
_reflns_shell.pdbx_ordinal 
_reflns_shell.pdbx_diffrn_id 
_reflns_shell.pdbx_CC_half 
_reflns_shell.pdbx_CC_star 
_reflns_shell.pdbx_R_split 
_reflns_shell.percent_possible_all 
_reflns_shell.Rmerge_I_all 
_reflns_shell.Rmerge_I_obs 
_reflns_shell.pdbx_Rsym_value 
_reflns_shell.pdbx_percent_possible_ellipsoidal 
_reflns_shell.pdbx_percent_possible_spherical 
_reflns_shell.pdbx_percent_possible_ellipsoidal_anomalous 
_reflns_shell.pdbx_percent_possible_spherical_anomalous 
_reflns_shell.pdbx_redundancy_anomalous 
_reflns_shell.pdbx_CC_half_anomalous 
_reflns_shell.pdbx_absDiff_over_sigma_anomalous 
_reflns_shell.pdbx_percent_possible_anomalous 
1.70 1.76  ? ? ? ? ? ? 1642 ? ? ? ? ? ? ? ? ? ? ? 4.5 0.732 ? ? 1.291 0.568 ? 1  1 0.408 0.762 ? 97.3 ? 1.150 ? ? ? ? ? ? ? ? ? 
1.76 1.83  ? ? ? ? ? ? 1673 ? ? ? ? ? ? ? ? ? ? ? 5.0 0.766 ? ? 1.027 0.442 ? 2  1 0.693 0.905 ? 98.6 ? 0.921 ? ? ? ? ? ? ? ? ? 
1.83 1.91  ? ? ? ? ? ? 1650 ? ? ? ? ? ? ? ? ? ? ? 5.3 0.810 ? ? 0.853 0.362 ? 3  1 0.818 0.949 ? 98.2 ? 0.768 ? ? ? ? ? ? ? ? ? 
1.91 2.02  ? ? ? ? ? ? 1648 ? ? ? ? ? ? ? ? ? ? ? 5.0 0.965 ? ? 0.589 0.257 ? 4  1 0.871 0.965 ? 97.2 ? 0.528 ? ? ? ? ? ? ? ? ? 
2.02 2.14  ? ? ? ? ? ? 1633 ? ? ? ? ? ? ? ? ? ? ? 5.4 0.900 ? ? 0.398 0.167 ? 5  1 0.936 0.983 ? 97.0 ? 0.360 ? ? ? ? ? ? ? ? ? 
2.14 2.31  ? ? ? ? ? ? 1702 ? ? ? ? ? ? ? ? ? ? ? 6.1 1.063 ? ? 0.327 0.132 ? 6  1 0.954 0.988 ? 99.2 ? 0.298 ? ? ? ? ? ? ? ? ? 
2.31 2.54  ? ? ? ? ? ? 1639 ? ? ? ? ? ? ? ? ? ? ? 6.1 0.975 ? ? 0.254 0.103 ? 7  1 0.968 0.992 ? 98.9 ? 0.231 ? ? ? ? ? ? ? ? ? 
2.54 2.91  ? ? ? ? ? ? 1697 ? ? ? ? ? ? ? ? ? ? ? 6.0 0.931 ? ? 0.197 0.082 ? 8  1 0.970 0.992 ? 98.4 ? 0.178 ? ? ? ? ? ? ? ? ? 
2.91 3.66  ? ? ? ? ? ? 1616 ? ? ? ? ? ? ? ? ? ? ? 5.4 0.842 ? ? 0.140 0.060 ? 9  1 0.984 0.996 ? 94.8 ? 0.126 ? ? ? ? ? ? ? ? ? 
3.66 30.00 ? ? ? ? ? ? 1642 ? ? ? ? ? ? ? ? ? ? ? 5.1 0.924 ? ? 0.120 0.052 ? 10 1 0.982 0.995 ? 93.9 ? 0.107 ? ? ? ? ? ? ? ? ? 
# 
_refine.aniso_B[1][1]                            ? 
_refine.aniso_B[1][2]                            ? 
_refine.aniso_B[1][3]                            ? 
_refine.aniso_B[2][2]                            ? 
_refine.aniso_B[2][3]                            ? 
_refine.aniso_B[3][3]                            ? 
_refine.B_iso_max                                ? 
_refine.B_iso_mean                               ? 
_refine.B_iso_min                                ? 
_refine.correlation_coeff_Fo_to_Fc               ? 
_refine.correlation_coeff_Fo_to_Fc_free          ? 
_refine.details                                  ? 
_refine.diff_density_max                         ? 
_refine.diff_density_max_esd                     ? 
_refine.diff_density_min                         ? 
_refine.diff_density_min_esd                     ? 
_refine.diff_density_rms                         ? 
_refine.diff_density_rms_esd                     ? 
_refine.entry_id                                 8SIF 
_refine.pdbx_refine_id                           'X-RAY DIFFRACTION' 
_refine.ls_abs_structure_details                 ? 
_refine.ls_abs_structure_Flack                   ? 
_refine.ls_abs_structure_Flack_esd               ? 
_refine.ls_abs_structure_Rogers                  ? 
_refine.ls_abs_structure_Rogers_esd              ? 
_refine.ls_d_res_high                            1.70 
_refine.ls_d_res_low                             29.42 
_refine.ls_extinction_coef                       ? 
_refine.ls_extinction_coef_esd                   ? 
_refine.ls_extinction_expression                 ? 
_refine.ls_extinction_method                     ? 
_refine.ls_goodness_of_fit_all                   ? 
_refine.ls_goodness_of_fit_all_esd               ? 
_refine.ls_goodness_of_fit_obs                   ? 
_refine.ls_goodness_of_fit_obs_esd               ? 
_refine.ls_hydrogen_treatment                    ? 
_refine.ls_matrix_type                           ? 
_refine.ls_number_constraints                    ? 
_refine.ls_number_parameters                     ? 
_refine.ls_number_reflns_all                     ? 
_refine.ls_number_reflns_obs                     16055 
_refine.ls_number_reflns_R_free                  975 
_refine.ls_number_reflns_R_work                  ? 
_refine.ls_number_restraints                     ? 
_refine.ls_percent_reflns_obs                    97.29 
_refine.ls_percent_reflns_R_free                 6.07 
_refine.ls_R_factor_all                          ? 
_refine.ls_R_factor_obs                          0.1813 
_refine.ls_R_factor_R_free                       0.2354 
_refine.ls_R_factor_R_free_error                 ? 
_refine.ls_R_factor_R_free_error_details         ? 
_refine.ls_R_factor_R_work                       0.1778 
_refine.ls_R_Fsqd_factor_obs                     ? 
_refine.ls_R_I_factor_obs                        ? 
_refine.ls_redundancy_reflns_all                 ? 
_refine.ls_redundancy_reflns_obs                 ? 
_refine.ls_restrained_S_all                      ? 
_refine.ls_restrained_S_obs                      ? 
_refine.ls_shift_over_esd_max                    ? 
_refine.ls_shift_over_esd_mean                   ? 
_refine.ls_structure_factor_coef                 ? 
_refine.ls_weighting_details                     ? 
_refine.ls_weighting_scheme                      ? 
_refine.ls_wR_factor_all                         ? 
_refine.ls_wR_factor_obs                         ? 
_refine.ls_wR_factor_R_free                      ? 
_refine.ls_wR_factor_R_work                      ? 
_refine.occupancy_max                            ? 
_refine.occupancy_min                            ? 
_refine.solvent_model_details                    'FLAT BULK SOLVENT MODEL' 
_refine.solvent_model_param_bsol                 ? 
_refine.solvent_model_param_ksol                 ? 
_refine.pdbx_R_complete                          ? 
_refine.ls_R_factor_gt                           ? 
_refine.ls_goodness_of_fit_gt                    ? 
_refine.ls_goodness_of_fit_ref                   ? 
_refine.ls_shift_over_su_max                     ? 
_refine.ls_shift_over_su_max_lt                  ? 
_refine.ls_shift_over_su_mean                    ? 
_refine.ls_shift_over_su_mean_lt                 ? 
_refine.pdbx_ls_sigma_I                          ? 
_refine.pdbx_ls_sigma_F                          1.36 
_refine.pdbx_ls_sigma_Fsqd                       ? 
_refine.pdbx_data_cutoff_high_absF               ? 
_refine.pdbx_data_cutoff_high_rms_absF           ? 
_refine.pdbx_data_cutoff_low_absF                ? 
_refine.pdbx_isotropic_thermal_model             ? 
_refine.pdbx_ls_cross_valid_method               'FREE R-VALUE' 
_refine.pdbx_method_to_determine_struct          'FOURIER SYNTHESIS' 
_refine.pdbx_starting_model                      ? 
_refine.pdbx_stereochemistry_target_values       ML 
_refine.pdbx_R_Free_selection_details            'Random selection' 
_refine.pdbx_stereochem_target_val_spec_case     ? 
_refine.pdbx_overall_ESU_R                       ? 
_refine.pdbx_overall_ESU_R_Free                  ? 
_refine.pdbx_solvent_vdw_probe_radii             1.11 
_refine.pdbx_solvent_ion_probe_radii             ? 
_refine.pdbx_solvent_shrinkage_radii             0.90 
_refine.pdbx_real_space_R                        ? 
_refine.pdbx_density_correlation                 ? 
_refine.pdbx_pd_number_of_powder_patterns        ? 
_refine.pdbx_pd_number_of_points                 ? 
_refine.pdbx_pd_meas_number_of_points            ? 
_refine.pdbx_pd_proc_ls_prof_R_factor            ? 
_refine.pdbx_pd_proc_ls_prof_wR_factor           ? 
_refine.pdbx_pd_Marquardt_correlation_coeff      ? 
_refine.pdbx_pd_Fsqrd_R_factor                   ? 
_refine.pdbx_pd_ls_matrix_band_width             ? 
_refine.pdbx_overall_phase_error                 28.03 
_refine.pdbx_overall_SU_R_free_Cruickshank_DPI   ? 
_refine.pdbx_overall_SU_R_free_Blow_DPI          ? 
_refine.pdbx_overall_SU_R_Blow_DPI               ? 
_refine.pdbx_TLS_residual_ADP_flag               ? 
_refine.pdbx_diffrn_id                           1 
_refine.overall_SU_B                             ? 
_refine.overall_SU_ML                            0.24 
_refine.overall_SU_R_Cruickshank_DPI             ? 
_refine.overall_SU_R_free                        ? 
_refine.overall_FOM_free_R_set                   ? 
_refine.overall_FOM_work_R_set                   ? 
_refine.pdbx_average_fsc_overall                 ? 
_refine.pdbx_average_fsc_work                    ? 
_refine.pdbx_average_fsc_free                    ? 
# 
_refine_hist.pdbx_refine_id                   'X-RAY DIFFRACTION' 
_refine_hist.cycle_id                         LAST 
_refine_hist.details                          ? 
_refine_hist.d_res_high                       1.70 
_refine_hist.d_res_low                        29.42 
_refine_hist.number_atoms_solvent             186 
_refine_hist.number_atoms_total               1495 
_refine_hist.number_reflns_all                ? 
_refine_hist.number_reflns_obs                ? 
_refine_hist.number_reflns_R_free             ? 
_refine_hist.number_reflns_R_work             ? 
_refine_hist.R_factor_all                     ? 
_refine_hist.R_factor_obs                     ? 
_refine_hist.R_factor_R_free                  ? 
_refine_hist.R_factor_R_work                  ? 
_refine_hist.pdbx_number_residues_total       ? 
_refine_hist.pdbx_B_iso_mean_ligand           ? 
_refine_hist.pdbx_B_iso_mean_solvent          ? 
_refine_hist.pdbx_number_atoms_protein        1267 
_refine_hist.pdbx_number_atoms_nucleic_acid   0 
_refine_hist.pdbx_number_atoms_ligand         42 
_refine_hist.pdbx_number_atoms_lipid          ? 
_refine_hist.pdbx_number_atoms_carb           ? 
_refine_hist.pdbx_pseudo_atom_details         ? 
# 
loop_
_refine_ls_restr.pdbx_refine_id 
_refine_ls_restr.criterion 
_refine_ls_restr.dev_ideal 
_refine_ls_restr.dev_ideal_target 
_refine_ls_restr.number 
_refine_ls_restr.rejects 
_refine_ls_restr.type 
_refine_ls_restr.weight 
_refine_ls_restr.pdbx_restraint_function 
'X-RAY DIFFRACTION' ? 0.006  ? 1460 ? f_bond_d           ? ? 
'X-RAY DIFFRACTION' ? 0.797  ? 2011 ? f_angle_d          ? ? 
'X-RAY DIFFRACTION' ? 18.259 ? 551  ? f_dihedral_angle_d ? ? 
'X-RAY DIFFRACTION' ? 0.078  ? 220  ? f_chiral_restr     ? ? 
'X-RAY DIFFRACTION' ? 0.007  ? 266  ? f_plane_restr      ? ? 
# 
loop_
_refine_ls_shell.pdbx_refine_id 
_refine_ls_shell.d_res_high 
_refine_ls_shell.d_res_low 
_refine_ls_shell.number_reflns_all 
_refine_ls_shell.number_reflns_obs 
_refine_ls_shell.number_reflns_R_free 
_refine_ls_shell.number_reflns_R_work 
_refine_ls_shell.percent_reflns_obs 
_refine_ls_shell.percent_reflns_R_free 
_refine_ls_shell.R_factor_all 
_refine_ls_shell.R_factor_obs 
_refine_ls_shell.R_factor_R_free_error 
_refine_ls_shell.R_factor_R_work 
_refine_ls_shell.redundancy_reflns_all 
_refine_ls_shell.redundancy_reflns_obs 
_refine_ls_shell.wR_factor_all 
_refine_ls_shell.wR_factor_obs 
_refine_ls_shell.wR_factor_R_free 
_refine_ls_shell.wR_factor_R_work 
_refine_ls_shell.pdbx_R_complete 
_refine_ls_shell.pdbx_total_number_of_bins_used 
_refine_ls_shell.pdbx_phase_error 
_refine_ls_shell.pdbx_fsc_work 
_refine_ls_shell.pdbx_fsc_free 
_refine_ls_shell.R_factor_R_free 
'X-RAY DIFFRACTION' 1.70 1.79  . . 140 2150 98.00 . . . . 0.2957 . . . . . . . . . . . 0.3712 
'X-RAY DIFFRACTION' 1.79 1.90  . . 138 2151 98.00 . . . . 0.2404 . . . . . . . . . . . 0.3126 
'X-RAY DIFFRACTION' 1.90 2.05  . . 138 2128 96.00 . . . . 0.2207 . . . . . . . . . . . 0.2850 
'X-RAY DIFFRACTION' 2.05 2.25  . . 141 2185 99.00 . . . . 0.1831 . . . . . . . . . . . 0.2636 
'X-RAY DIFFRACTION' 2.25 2.58  . . 142 2191 99.00 . . . . 0.1916 . . . . . . . . . . . 0.2241 
'X-RAY DIFFRACTION' 2.58 3.25  . . 139 2161 98.00 . . . . 0.1770 . . . . . . . . . . . 0.2299 
'X-RAY DIFFRACTION' 3.25 29.42 . . 137 2114 93.00 . . . . 0.1377 . . . . . . . . . . . 0.1934 
# 
_struct.entry_id                     8SIF 
_struct.title                        'Crystal structure of Escherichia coli HPPK in complex with bisubstrate inhibitor HP-101' 
_struct.pdbx_model_details           ? 
_struct.pdbx_formula_weight          ? 
_struct.pdbx_formula_weight_method   ? 
_struct.pdbx_model_type_details      ? 
_struct.pdbx_CASP_flag               N 
# 
_struct_keywords.entry_id        8SIF 
_struct_keywords.text            'HPPK, bisubstrate inhibitor, HP-101, TRANSFERASE, TRANSFERASE-INHIBITOR complex' 
_struct_keywords.pdbx_keywords   TRANSFERASE/INHIBITOR 
# 
loop_
_struct_asym.id 
_struct_asym.pdbx_blank_PDB_chainid_flag 
_struct_asym.pdbx_modified 
_struct_asym.entity_id 
_struct_asym.details 
A N N 1 ? 
B N N 2 ? 
C N N 3 ? 
# 
_struct_ref.id                         1 
_struct_ref.db_name                    UNP 
_struct_ref.db_code                    HPPK_ECOLI 
_struct_ref.pdbx_db_accession          P26281 
_struct_ref.pdbx_db_isoform            ? 
_struct_ref.entity_id                  1 
_struct_ref.pdbx_seq_one_letter_code   
;MTVAYIAIGSNLASPLEQVNAALKALGDIPESHILTVSSFYRTPPLGPQDQPDYLNAAVALETSLAPEELLNHTQRIELQ
QGRVRKAERWGPRTLDLDIMLFGNEVINTERLTVPHYDMKNRGFMLWPLFEIAPELVFPDGEMLRQILHTRAFDKLNKW
;
_struct_ref.pdbx_align_begin           1 
# 
_struct_ref_seq.align_id                      1 
_struct_ref_seq.ref_id                        1 
_struct_ref_seq.pdbx_PDB_id_code              8SIF 
_struct_ref_seq.pdbx_strand_id                A 
_struct_ref_seq.seq_align_beg                 1 
_struct_ref_seq.pdbx_seq_align_beg_ins_code   ? 
_struct_ref_seq.seq_align_end                 159 
_struct_ref_seq.pdbx_seq_align_end_ins_code   ? 
_struct_ref_seq.pdbx_db_accession             P26281 
_struct_ref_seq.db_align_beg                  1 
_struct_ref_seq.pdbx_db_align_beg_ins_code    ? 
_struct_ref_seq.db_align_end                  159 
_struct_ref_seq.pdbx_db_align_end_ins_code    ? 
_struct_ref_seq.pdbx_auth_seq_align_beg       0 
_struct_ref_seq.pdbx_auth_seq_align_end       158 
# 
_pdbx_struct_assembly.id                   1 
_pdbx_struct_assembly.details              author_and_software_defined_assembly 
_pdbx_struct_assembly.method_details       PISA 
_pdbx_struct_assembly.oligomeric_details   monomeric 
_pdbx_struct_assembly.oligomeric_count     1 
# 
_pdbx_struct_assembly_gen.assembly_id       1 
_pdbx_struct_assembly_gen.oper_expression   1 
_pdbx_struct_assembly_gen.asym_id_list      A,B,C 
# 
_pdbx_struct_assembly_auth_evidence.id                     1 
_pdbx_struct_assembly_auth_evidence.assembly_id            1 
_pdbx_struct_assembly_auth_evidence.experimental_support   none 
_pdbx_struct_assembly_auth_evidence.details                'Escherichia coli HPPK in complex with bisubstrate inhibitor HP-101' 
# 
_pdbx_struct_oper_list.id                   1 
_pdbx_struct_oper_list.type                 'identity operation' 
_pdbx_struct_oper_list.name                 1_555 
_pdbx_struct_oper_list.symmetry_operation   x,y,z 
_pdbx_struct_oper_list.matrix[1][1]         1.0000000000 
_pdbx_struct_oper_list.matrix[1][2]         0.0000000000 
_pdbx_struct_oper_list.matrix[1][3]         0.0000000000 
_pdbx_struct_oper_list.vector[1]            0.0000000000 
_pdbx_struct_oper_list.matrix[2][1]         0.0000000000 
_pdbx_struct_oper_list.matrix[2][2]         1.0000000000 
_pdbx_struct_oper_list.matrix[2][3]         0.0000000000 
_pdbx_struct_oper_list.vector[2]            0.0000000000 
_pdbx_struct_oper_list.matrix[3][1]         0.0000000000 
_pdbx_struct_oper_list.matrix[3][2]         0.0000000000 
_pdbx_struct_oper_list.matrix[3][3]         1.0000000000 
_pdbx_struct_oper_list.vector[3]            0.0000000000 
# 
loop_
_struct_conf.conf_type_id 
_struct_conf.id 
_struct_conf.pdbx_PDB_helix_id 
_struct_conf.beg_label_comp_id 
_struct_conf.beg_label_asym_id 
_struct_conf.beg_label_seq_id 
_struct_conf.pdbx_beg_PDB_ins_code 
_struct_conf.end_label_comp_id 
_struct_conf.end_label_asym_id 
_struct_conf.end_label_seq_id 
_struct_conf.pdbx_end_PDB_ins_code 
_struct_conf.beg_auth_comp_id 
_struct_conf.beg_auth_asym_id 
_struct_conf.beg_auth_seq_id 
_struct_conf.end_auth_comp_id 
_struct_conf.end_auth_asym_id 
_struct_conf.end_auth_seq_id 
_struct_conf.pdbx_PDB_helix_class 
_struct_conf.details 
_struct_conf.pdbx_PDB_helix_length 
HELX_P HELX_P1 AA1 PRO A 15  ? ASP A 28  ? PRO A 14  ASP A 27  1 ? 14 
HELX_P HELX_P2 AA2 ALA A 66  ? GLY A 82  ? ALA A 65  GLY A 81  1 ? 17 
HELX_P HELX_P3 AA3 ASP A 118 ? ASN A 121 ? ASP A 117 ASN A 120 5 ? 4  
HELX_P HELX_P4 AA4 ARG A 122 ? ALA A 133 ? ARG A 121 ALA A 132 1 ? 12 
HELX_P HELX_P5 AA5 MET A 143 ? ALA A 152 ? MET A 142 ALA A 151 1 ? 10 
# 
_struct_conf_type.id          HELX_P 
_struct_conf_type.criteria    ? 
_struct_conf_type.reference   ? 
# 
_struct_mon_prot_cis.pdbx_id                1 
_struct_mon_prot_cis.label_comp_id          VAL 
_struct_mon_prot_cis.label_seq_id           114 
_struct_mon_prot_cis.label_asym_id          A 
_struct_mon_prot_cis.label_alt_id           . 
_struct_mon_prot_cis.pdbx_PDB_ins_code      ? 
_struct_mon_prot_cis.auth_comp_id           VAL 
_struct_mon_prot_cis.auth_seq_id            113 
_struct_mon_prot_cis.auth_asym_id           A 
_struct_mon_prot_cis.pdbx_label_comp_id_2   PRO 
_struct_mon_prot_cis.pdbx_label_seq_id_2    115 
_struct_mon_prot_cis.pdbx_label_asym_id_2   A 
_struct_mon_prot_cis.pdbx_PDB_ins_code_2    ? 
_struct_mon_prot_cis.pdbx_auth_comp_id_2    PRO 
_struct_mon_prot_cis.pdbx_auth_seq_id_2     114 
_struct_mon_prot_cis.pdbx_auth_asym_id_2    A 
_struct_mon_prot_cis.pdbx_PDB_model_num     1 
_struct_mon_prot_cis.pdbx_omega_angle       -2.52 
# 
loop_
_struct_sheet.id 
_struct_sheet.type 
_struct_sheet.number_strands 
_struct_sheet.details 
AA1 ? 4 ? 
AA2 ? 4 ? 
AA3 ? 2 ? 
# 
loop_
_struct_sheet_order.sheet_id 
_struct_sheet_order.range_id_1 
_struct_sheet_order.range_id_2 
_struct_sheet_order.offset 
_struct_sheet_order.sense 
AA1 1 2 ? anti-parallel 
AA1 2 3 ? anti-parallel 
AA1 3 4 ? anti-parallel 
AA2 1 2 ? anti-parallel 
AA2 2 3 ? anti-parallel 
AA2 3 4 ? anti-parallel 
AA3 1 2 ? anti-parallel 
# 
loop_
_struct_sheet_range.sheet_id 
_struct_sheet_range.id 
_struct_sheet_range.beg_label_comp_id 
_struct_sheet_range.beg_label_asym_id 
_struct_sheet_range.beg_label_seq_id 
_struct_sheet_range.pdbx_beg_PDB_ins_code 
_struct_sheet_range.end_label_comp_id 
_struct_sheet_range.end_label_asym_id 
_struct_sheet_range.end_label_seq_id 
_struct_sheet_range.pdbx_end_PDB_ins_code 
_struct_sheet_range.beg_auth_comp_id 
_struct_sheet_range.beg_auth_asym_id 
_struct_sheet_range.beg_auth_seq_id 
_struct_sheet_range.end_auth_comp_id 
_struct_sheet_range.end_auth_asym_id 
_struct_sheet_range.end_auth_seq_id 
AA1 1 SER A 32  ? VAL A 37  ? SER A 31  VAL A 36  
AA1 2 TYR A 54  ? THR A 63  ? TYR A 53  THR A 62  
AA1 3 VAL A 3   ? SER A 10  ? VAL A 2   SER A 9   
AA1 4 LEU A 95  ? PHE A 102 ? LEU A 94  PHE A 101 
AA2 1 SER A 32  ? VAL A 37  ? SER A 31  VAL A 36  
AA2 2 TYR A 54  ? THR A 63  ? TYR A 53  THR A 62  
AA2 3 TYR A 41  ? THR A 43  ? TYR A 40  THR A 42  
AA2 4 ASN A 157 ? LYS A 158 ? ASN A 156 LYS A 157 
AA3 1 ILE A 107 ? ASN A 108 ? ILE A 106 ASN A 107 
AA3 2 THR A 113 ? VAL A 114 ? THR A 112 VAL A 113 
# 
loop_
_pdbx_struct_sheet_hbond.sheet_id 
_pdbx_struct_sheet_hbond.range_id_1 
_pdbx_struct_sheet_hbond.range_id_2 
_pdbx_struct_sheet_hbond.range_1_label_atom_id 
_pdbx_struct_sheet_hbond.range_1_label_comp_id 
_pdbx_struct_sheet_hbond.range_1_label_asym_id 
_pdbx_struct_sheet_hbond.range_1_label_seq_id 
_pdbx_struct_sheet_hbond.range_1_PDB_ins_code 
_pdbx_struct_sheet_hbond.range_1_auth_atom_id 
_pdbx_struct_sheet_hbond.range_1_auth_comp_id 
_pdbx_struct_sheet_hbond.range_1_auth_asym_id 
_pdbx_struct_sheet_hbond.range_1_auth_seq_id 
_pdbx_struct_sheet_hbond.range_2_label_atom_id 
_pdbx_struct_sheet_hbond.range_2_label_comp_id 
_pdbx_struct_sheet_hbond.range_2_label_asym_id 
_pdbx_struct_sheet_hbond.range_2_label_seq_id 
_pdbx_struct_sheet_hbond.range_2_PDB_ins_code 
_pdbx_struct_sheet_hbond.range_2_auth_atom_id 
_pdbx_struct_sheet_hbond.range_2_auth_comp_id 
_pdbx_struct_sheet_hbond.range_2_auth_asym_id 
_pdbx_struct_sheet_hbond.range_2_auth_seq_id 
AA1 1 2 N LEU A 35  ? N LEU A 34  O ALA A 60  ? O ALA A 59  
AA1 2 3 O LEU A 61  ? O LEU A 60  N ALA A 4   ? N ALA A 3   
AA1 3 4 N ALA A 7   ? N ALA A 6   O ASP A 98  ? O ASP A 97  
AA2 1 2 N LEU A 35  ? N LEU A 34  O ALA A 60  ? O ALA A 59  
AA2 2 3 O ASN A 56  ? O ASN A 55  N TYR A 41  ? N TYR A 40  
AA2 3 4 N ARG A 42  ? N ARG A 41  O ASN A 157 ? O ASN A 156 
AA3 1 2 N ILE A 107 ? N ILE A 106 O VAL A 114 ? O VAL A 113 
# 
loop_
_pdbx_validate_torsion.id 
_pdbx_validate_torsion.PDB_model_num 
_pdbx_validate_torsion.auth_comp_id 
_pdbx_validate_torsion.auth_asym_id 
_pdbx_validate_torsion.auth_seq_id 
_pdbx_validate_torsion.PDB_ins_code 
_pdbx_validate_torsion.label_alt_id 
_pdbx_validate_torsion.phi 
_pdbx_validate_torsion.psi 
1 1 ALA A 86 ? ? -134.25 -104.79 
2 1 ALA A 86 ? ? -134.25 -103.55 
# 
_pdbx_entry_details.entry_id                 8SIF 
_pdbx_entry_details.has_ligand_of_interest   Y 
_pdbx_entry_details.compound_details         ? 
_pdbx_entry_details.source_details           ? 
_pdbx_entry_details.nonpolymer_details       ? 
_pdbx_entry_details.sequence_details         ? 
# 
_pdbx_unobs_or_zero_occ_residues.id               1 
_pdbx_unobs_or_zero_occ_residues.PDB_model_num    1 
_pdbx_unobs_or_zero_occ_residues.polymer_flag     Y 
_pdbx_unobs_or_zero_occ_residues.occupancy_flag   1 
_pdbx_unobs_or_zero_occ_residues.auth_asym_id     A 
_pdbx_unobs_or_zero_occ_residues.auth_comp_id     MET 
_pdbx_unobs_or_zero_occ_residues.auth_seq_id      0 
_pdbx_unobs_or_zero_occ_residues.PDB_ins_code     ? 
_pdbx_unobs_or_zero_occ_residues.label_asym_id    A 
_pdbx_unobs_or_zero_occ_residues.label_comp_id    MET 
_pdbx_unobs_or_zero_occ_residues.label_seq_id     1 
# 
loop_
_chem_comp_atom.comp_id 
_chem_comp_atom.atom_id 
_chem_comp_atom.type_symbol 
_chem_comp_atom.pdbx_aromatic_flag 
_chem_comp_atom.pdbx_stereo_config 
_chem_comp_atom.pdbx_ordinal 
ALA N    N N N 1   
ALA CA   C N S 2   
ALA C    C N N 3   
ALA O    O N N 4   
ALA CB   C N N 5   
ALA OXT  O N N 6   
ALA H    H N N 7   
ALA H2   H N N 8   
ALA HA   H N N 9   
ALA HB1  H N N 10  
ALA HB2  H N N 11  
ALA HB3  H N N 12  
ALA HXT  H N N 13  
ARG N    N N N 14  
ARG CA   C N S 15  
ARG C    C N N 16  
ARG O    O N N 17  
ARG CB   C N N 18  
ARG CG   C N N 19  
ARG CD   C N N 20  
ARG NE   N N N 21  
ARG CZ   C N N 22  
ARG NH1  N N N 23  
ARG NH2  N N N 24  
ARG OXT  O N N 25  
ARG H    H N N 26  
ARG H2   H N N 27  
ARG HA   H N N 28  
ARG HB2  H N N 29  
ARG HB3  H N N 30  
ARG HG2  H N N 31  
ARG HG3  H N N 32  
ARG HD2  H N N 33  
ARG HD3  H N N 34  
ARG HE   H N N 35  
ARG HH11 H N N 36  
ARG HH12 H N N 37  
ARG HH21 H N N 38  
ARG HH22 H N N 39  
ARG HXT  H N N 40  
ASN N    N N N 41  
ASN CA   C N S 42  
ASN C    C N N 43  
ASN O    O N N 44  
ASN CB   C N N 45  
ASN CG   C N N 46  
ASN OD1  O N N 47  
ASN ND2  N N N 48  
ASN OXT  O N N 49  
ASN H    H N N 50  
ASN H2   H N N 51  
ASN HA   H N N 52  
ASN HB2  H N N 53  
ASN HB3  H N N 54  
ASN HD21 H N N 55  
ASN HD22 H N N 56  
ASN HXT  H N N 57  
ASP N    N N N 58  
ASP CA   C N S 59  
ASP C    C N N 60  
ASP O    O N N 61  
ASP CB   C N N 62  
ASP CG   C N N 63  
ASP OD1  O N N 64  
ASP OD2  O N N 65  
ASP OXT  O N N 66  
ASP H    H N N 67  
ASP H2   H N N 68  
ASP HA   H N N 69  
ASP HB2  H N N 70  
ASP HB3  H N N 71  
ASP HD2  H N N 72  
ASP HXT  H N N 73  
GLN N    N N N 74  
GLN CA   C N S 75  
GLN C    C N N 76  
GLN O    O N N 77  
GLN CB   C N N 78  
GLN CG   C N N 79  
GLN CD   C N N 80  
GLN OE1  O N N 81  
GLN NE2  N N N 82  
GLN OXT  O N N 83  
GLN H    H N N 84  
GLN H2   H N N 85  
GLN HA   H N N 86  
GLN HB2  H N N 87  
GLN HB3  H N N 88  
GLN HG2  H N N 89  
GLN HG3  H N N 90  
GLN HE21 H N N 91  
GLN HE22 H N N 92  
GLN HXT  H N N 93  
GLU N    N N N 94  
GLU CA   C N S 95  
GLU C    C N N 96  
GLU O    O N N 97  
GLU CB   C N N 98  
GLU CG   C N N 99  
GLU CD   C N N 100 
GLU OE1  O N N 101 
GLU OE2  O N N 102 
GLU OXT  O N N 103 
GLU H    H N N 104 
GLU H2   H N N 105 
GLU HA   H N N 106 
GLU HB2  H N N 107 
GLU HB3  H N N 108 
GLU HG2  H N N 109 
GLU HG3  H N N 110 
GLU HE2  H N N 111 
GLU HXT  H N N 112 
GLY N    N N N 113 
GLY CA   C N N 114 
GLY C    C N N 115 
GLY O    O N N 116 
GLY OXT  O N N 117 
GLY H    H N N 118 
GLY H2   H N N 119 
GLY HA2  H N N 120 
GLY HA3  H N N 121 
GLY HXT  H N N 122 
HIS N    N N N 123 
HIS CA   C N S 124 
HIS C    C N N 125 
HIS O    O N N 126 
HIS CB   C N N 127 
HIS CG   C Y N 128 
HIS ND1  N Y N 129 
HIS CD2  C Y N 130 
HIS CE1  C Y N 131 
HIS NE2  N Y N 132 
HIS OXT  O N N 133 
HIS H    H N N 134 
HIS H2   H N N 135 
HIS HA   H N N 136 
HIS HB2  H N N 137 
HIS HB3  H N N 138 
HIS HD1  H N N 139 
HIS HD2  H N N 140 
HIS HE1  H N N 141 
HIS HE2  H N N 142 
HIS HXT  H N N 143 
HOH O    O N N 144 
HOH H1   H N N 145 
HOH H2   H N N 146 
ILE N    N N N 147 
ILE CA   C N S 148 
ILE C    C N N 149 
ILE O    O N N 150 
ILE CB   C N S 151 
ILE CG1  C N N 152 
ILE CG2  C N N 153 
ILE CD1  C N N 154 
ILE OXT  O N N 155 
ILE H    H N N 156 
ILE H2   H N N 157 
ILE HA   H N N 158 
ILE HB   H N N 159 
ILE HG12 H N N 160 
ILE HG13 H N N 161 
ILE HG21 H N N 162 
ILE HG22 H N N 163 
ILE HG23 H N N 164 
ILE HD11 H N N 165 
ILE HD12 H N N 166 
ILE HD13 H N N 167 
ILE HXT  H N N 168 
LEU N    N N N 169 
LEU CA   C N S 170 
LEU C    C N N 171 
LEU O    O N N 172 
LEU CB   C N N 173 
LEU CG   C N N 174 
LEU CD1  C N N 175 
LEU CD2  C N N 176 
LEU OXT  O N N 177 
LEU H    H N N 178 
LEU H2   H N N 179 
LEU HA   H N N 180 
LEU HB2  H N N 181 
LEU HB3  H N N 182 
LEU HG   H N N 183 
LEU HD11 H N N 184 
LEU HD12 H N N 185 
LEU HD13 H N N 186 
LEU HD21 H N N 187 
LEU HD22 H N N 188 
LEU HD23 H N N 189 
LEU HXT  H N N 190 
LYS N    N N N 191 
LYS CA   C N S 192 
LYS C    C N N 193 
LYS O    O N N 194 
LYS CB   C N N 195 
LYS CG   C N N 196 
LYS CD   C N N 197 
LYS CE   C N N 198 
LYS NZ   N N N 199 
LYS OXT  O N N 200 
LYS H    H N N 201 
LYS H2   H N N 202 
LYS HA   H N N 203 
LYS HB2  H N N 204 
LYS HB3  H N N 205 
LYS HG2  H N N 206 
LYS HG3  H N N 207 
LYS HD2  H N N 208 
LYS HD3  H N N 209 
LYS HE2  H N N 210 
LYS HE3  H N N 211 
LYS HZ1  H N N 212 
LYS HZ2  H N N 213 
LYS HZ3  H N N 214 
LYS HXT  H N N 215 
MET N    N N N 216 
MET CA   C N S 217 
MET C    C N N 218 
MET O    O N N 219 
MET CB   C N N 220 
MET CG   C N N 221 
MET SD   S N N 222 
MET CE   C N N 223 
MET OXT  O N N 224 
MET H    H N N 225 
MET H2   H N N 226 
MET HA   H N N 227 
MET HB2  H N N 228 
MET HB3  H N N 229 
MET HG2  H N N 230 
MET HG3  H N N 231 
MET HE1  H N N 232 
MET HE2  H N N 233 
MET HE3  H N N 234 
MET HXT  H N N 235 
PHE N    N N N 236 
PHE CA   C N S 237 
PHE C    C N N 238 
PHE O    O N N 239 
PHE CB   C N N 240 
PHE CG   C Y N 241 
PHE CD1  C Y N 242 
PHE CD2  C Y N 243 
PHE CE1  C Y N 244 
PHE CE2  C Y N 245 
PHE CZ   C Y N 246 
PHE OXT  O N N 247 
PHE H    H N N 248 
PHE H2   H N N 249 
PHE HA   H N N 250 
PHE HB2  H N N 251 
PHE HB3  H N N 252 
PHE HD1  H N N 253 
PHE HD2  H N N 254 
PHE HE1  H N N 255 
PHE HE2  H N N 256 
PHE HZ   H N N 257 
PHE HXT  H N N 258 
PRO N    N N N 259 
PRO CA   C N S 260 
PRO C    C N N 261 
PRO O    O N N 262 
PRO CB   C N N 263 
PRO CG   C N N 264 
PRO CD   C N N 265 
PRO OXT  O N N 266 
PRO H    H N N 267 
PRO HA   H N N 268 
PRO HB2  H N N 269 
PRO HB3  H N N 270 
PRO HG2  H N N 271 
PRO HG3  H N N 272 
PRO HD2  H N N 273 
PRO HD3  H N N 274 
PRO HXT  H N N 275 
SER N    N N N 276 
SER CA   C N S 277 
SER C    C N N 278 
SER O    O N N 279 
SER CB   C N N 280 
SER OG   O N N 281 
SER OXT  O N N 282 
SER H    H N N 283 
SER H2   H N N 284 
SER HA   H N N 285 
SER HB2  H N N 286 
SER HB3  H N N 287 
SER HG   H N N 288 
SER HXT  H N N 289 
THR N    N N N 290 
THR CA   C N S 291 
THR C    C N N 292 
THR O    O N N 293 
THR CB   C N R 294 
THR OG1  O N N 295 
THR CG2  C N N 296 
THR OXT  O N N 297 
THR H    H N N 298 
THR H2   H N N 299 
THR HA   H N N 300 
THR HB   H N N 301 
THR HG1  H N N 302 
THR HG21 H N N 303 
THR HG22 H N N 304 
THR HG23 H N N 305 
THR HXT  H N N 306 
TRP N    N N N 307 
TRP CA   C N S 308 
TRP C    C N N 309 
TRP O    O N N 310 
TRP CB   C N N 311 
TRP CG   C Y N 312 
TRP CD1  C Y N 313 
TRP CD2  C Y N 314 
TRP NE1  N Y N 315 
TRP CE2  C Y N 316 
TRP CE3  C Y N 317 
TRP CZ2  C Y N 318 
TRP CZ3  C Y N 319 
TRP CH2  C Y N 320 
TRP OXT  O N N 321 
TRP H    H N N 322 
TRP H2   H N N 323 
TRP HA   H N N 324 
TRP HB2  H N N 325 
TRP HB3  H N N 326 
TRP HD1  H N N 327 
TRP HE1  H N N 328 
TRP HE3  H N N 329 
TRP HZ2  H N N 330 
TRP HZ3  H N N 331 
TRP HH2  H N N 332 
TRP HXT  H N N 333 
TYR N    N N N 334 
TYR CA   C N S 335 
TYR C    C N N 336 
TYR O    O N N 337 
TYR CB   C N N 338 
TYR CG   C Y N 339 
TYR CD1  C Y N 340 
TYR CD2  C Y N 341 
TYR CE1  C Y N 342 
TYR CE2  C Y N 343 
TYR CZ   C Y N 344 
TYR OH   O N N 345 
TYR OXT  O N N 346 
TYR H    H N N 347 
TYR H2   H N N 348 
TYR HA   H N N 349 
TYR HB2  H N N 350 
TYR HB3  H N N 351 
TYR HD1  H N N 352 
TYR HD2  H N N 353 
TYR HE1  H N N 354 
TYR HE2  H N N 355 
TYR HH   H N N 356 
TYR HXT  H N N 357 
VAL N    N N N 358 
VAL CA   C N S 359 
VAL C    C N N 360 
VAL O    O N N 361 
VAL CB   C N N 362 
VAL CG1  C N N 363 
VAL CG2  C N N 364 
VAL OXT  O N N 365 
VAL H    H N N 366 
VAL H2   H N N 367 
VAL HA   H N N 368 
VAL HB   H N N 369 
VAL HG11 H N N 370 
VAL HG12 H N N 371 
VAL HG13 H N N 372 
VAL HG21 H N N 373 
VAL HG22 H N N 374 
VAL HG23 H N N 375 
VAL HXT  H N N 376 
ZX4 C1   C N N 377 
ZX4 C10  C N N 378 
ZX4 C11  C N N 379 
ZX4 C12  C N S 380 
ZX4 C13  C Y N 381 
ZX4 C14  C Y N 382 
ZX4 C15  C Y N 383 
ZX4 C16  C Y N 384 
ZX4 C17  C N N 385 
ZX4 C18  C N N 386 
ZX4 C19  C N S 387 
ZX4 C2   C Y N 388 
ZX4 C20  C N R 389 
ZX4 C21  C N R 390 
ZX4 C22  C Y N 391 
ZX4 C23  C Y N 392 
ZX4 C24  C Y N 393 
ZX4 C25  C Y N 394 
ZX4 C3   C N R 395 
ZX4 C4   C N N 396 
ZX4 C5   C N N 397 
ZX4 C6   C N R 398 
ZX4 C7   C N N 399 
ZX4 C8   C N N 400 
ZX4 C9   C N N 401 
ZX4 N1   N Y N 402 
ZX4 N10  N N N 403 
ZX4 N2   N N N 404 
ZX4 N3   N Y N 405 
ZX4 N4   N Y N 406 
ZX4 N5   N Y N 407 
ZX4 N6   N N N 408 
ZX4 N7   N N N 409 
ZX4 N8   N Y N 410 
ZX4 N9   N N N 411 
ZX4 O1   O N N 412 
ZX4 O2   O N N 413 
ZX4 O3   O N N 414 
ZX4 O4   O N N 415 
ZX4 O5   O N N 416 
ZX4 O6   O N N 417 
ZX4 S1   S N N 418 
ZX4 H1   H N N 419 
ZX4 H2   H N N 420 
ZX4 H3   H N N 421 
ZX4 H4   H N N 422 
ZX4 H5   H N N 423 
ZX4 H6   H N N 424 
ZX4 H7   H N N 425 
ZX4 H8   H N N 426 
ZX4 H9   H N N 427 
ZX4 H10  H N N 428 
ZX4 H11  H N N 429 
ZX4 H12  H N N 430 
ZX4 H13  H N N 431 
ZX4 H14  H N N 432 
ZX4 H15  H N N 433 
ZX4 H16  H N N 434 
ZX4 H17  H N N 435 
ZX4 H18  H N N 436 
ZX4 H19  H N N 437 
ZX4 H20  H N N 438 
ZX4 H21  H N N 439 
ZX4 H22  H N N 440 
ZX4 H23  H N N 441 
ZX4 H24  H N N 442 
ZX4 H25  H N N 443 
ZX4 H26  H N N 444 
ZX4 H27  H N N 445 
ZX4 H29  H N N 446 
ZX4 H30  H N N 447 
ZX4 H31  H N N 448 
ZX4 H32  H N N 449 
ZX4 H33  H N N 450 
# 
loop_
_chem_comp_bond.comp_id 
_chem_comp_bond.atom_id_1 
_chem_comp_bond.atom_id_2 
_chem_comp_bond.value_order 
_chem_comp_bond.pdbx_aromatic_flag 
_chem_comp_bond.pdbx_stereo_config 
_chem_comp_bond.pdbx_ordinal 
ALA N   CA   sing N N 1   
ALA N   H    sing N N 2   
ALA N   H2   sing N N 3   
ALA CA  C    sing N N 4   
ALA CA  CB   sing N N 5   
ALA CA  HA   sing N N 6   
ALA C   O    doub N N 7   
ALA C   OXT  sing N N 8   
ALA CB  HB1  sing N N 9   
ALA CB  HB2  sing N N 10  
ALA CB  HB3  sing N N 11  
ALA OXT HXT  sing N N 12  
ARG N   CA   sing N N 13  
ARG N   H    sing N N 14  
ARG N   H2   sing N N 15  
ARG CA  C    sing N N 16  
ARG CA  CB   sing N N 17  
ARG CA  HA   sing N N 18  
ARG C   O    doub N N 19  
ARG C   OXT  sing N N 20  
ARG CB  CG   sing N N 21  
ARG CB  HB2  sing N N 22  
ARG CB  HB3  sing N N 23  
ARG CG  CD   sing N N 24  
ARG CG  HG2  sing N N 25  
ARG CG  HG3  sing N N 26  
ARG CD  NE   sing N N 27  
ARG CD  HD2  sing N N 28  
ARG CD  HD3  sing N N 29  
ARG NE  CZ   sing N N 30  
ARG NE  HE   sing N N 31  
ARG CZ  NH1  sing N N 32  
ARG CZ  NH2  doub N N 33  
ARG NH1 HH11 sing N N 34  
ARG NH1 HH12 sing N N 35  
ARG NH2 HH21 sing N N 36  
ARG NH2 HH22 sing N N 37  
ARG OXT HXT  sing N N 38  
ASN N   CA   sing N N 39  
ASN N   H    sing N N 40  
ASN N   H2   sing N N 41  
ASN CA  C    sing N N 42  
ASN CA  CB   sing N N 43  
ASN CA  HA   sing N N 44  
ASN C   O    doub N N 45  
ASN C   OXT  sing N N 46  
ASN CB  CG   sing N N 47  
ASN CB  HB2  sing N N 48  
ASN CB  HB3  sing N N 49  
ASN CG  OD1  doub N N 50  
ASN CG  ND2  sing N N 51  
ASN ND2 HD21 sing N N 52  
ASN ND2 HD22 sing N N 53  
ASN OXT HXT  sing N N 54  
ASP N   CA   sing N N 55  
ASP N   H    sing N N 56  
ASP N   H2   sing N N 57  
ASP CA  C    sing N N 58  
ASP CA  CB   sing N N 59  
ASP CA  HA   sing N N 60  
ASP C   O    doub N N 61  
ASP C   OXT  sing N N 62  
ASP CB  CG   sing N N 63  
ASP CB  HB2  sing N N 64  
ASP CB  HB3  sing N N 65  
ASP CG  OD1  doub N N 66  
ASP CG  OD2  sing N N 67  
ASP OD2 HD2  sing N N 68  
ASP OXT HXT  sing N N 69  
GLN N   CA   sing N N 70  
GLN N   H    sing N N 71  
GLN N   H2   sing N N 72  
GLN CA  C    sing N N 73  
GLN CA  CB   sing N N 74  
GLN CA  HA   sing N N 75  
GLN C   O    doub N N 76  
GLN C   OXT  sing N N 77  
GLN CB  CG   sing N N 78  
GLN CB  HB2  sing N N 79  
GLN CB  HB3  sing N N 80  
GLN CG  CD   sing N N 81  
GLN CG  HG2  sing N N 82  
GLN CG  HG3  sing N N 83  
GLN CD  OE1  doub N N 84  
GLN CD  NE2  sing N N 85  
GLN NE2 HE21 sing N N 86  
GLN NE2 HE22 sing N N 87  
GLN OXT HXT  sing N N 88  
GLU N   CA   sing N N 89  
GLU N   H    sing N N 90  
GLU N   H2   sing N N 91  
GLU CA  C    sing N N 92  
GLU CA  CB   sing N N 93  
GLU CA  HA   sing N N 94  
GLU C   O    doub N N 95  
GLU C   OXT  sing N N 96  
GLU CB  CG   sing N N 97  
GLU CB  HB2  sing N N 98  
GLU CB  HB3  sing N N 99  
GLU CG  CD   sing N N 100 
GLU CG  HG2  sing N N 101 
GLU CG  HG3  sing N N 102 
GLU CD  OE1  doub N N 103 
GLU CD  OE2  sing N N 104 
GLU OE2 HE2  sing N N 105 
GLU OXT HXT  sing N N 106 
GLY N   CA   sing N N 107 
GLY N   H    sing N N 108 
GLY N   H2   sing N N 109 
GLY CA  C    sing N N 110 
GLY CA  HA2  sing N N 111 
GLY CA  HA3  sing N N 112 
GLY C   O    doub N N 113 
GLY C   OXT  sing N N 114 
GLY OXT HXT  sing N N 115 
HIS N   CA   sing N N 116 
HIS N   H    sing N N 117 
HIS N   H2   sing N N 118 
HIS CA  C    sing N N 119 
HIS CA  CB   sing N N 120 
HIS CA  HA   sing N N 121 
HIS C   O    doub N N 122 
HIS C   OXT  sing N N 123 
HIS CB  CG   sing N N 124 
HIS CB  HB2  sing N N 125 
HIS CB  HB3  sing N N 126 
HIS CG  ND1  sing Y N 127 
HIS CG  CD2  doub Y N 128 
HIS ND1 CE1  doub Y N 129 
HIS ND1 HD1  sing N N 130 
HIS CD2 NE2  sing Y N 131 
HIS CD2 HD2  sing N N 132 
HIS CE1 NE2  sing Y N 133 
HIS CE1 HE1  sing N N 134 
HIS NE2 HE2  sing N N 135 
HIS OXT HXT  sing N N 136 
HOH O   H1   sing N N 137 
HOH O   H2   sing N N 138 
ILE N   CA   sing N N 139 
ILE N   H    sing N N 140 
ILE N   H2   sing N N 141 
ILE CA  C    sing N N 142 
ILE CA  CB   sing N N 143 
ILE CA  HA   sing N N 144 
ILE C   O    doub N N 145 
ILE C   OXT  sing N N 146 
ILE CB  CG1  sing N N 147 
ILE CB  CG2  sing N N 148 
ILE CB  HB   sing N N 149 
ILE CG1 CD1  sing N N 150 
ILE CG1 HG12 sing N N 151 
ILE CG1 HG13 sing N N 152 
ILE CG2 HG21 sing N N 153 
ILE CG2 HG22 sing N N 154 
ILE CG2 HG23 sing N N 155 
ILE CD1 HD11 sing N N 156 
ILE CD1 HD12 sing N N 157 
ILE CD1 HD13 sing N N 158 
ILE OXT HXT  sing N N 159 
LEU N   CA   sing N N 160 
LEU N   H    sing N N 161 
LEU N   H2   sing N N 162 
LEU CA  C    sing N N 163 
LEU CA  CB   sing N N 164 
LEU CA  HA   sing N N 165 
LEU C   O    doub N N 166 
LEU C   OXT  sing N N 167 
LEU CB  CG   sing N N 168 
LEU CB  HB2  sing N N 169 
LEU CB  HB3  sing N N 170 
LEU CG  CD1  sing N N 171 
LEU CG  CD2  sing N N 172 
LEU CG  HG   sing N N 173 
LEU CD1 HD11 sing N N 174 
LEU CD1 HD12 sing N N 175 
LEU CD1 HD13 sing N N 176 
LEU CD2 HD21 sing N N 177 
LEU CD2 HD22 sing N N 178 
LEU CD2 HD23 sing N N 179 
LEU OXT HXT  sing N N 180 
LYS N   CA   sing N N 181 
LYS N   H    sing N N 182 
LYS N   H2   sing N N 183 
LYS CA  C    sing N N 184 
LYS CA  CB   sing N N 185 
LYS CA  HA   sing N N 186 
LYS C   O    doub N N 187 
LYS C   OXT  sing N N 188 
LYS CB  CG   sing N N 189 
LYS CB  HB2  sing N N 190 
LYS CB  HB3  sing N N 191 
LYS CG  CD   sing N N 192 
LYS CG  HG2  sing N N 193 
LYS CG  HG3  sing N N 194 
LYS CD  CE   sing N N 195 
LYS CD  HD2  sing N N 196 
LYS CD  HD3  sing N N 197 
LYS CE  NZ   sing N N 198 
LYS CE  HE2  sing N N 199 
LYS CE  HE3  sing N N 200 
LYS NZ  HZ1  sing N N 201 
LYS NZ  HZ2  sing N N 202 
LYS NZ  HZ3  sing N N 203 
LYS OXT HXT  sing N N 204 
MET N   CA   sing N N 205 
MET N   H    sing N N 206 
MET N   H2   sing N N 207 
MET CA  C    sing N N 208 
MET CA  CB   sing N N 209 
MET CA  HA   sing N N 210 
MET C   O    doub N N 211 
MET C   OXT  sing N N 212 
MET CB  CG   sing N N 213 
MET CB  HB2  sing N N 214 
MET CB  HB3  sing N N 215 
MET CG  SD   sing N N 216 
MET CG  HG2  sing N N 217 
MET CG  HG3  sing N N 218 
MET SD  CE   sing N N 219 
MET CE  HE1  sing N N 220 
MET CE  HE2  sing N N 221 
MET CE  HE3  sing N N 222 
MET OXT HXT  sing N N 223 
PHE N   CA   sing N N 224 
PHE N   H    sing N N 225 
PHE N   H2   sing N N 226 
PHE CA  C    sing N N 227 
PHE CA  CB   sing N N 228 
PHE CA  HA   sing N N 229 
PHE C   O    doub N N 230 
PHE C   OXT  sing N N 231 
PHE CB  CG   sing N N 232 
PHE CB  HB2  sing N N 233 
PHE CB  HB3  sing N N 234 
PHE CG  CD1  doub Y N 235 
PHE CG  CD2  sing Y N 236 
PHE CD1 CE1  sing Y N 237 
PHE CD1 HD1  sing N N 238 
PHE CD2 CE2  doub Y N 239 
PHE CD2 HD2  sing N N 240 
PHE CE1 CZ   doub Y N 241 
PHE CE1 HE1  sing N N 242 
PHE CE2 CZ   sing Y N 243 
PHE CE2 HE2  sing N N 244 
PHE CZ  HZ   sing N N 245 
PHE OXT HXT  sing N N 246 
PRO N   CA   sing N N 247 
PRO N   CD   sing N N 248 
PRO N   H    sing N N 249 
PRO CA  C    sing N N 250 
PRO CA  CB   sing N N 251 
PRO CA  HA   sing N N 252 
PRO C   O    doub N N 253 
PRO C   OXT  sing N N 254 
PRO CB  CG   sing N N 255 
PRO CB  HB2  sing N N 256 
PRO CB  HB3  sing N N 257 
PRO CG  CD   sing N N 258 
PRO CG  HG2  sing N N 259 
PRO CG  HG3  sing N N 260 
PRO CD  HD2  sing N N 261 
PRO CD  HD3  sing N N 262 
PRO OXT HXT  sing N N 263 
SER N   CA   sing N N 264 
SER N   H    sing N N 265 
SER N   H2   sing N N 266 
SER CA  C    sing N N 267 
SER CA  CB   sing N N 268 
SER CA  HA   sing N N 269 
SER C   O    doub N N 270 
SER C   OXT  sing N N 271 
SER CB  OG   sing N N 272 
SER CB  HB2  sing N N 273 
SER CB  HB3  sing N N 274 
SER OG  HG   sing N N 275 
SER OXT HXT  sing N N 276 
THR N   CA   sing N N 277 
THR N   H    sing N N 278 
THR N   H2   sing N N 279 
THR CA  C    sing N N 280 
THR CA  CB   sing N N 281 
THR CA  HA   sing N N 282 
THR C   O    doub N N 283 
THR C   OXT  sing N N 284 
THR CB  OG1  sing N N 285 
THR CB  CG2  sing N N 286 
THR CB  HB   sing N N 287 
THR OG1 HG1  sing N N 288 
THR CG2 HG21 sing N N 289 
THR CG2 HG22 sing N N 290 
THR CG2 HG23 sing N N 291 
THR OXT HXT  sing N N 292 
TRP N   CA   sing N N 293 
TRP N   H    sing N N 294 
TRP N   H2   sing N N 295 
TRP CA  C    sing N N 296 
TRP CA  CB   sing N N 297 
TRP CA  HA   sing N N 298 
TRP C   O    doub N N 299 
TRP C   OXT  sing N N 300 
TRP CB  CG   sing N N 301 
TRP CB  HB2  sing N N 302 
TRP CB  HB3  sing N N 303 
TRP CG  CD1  doub Y N 304 
TRP CG  CD2  sing Y N 305 
TRP CD1 NE1  sing Y N 306 
TRP CD1 HD1  sing N N 307 
TRP CD2 CE2  doub Y N 308 
TRP CD2 CE3  sing Y N 309 
TRP NE1 CE2  sing Y N 310 
TRP NE1 HE1  sing N N 311 
TRP CE2 CZ2  sing Y N 312 
TRP CE3 CZ3  doub Y N 313 
TRP CE3 HE3  sing N N 314 
TRP CZ2 CH2  doub Y N 315 
TRP CZ2 HZ2  sing N N 316 
TRP CZ3 CH2  sing Y N 317 
TRP CZ3 HZ3  sing N N 318 
TRP CH2 HH2  sing N N 319 
TRP OXT HXT  sing N N 320 
TYR N   CA   sing N N 321 
TYR N   H    sing N N 322 
TYR N   H2   sing N N 323 
TYR CA  C    sing N N 324 
TYR CA  CB   sing N N 325 
TYR CA  HA   sing N N 326 
TYR C   O    doub N N 327 
TYR C   OXT  sing N N 328 
TYR CB  CG   sing N N 329 
TYR CB  HB2  sing N N 330 
TYR CB  HB3  sing N N 331 
TYR CG  CD1  doub Y N 332 
TYR CG  CD2  sing Y N 333 
TYR CD1 CE1  sing Y N 334 
TYR CD1 HD1  sing N N 335 
TYR CD2 CE2  doub Y N 336 
TYR CD2 HD2  sing N N 337 
TYR CE1 CZ   doub Y N 338 
TYR CE1 HE1  sing N N 339 
TYR CE2 CZ   sing Y N 340 
TYR CE2 HE2  sing N N 341 
TYR CZ  OH   sing N N 342 
TYR OH  HH   sing N N 343 
TYR OXT HXT  sing N N 344 
VAL N   CA   sing N N 345 
VAL N   H    sing N N 346 
VAL N   H2   sing N N 347 
VAL CA  C    sing N N 348 
VAL CA  CB   sing N N 349 
VAL CA  HA   sing N N 350 
VAL C   O    doub N N 351 
VAL C   OXT  sing N N 352 
VAL CB  CG1  sing N N 353 
VAL CB  CG2  sing N N 354 
VAL CB  HB   sing N N 355 
VAL CG1 HG11 sing N N 356 
VAL CG1 HG12 sing N N 357 
VAL CG1 HG13 sing N N 358 
VAL CG2 HG21 sing N N 359 
VAL CG2 HG22 sing N N 360 
VAL CG2 HG23 sing N N 361 
VAL OXT HXT  sing N N 362 
ZX4 O2  C19  sing N N 363 
ZX4 C19 C12  sing N N 364 
ZX4 C19 C20  sing N N 365 
ZX4 O3  C20  sing N N 366 
ZX4 C1  C12  sing N N 367 
ZX4 C1  S1   sing N N 368 
ZX4 C12 O1   sing N N 369 
ZX4 S1  C3   sing N N 370 
ZX4 C20 C21  sing N N 371 
ZX4 O1  C21  sing N N 372 
ZX4 C21 N1   sing N N 373 
ZX4 C3  C4   sing N N 374 
ZX4 C3  C5   sing N N 375 
ZX4 C4  C8   sing N N 376 
ZX4 C8  N7   sing N N 377 
ZX4 N4  C23  doub Y N 378 
ZX4 N4  C24  sing Y N 379 
ZX4 N1  C23  sing Y N 380 
ZX4 N1  C22  sing Y N 381 
ZX4 C9  N7   sing N N 382 
ZX4 C9  C10  sing N N 383 
ZX4 C5  C6   sing N N 384 
ZX4 C6  N7   sing N N 385 
ZX4 C6  C7   sing N N 386 
ZX4 C23 C25  sing Y N 387 
ZX4 C10 C11  sing N N 388 
ZX4 C24 N5   doub Y N 389 
ZX4 C22 N3   doub Y N 390 
ZX4 C11 C13  sing N N 391 
ZX4 O5  C7   doub N N 392 
ZX4 C7  O4   sing N N 393 
ZX4 C25 N3   sing Y N 394 
ZX4 C25 C2   doub Y N 395 
ZX4 N5  C2   sing Y N 396 
ZX4 C13 C14  doub Y N 397 
ZX4 C13 C16  sing Y N 398 
ZX4 C2  N6   sing N N 399 
ZX4 C14 N8   sing Y N 400 
ZX4 O6  C17  doub N N 401 
ZX4 C16 C17  sing N N 402 
ZX4 C16 C15  doub Y N 403 
ZX4 C17 N9   sing N N 404 
ZX4 N8  C15  sing Y N 405 
ZX4 C15 N10  sing N N 406 
ZX4 N9  C18  sing N N 407 
ZX4 N10 C18  doub N N 408 
ZX4 C18 N2   sing N N 409 
ZX4 C1  H1   sing N N 410 
ZX4 C1  H2   sing N N 411 
ZX4 C10 H3   sing N N 412 
ZX4 C10 H4   sing N N 413 
ZX4 C11 H5   sing N N 414 
ZX4 C11 H6   sing N N 415 
ZX4 C12 H7   sing N N 416 
ZX4 C14 H8   sing N N 417 
ZX4 C19 H9   sing N N 418 
ZX4 C20 H10  sing N N 419 
ZX4 C21 H11  sing N N 420 
ZX4 C22 H12  sing N N 421 
ZX4 C24 H13  sing N N 422 
ZX4 C3  H14  sing N N 423 
ZX4 C4  H15  sing N N 424 
ZX4 C4  H16  sing N N 425 
ZX4 C5  H17  sing N N 426 
ZX4 C5  H18  sing N N 427 
ZX4 C6  H19  sing N N 428 
ZX4 C8  H20  sing N N 429 
ZX4 C8  H21  sing N N 430 
ZX4 C9  H22  sing N N 431 
ZX4 C9  H23  sing N N 432 
ZX4 N2  H24  sing N N 433 
ZX4 N2  H25  sing N N 434 
ZX4 N6  H26  sing N N 435 
ZX4 N6  H27  sing N N 436 
ZX4 N8  H29  sing N N 437 
ZX4 N9  H30  sing N N 438 
ZX4 O2  H31  sing N N 439 
ZX4 O3  H32  sing N N 440 
ZX4 O4  H33  sing N N 441 
# 
_pdbx_audit_support.funding_organization   'National Institutes of Health/National Cancer Institute (NIH/NCI)' 
_pdbx_audit_support.country                'United States' 
_pdbx_audit_support.grant_number           'Intramural Research Program' 
_pdbx_audit_support.ordinal                1 
# 
_pdbx_entity_instance_feature.ordinal        1 
_pdbx_entity_instance_feature.comp_id        ZX4 
_pdbx_entity_instance_feature.asym_id        ? 
_pdbx_entity_instance_feature.seq_num        ? 
_pdbx_entity_instance_feature.auth_comp_id   ZX4 
_pdbx_entity_instance_feature.auth_asym_id   ? 
_pdbx_entity_instance_feature.auth_seq_num   ? 
_pdbx_entity_instance_feature.feature_type   'SUBJECT OF INVESTIGATION' 
_pdbx_entity_instance_feature.details        ? 
# 
_pdbx_initial_refinement_model.id               1 
_pdbx_initial_refinement_model.entity_id_list   ? 
_pdbx_initial_refinement_model.type             'experimental model' 
_pdbx_initial_refinement_model.source_name      PDB 
_pdbx_initial_refinement_model.accession_code   3HD2 
_pdbx_initial_refinement_model.details          ? 
# 
_atom_sites.entry_id                    8SIF 
_atom_sites.Cartn_transf_matrix[1][1]   ? 
_atom_sites.Cartn_transf_matrix[1][2]   ? 
_atom_sites.Cartn_transf_matrix[1][3]   ? 
_atom_sites.Cartn_transf_matrix[2][1]   ? 
_atom_sites.Cartn_transf_matrix[2][2]   ? 
_atom_sites.Cartn_transf_matrix[2][3]   ? 
_atom_sites.Cartn_transf_matrix[3][1]   ? 
_atom_sites.Cartn_transf_matrix[3][2]   ? 
_atom_sites.Cartn_transf_matrix[3][3]   ? 
_atom_sites.Cartn_transf_vector[1]      ? 
_atom_sites.Cartn_transf_vector[2]      ? 
_atom_sites.Cartn_transf_vector[3]      ? 
_atom_sites.fract_transf_matrix[1][1]   0.00085204 
_atom_sites.fract_transf_matrix[1][2]   0.00293059 
_atom_sites.fract_transf_matrix[1][3]   -0.01233620 
_atom_sites.fract_transf_matrix[2][1]   0.00799852 
_atom_sites.fract_transf_matrix[2][2]   0.01665680 
_atom_sites.fract_transf_matrix[2][3]   0.00450944 
_atom_sites.fract_transf_matrix[3][1]   0.02519061 
_atom_sites.fract_transf_matrix[3][2]   -0.01020639 
_atom_sites.fract_transf_matrix[3][3]   -0.00698132 
_atom_sites.fract_transf_vector[1]      0.248226 
_atom_sites.fract_transf_vector[2]      -0.010219 
_atom_sites.fract_transf_vector[3]      0.293767 
_atom_sites.solution_primary            ? 
_atom_sites.solution_secondary          ? 
_atom_sites.solution_hydrogens          ? 
_atom_sites.special_details             ? 
# 
loop_
_atom_type.symbol 
C 
N 
O 
S 
# 
loop_
_atom_site.group_PDB 
_atom_site.id 
_atom_site.type_symbol 
_atom_site.label_atom_id 
_atom_site.label_alt_id 
_atom_site.label_comp_id 
_atom_site.label_asym_id 
_atom_site.label_entity_id 
_atom_site.label_seq_id 
_atom_site.pdbx_PDB_ins_code 
_atom_site.Cartn_x 
_atom_site.Cartn_y 
_atom_site.Cartn_z 
_atom_site.occupancy 
_atom_site.B_iso_or_equiv 
_atom_site.pdbx_formal_charge 
_atom_site.auth_seq_id 
_atom_site.auth_comp_id 
_atom_site.auth_asym_id 
_atom_site.auth_atom_id 
_atom_site.pdbx_PDB_model_num 
ATOM   1    N N   . THR A 1 2   ? 0.077   1.074   -17.824 1.00 26.03 ? 1   THR A N   1 
ATOM   2    C CA  . THR A 1 2   ? 1.126   1.474   -16.893 1.00 30.25 ? 1   THR A CA  1 
ATOM   3    C C   . THR A 1 2   ? 1.066   0.606   -15.637 1.00 31.57 ? 1   THR A C   1 
ATOM   4    O O   . THR A 1 2   ? -0.025  0.298   -15.158 1.00 26.10 ? 1   THR A O   1 
ATOM   5    C CB  . THR A 1 2   ? 0.934   2.943   -16.469 1.00 30.94 ? 1   THR A CB  1 
ATOM   6    O OG1 . THR A 1 2   ? 0.640   3.745   -17.622 1.00 32.08 ? 1   THR A OG1 1 
ATOM   7    C CG2 . THR A 1 2   ? 2.187   3.474   -15.800 1.00 32.35 ? 1   THR A CG2 1 
ATOM   8    N N   . VAL A 1 3   ? 2.211   0.219   -15.081 1.00 21.71 ? 2   VAL A N   1 
ATOM   9    C CA  . VAL A 1 3   ? 2.214   -0.573  -13.856 1.00 21.99 ? 2   VAL A CA  1 
ATOM   10   C C   . VAL A 1 3   ? 2.285   0.367   -12.664 1.00 27.19 ? 2   VAL A C   1 
ATOM   11   O O   . VAL A 1 3   ? 3.287   1.063   -12.468 1.00 21.07 ? 2   VAL A O   1 
ATOM   12   C CB  . VAL A 1 3   ? 3.370   -1.585  -13.830 1.00 23.92 ? 2   VAL A CB  1 
ATOM   13   C CG1 . VAL A 1 3   ? 3.341   -2.367  -12.526 1.00 27.38 ? 2   VAL A CG1 1 
ATOM   14   C CG2 . VAL A 1 3   ? 3.268   -2.529  -15.003 1.00 25.44 ? 2   VAL A CG2 1 
ATOM   15   N N   . ALA A 1 4   ? 1.231   0.377   -11.857 1.00 22.23 ? 3   ALA A N   1 
ATOM   16   C CA  . ALA A 1 4   ? 1.202   1.142   -10.620 1.00 21.35 ? 3   ALA A CA  1 
ATOM   17   C C   . ALA A 1 4   ? 1.404   0.193   -9.447  1.00 24.85 ? 3   ALA A C   1 
ATOM   18   O O   . ALA A 1 4   ? 0.849   -0.912  -9.427  1.00 22.85 ? 3   ALA A O   1 
ATOM   19   C CB  . ALA A 1 4   ? -0.135  1.868   -10.459 1.00 23.07 ? 3   ALA A CB  1 
ATOM   20   N N   . TYR A 1 5   ? 2.198   0.619   -8.470  1.00 19.90 ? 4   TYR A N   1 
ATOM   21   C CA  . TYR A 1 5   ? 2.433   -0.182  -7.274  1.00 18.25 ? 4   TYR A CA  1 
ATOM   22   C C   . TYR A 1 5   ? 1.740   0.486   -6.099  1.00 25.49 ? 4   TYR A C   1 
ATOM   23   O O   . TYR A 1 5   ? 2.032   1.645   -5.781  1.00 20.91 ? 4   TYR A O   1 
ATOM   24   C CB  . TYR A 1 5   ? 3.927   -0.358  -7.003  1.00 16.24 ? 4   TYR A CB  1 
ATOM   25   C CG  . TYR A 1 5   ? 4.581   -1.267  -8.003  1.00 16.53 ? 4   TYR A CG  1 
ATOM   26   C CD1 . TYR A 1 5   ? 4.525   -2.657  -7.857  1.00 16.78 ? 4   TYR A CD1 1 
ATOM   27   C CD2 . TYR A 1 5   ? 5.211   -0.751  -9.117  1.00 17.40 ? 4   TYR A CD2 1 
ATOM   28   C CE1 . TYR A 1 5   ? 5.127   -3.487  -8.778  1.00 19.84 ? 4   TYR A CE1 1 
ATOM   29   C CE2 . TYR A 1 5   ? 5.806   -1.576  -10.042 1.00 22.21 ? 4   TYR A CE2 1 
ATOM   30   C CZ  . TYR A 1 5   ? 5.762   -2.934  -9.872  1.00 19.00 ? 4   TYR A CZ  1 
ATOM   31   O OH  . TYR A 1 5   ? 6.368   -3.745  -10.802 1.00 22.79 ? 4   TYR A OH  1 
ATOM   32   N N   . ILE A 1 6   ? 0.821   -0.238  -5.464  1.00 15.06 ? 5   ILE A N   1 
ATOM   33   C CA  . ILE A 1 6   ? 0.000   0.310   -4.386  1.00 16.67 ? 5   ILE A CA  1 
ATOM   34   C C   . ILE A 1 6   ? 0.325   -0.411  -3.084  1.00 19.15 ? 5   ILE A C   1 
ATOM   35   O O   . ILE A 1 6   ? 0.311   -1.649  -3.031  1.00 18.33 ? 5   ILE A O   1 
ATOM   36   C CB  . ILE A 1 6   ? -1.501  0.241   -4.729  1.00 20.71 ? 5   ILE A CB  1 
ATOM   37   C CG1 . ILE A 1 6   ? -1.853  1.294   -5.771  1.00 23.70 ? 5   ILE A CG1 1 
ATOM   38   C CG2 . ILE A 1 6   ? -2.355  0.514   -3.499  1.00 18.66 ? 5   ILE A CG2 1 
ATOM   39   C CD1 . ILE A 1 6   ? -1.480  0.953   -7.179  1.00 33.89 ? 5   ILE A CD1 1 
ATOM   40   N N   . ALA A 1 7   ? 0.652   0.363   -2.046  1.00 16.75 ? 6   ALA A N   1 
ATOM   41   C CA  . ALA A 1 7   ? 0.798   -0.175  -0.702  1.00 20.58 ? 6   ALA A CA  1 
ATOM   42   C C   . ALA A 1 7   ? -0.562  -0.243  -0.023  1.00 23.01 ? 6   ALA A C   1 
ATOM   43   O O   . ALA A 1 7   ? -1.364  0.687   -0.110  1.00 19.72 ? 6   ALA A O   1 
ATOM   44   C CB  . ALA A 1 7   ? 1.747   0.692   0.132   1.00 19.06 ? 6   ALA A CB  1 
ATOM   45   N N   . ILE A 1 8   ? -0.827  -1.360  0.646   1.00 14.95 ? 7   ILE A N   1 
ATOM   46   C CA  . ILE A 1 8   ? -2.058  -1.556  1.395   1.00 19.42 ? 7   ILE A CA  1 
ATOM   47   C C   . ILE A 1 8   ? -1.709  -1.872  2.840   1.00 23.69 ? 7   ILE A C   1 
ATOM   48   O O   . ILE A 1 8   ? -0.933  -2.798  3.114   1.00 20.71 ? 7   ILE A O   1 
ATOM   49   C CB  . ILE A 1 8   ? -2.951  -2.645  0.767   1.00 19.06 ? 7   ILE A CB  1 
ATOM   50   C CG1 . ILE A 1 8   ? -4.143  -2.943  1.676   1.00 26.61 ? 7   ILE A CG1 1 
ATOM   51   C CG2 . ILE A 1 8   ? -2.155  -3.909  0.475   1.00 34.92 ? 7   ILE A CG2 1 
ATOM   52   C CD1 . ILE A 1 8   ? -5.269  -3.704  0.984   1.00 30.30 ? 7   ILE A CD1 1 
ATOM   53   N N   . GLY A 1 9   ? -2.269  -1.099  3.753   1.00 21.17 ? 8   GLY A N   1 
ATOM   54   C CA  . GLY A 1 9   ? -2.098  -1.359  5.174   1.00 23.25 ? 8   GLY A CA  1 
ATOM   55   C C   . GLY A 1 9   ? -3.426  -1.310  5.891   1.00 25.57 ? 8   GLY A C   1 
ATOM   56   O O   . GLY A 1 9   ? -4.311  -0.535  5.531   1.00 20.53 ? 8   GLY A O   1 
ATOM   57   N N   . SER A 1 10  ? -3.565  -2.159  6.905   1.00 15.79 ? 9   SER A N   1 
ATOM   58   C CA  . SER A 1 10  ? -4.716  -2.095  7.798   1.00 17.49 ? 9   SER A CA  1 
ATOM   59   C C   . SER A 1 10  ? -4.259  -2.377  9.216   1.00 23.44 ? 9   SER A C   1 
ATOM   60   O O   . SER A 1 10  ? -3.565  -3.368  9.458   1.00 20.69 ? 9   SER A O   1 
ATOM   61   C CB  . SER A 1 10  ? -5.805  -3.113  7.398   1.00 15.18 ? 9   SER A CB  1 
ATOM   62   O OG  . SER A 1 10  ? -6.797  -3.210  8.418   1.00 19.04 ? 9   SER A OG  1 
ATOM   63   N N   . ASN A 1 11  ? -4.685  -1.535  10.157  1.00 17.98 ? 10  ASN A N   1 
ATOM   64   C CA  . ASN A 1 11  ? -4.390  -1.747  11.565  1.00 18.36 ? 10  ASN A CA  1 
ATOM   65   C C   . ASN A 1 11  ? -5.622  -2.123  12.375  1.00 22.49 ? 10  ASN A C   1 
ATOM   66   O O   . ASN A 1 11  ? -5.642  -1.930  13.593  1.00 22.00 ? 10  ASN A O   1 
ATOM   67   C CB  . ASN A 1 11  ? -3.664  -0.542  12.174  1.00 26.58 ? 10  ASN A CB  1 
ATOM   68   C CG  . ASN A 1 11  ? -4.547  0.675   12.271  1.00 28.55 ? 10  ASN A CG  1 
ATOM   69   O OD1 . ASN A 1 11  ? -5.522  0.811   11.533  1.00 29.54 ? 10  ASN A OD1 1 
ATOM   70   N ND2 . ASN A 1 11  ? -4.211  1.577   13.189  1.00 42.13 ? 10  ASN A ND2 1 
ATOM   71   N N   . LEU A 1 12  ? -6.644  -2.677  11.723  1.00 19.70 ? 11  LEU A N   1 
ATOM   72   C CA  . LEU A 1 12  ? -7.729  -3.317  12.448  1.00 17.54 ? 11  LEU A CA  1 
ATOM   73   C C   . LEU A 1 12  ? -7.187  -4.501  13.240  1.00 21.88 ? 11  LEU A C   1 
ATOM   74   O O   . LEU A 1 12  ? -6.234  -5.166  12.826  1.00 18.15 ? 11  LEU A O   1 
ATOM   75   C CB  . LEU A 1 12  ? -8.756  -3.841  11.444  1.00 18.50 ? 11  LEU A CB  1 
ATOM   76   C CG  . LEU A 1 12  ? -10.224 -3.952  11.850  1.00 36.52 ? 11  LEU A CG  1 
ATOM   77   C CD1 . LEU A 1 12  ? -10.829 -2.576  12.050  1.00 29.09 ? 11  LEU A CD1 1 
ATOM   78   C CD2 . LEU A 1 12  ? -10.971 -4.704  10.771  1.00 20.22 ? 11  LEU A CD2 1 
ATOM   79   N N   . ALA A 1 13  ? -7.807  -4.766  14.393  1.00 22.25 ? 12  ALA A N   1 
ATOM   80   C CA  . ALA A 1 13  ? -7.370  -5.879  15.239  1.00 25.37 ? 12  ALA A CA  1 
ATOM   81   C C   . ALA A 1 13  ? -7.361  -7.211  14.486  1.00 31.54 ? 12  ALA A C   1 
ATOM   82   O O   . ALA A 1 13  ? -6.451  -8.032  14.665  1.00 30.17 ? 12  ALA A O   1 
ATOM   83   C CB  . ALA A 1 13  ? -8.257  -5.960  16.483  1.00 29.44 ? 12  ALA A CB  1 
ATOM   84   N N   A SER A 1 14  ? -8.366  -7.435  13.638  0.44 23.43 ? 13  SER A N   1 
ATOM   85   N N   B SER A 1 14  ? -8.368  -7.445  13.649  0.56 23.40 ? 13  SER A N   1 
ATOM   86   C CA  A SER A 1 14  ? -8.467  -8.625  12.793  0.44 21.75 ? 13  SER A CA  1 
ATOM   87   C CA  B SER A 1 14  ? -8.430  -8.630  12.799  0.56 21.70 ? 13  SER A CA  1 
ATOM   88   C C   A SER A 1 14  ? -8.647  -8.143  11.358  0.44 25.27 ? 13  SER A C   1 
ATOM   89   C C   B SER A 1 14  ? -8.637  -8.139  11.373  0.56 25.27 ? 13  SER A C   1 
ATOM   90   O O   A SER A 1 14  ? -9.780  -8.039  10.867  0.44 28.59 ? 13  SER A O   1 
ATOM   91   O O   B SER A 1 14  ? -9.778  -8.017  10.906  0.56 28.62 ? 13  SER A O   1 
ATOM   92   C CB  A SER A 1 14  ? -9.655  -9.497  13.209  0.44 27.31 ? 13  SER A CB  1 
ATOM   93   C CB  B SER A 1 14  ? -9.552  -9.571  13.227  0.56 27.51 ? 13  SER A CB  1 
ATOM   94   O OG  A SER A 1 14  ? -9.488  -10.031 14.510  0.44 26.91 ? 13  SER A OG  1 
ATOM   95   O OG  B SER A 1 14  ? -9.538  -10.744 12.431  0.56 21.55 ? 13  SER A OG  1 
ATOM   96   N N   . PRO A 1 15  ? -7.557  -7.852  10.655  1.00 21.23 ? 14  PRO A N   1 
ATOM   97   C CA  . PRO A 1 15  ? -7.656  -7.134  9.375   1.00 18.83 ? 14  PRO A CA  1 
ATOM   98   C C   . PRO A 1 15  ? -7.808  -7.968  8.109   1.00 21.67 ? 14  PRO A C   1 
ATOM   99   O O   . PRO A 1 15  ? -7.868  -7.370  7.031   1.00 18.52 ? 14  PRO A O   1 
ATOM   100  C CB  . PRO A 1 15  ? -6.311  -6.388  9.336   1.00 21.05 ? 14  PRO A CB  1 
ATOM   101  C CG  . PRO A 1 15  ? -5.359  -7.366  9.989   1.00 21.08 ? 14  PRO A CG  1 
ATOM   102  C CD  . PRO A 1 15  ? -6.154  -8.056  11.073  1.00 19.99 ? 14  PRO A CD  1 
ATOM   103  N N   . LEU A 1 16  ? -7.859  -9.301  8.158   1.00 16.17 ? 15  LEU A N   1 
ATOM   104  C CA  . LEU A 1 16  ? -7.824  -10.058 6.907   1.00 20.12 ? 15  LEU A CA  1 
ATOM   105  C C   . LEU A 1 16  ? -9.026  -9.769  6.022   1.00 21.33 ? 15  LEU A C   1 
ATOM   106  O O   . LEU A 1 16  ? -8.891  -9.655  4.800   1.00 17.60 ? 15  LEU A O   1 
ATOM   107  C CB  . LEU A 1 16  ? -7.742  -11.554 7.173   1.00 13.81 ? 15  LEU A CB  1 
ATOM   108  C CG  . LEU A 1 16  ? -6.347  -11.982 7.599   1.00 16.68 ? 15  LEU A CG  1 
ATOM   109  C CD1 . LEU A 1 16  ? -6.384  -13.446 7.990   1.00 22.02 ? 15  LEU A CD1 1 
ATOM   110  C CD2 . LEU A 1 16  ? -5.339  -11.746 6.474   1.00 21.50 ? 15  LEU A CD2 1 
ATOM   111  N N   A GLU A 1 17  ? -10.219 -9.676  6.614   0.38 16.85 ? 16  GLU A N   1 
ATOM   112  N N   B GLU A 1 17  ? -10.214 -9.656  6.609   0.62 16.67 ? 16  GLU A N   1 
ATOM   113  C CA  A GLU A 1 17  ? -11.405 -9.423  5.802   0.38 21.49 ? 16  GLU A CA  1 
ATOM   114  C CA  B GLU A 1 17  ? -11.386 -9.434  5.773   0.62 21.44 ? 16  GLU A CA  1 
ATOM   115  C C   A GLU A 1 17  ? -11.356 -8.037  5.168   0.38 22.36 ? 16  GLU A C   1 
ATOM   116  C C   B GLU A 1 17  ? -11.411 -8.026  5.185   0.62 22.33 ? 16  GLU A C   1 
ATOM   117  O O   A GLU A 1 17  ? -11.671 -7.880  3.983   0.38 19.01 ? 16  GLU A O   1 
ATOM   118  O O   B GLU A 1 17  ? -11.816 -7.850  4.033   0.62 19.29 ? 16  GLU A O   1 
ATOM   119  C CB  A GLU A 1 17  ? -12.680 -9.597  6.629   0.38 25.56 ? 16  GLU A CB  1 
ATOM   120  C CB  B GLU A 1 17  ? -12.663 -9.784  6.536   0.62 25.76 ? 16  GLU A CB  1 
ATOM   121  C CG  A GLU A 1 17  ? -12.817 -10.948 7.324   0.38 31.04 ? 16  GLU A CG  1 
ATOM   122  C CG  B GLU A 1 17  ? -12.857 -11.290 6.662   0.62 26.91 ? 16  GLU A CG  1 
ATOM   123  C CD  A GLU A 1 17  ? -12.404 -12.120 6.455   0.38 27.28 ? 16  GLU A CD  1 
ATOM   124  C CD  B GLU A 1 17  ? -13.838 -11.671 7.752   0.62 33.66 ? 16  GLU A CD  1 
ATOM   125  O OE1 A GLU A 1 17  ? -12.836 -12.187 5.285   0.38 33.15 ? 16  GLU A OE1 1 
ATOM   126  O OE1 B GLU A 1 17  ? -14.556 -10.776 8.242   0.62 35.67 ? 16  GLU A OE1 1 
ATOM   127  O OE2 A GLU A 1 17  ? -11.644 -12.982 6.947   0.38 36.87 ? 16  GLU A OE2 1 
ATOM   128  O OE2 B GLU A 1 17  ? -13.876 -12.863 8.125   0.62 36.56 ? 16  GLU A OE2 1 
ATOM   129  N N   . GLN A 1 18  ? -10.938 -7.026  5.935   1.00 15.68 ? 17  GLN A N   1 
ATOM   130  C CA  . GLN A 1 18  ? -10.851 -5.677  5.384   1.00 14.16 ? 17  GLN A CA  1 
ATOM   131  C C   . GLN A 1 18  ? -9.836  -5.607  4.251   1.00 16.73 ? 17  GLN A C   1 
ATOM   132  O O   . GLN A 1 18  ? -10.078 -4.970  3.225   1.00 15.78 ? 17  GLN A O   1 
ATOM   133  C CB  . GLN A 1 18  ? -10.491 -4.674  6.475   1.00 20.90 ? 17  GLN A CB  1 
ATOM   134  C CG  . GLN A 1 18  ? -10.436 -3.255  5.941   1.00 22.56 ? 17  GLN A CG  1 
ATOM   135  C CD  . GLN A 1 18  ? -10.253 -2.234  7.025   1.00 24.24 ? 17  GLN A CD  1 
ATOM   136  O OE1 . GLN A 1 18  ? -9.320  -2.330  7.828   1.00 23.09 ? 17  GLN A OE1 1 
ATOM   137  N NE2 . GLN A 1 18  ? -11.134 -1.227  7.053   1.00 19.93 ? 17  GLN A NE2 1 
ATOM   138  N N   . VAL A 1 19  ? -8.681  -6.247  4.430   1.00 19.97 ? 18  VAL A N   1 
ATOM   139  C CA  . VAL A 1 19  ? -7.661  -6.228  3.389   1.00 13.71 ? 18  VAL A CA  1 
ATOM   140  C C   . VAL A 1 19  ? -8.151  -6.937  2.126   1.00 17.30 ? 18  VAL A C   1 
ATOM   141  O O   . VAL A 1 19  ? -7.875  -6.493  1.005   1.00 16.01 ? 18  VAL A O   1 
ATOM   142  C CB  . VAL A 1 19  ? -6.352  -6.818  3.940   1.00 14.87 ? 18  VAL A CB  1 
ATOM   143  C CG1 . VAL A 1 19  ? -5.362  -7.095  2.801   1.00 17.35 ? 18  VAL A CG1 1 
ATOM   144  C CG2 . VAL A 1 19  ? -5.754  -5.862  4.976   1.00 21.52 ? 18  VAL A CG2 1 
ATOM   145  N N   . ASN A 1 20  ? -8.849  -8.071  2.277   1.00 17.80 ? 19  ASN A N   1 
ATOM   146  C CA  . ASN A 1 20  ? -9.369  -8.749  1.089   1.00 21.21 ? 19  ASN A CA  1 
ATOM   147  C C   . ASN A 1 20  ? -10.471 -7.944  0.402   1.00 18.44 ? 19  ASN A C   1 
ATOM   148  O O   . ASN A 1 20  ? -10.549 -7.917  -0.834  1.00 17.11 ? 19  ASN A O   1 
ATOM   149  C CB  . ASN A 1 20  ? -9.852  -10.149 1.424   1.00 20.93 ? 19  ASN A CB  1 
ATOM   150  C CG  . ASN A 1 20  ? -8.732  -11.156 1.343   1.00 33.13 ? 19  ASN A CG  1 
ATOM   151  O OD1 . ASN A 1 20  ? -8.201  -11.419 0.259   1.00 33.49 ? 19  ASN A OD1 1 
ATOM   152  N ND2 . ASN A 1 20  ? -8.334  -11.696 2.487   1.00 30.00 ? 19  ASN A ND2 1 
ATOM   153  N N   . ALA A 1 21  ? -11.326 -7.283  1.178   1.00 19.14 ? 20  ALA A N   1 
ATOM   154  C CA  . ALA A 1 21  ? -12.324 -6.405  0.567   1.00 22.63 ? 20  ALA A CA  1 
ATOM   155  C C   . ALA A 1 21  ? -11.657 -5.287  -0.227  1.00 22.42 ? 20  ALA A C   1 
ATOM   156  O O   . ALA A 1 21  ? -12.133 -4.908  -1.307  1.00 20.99 ? 20  ALA A O   1 
ATOM   157  C CB  . ALA A 1 21  ? -13.244 -5.826  1.639   1.00 21.42 ? 20  ALA A CB  1 
ATOM   158  N N   . ALA A 1 22  ? -10.546 -4.754  0.288   1.00 17.65 ? 21  ALA A N   1 
ATOM   159  C CA  . ALA A 1 22  ? -9.850  -3.690  -0.422  1.00 14.55 ? 21  ALA A CA  1 
ATOM   160  C C   . ALA A 1 22  ? -9.165  -4.212  -1.678  1.00 17.83 ? 21  ALA A C   1 
ATOM   161  O O   . ALA A 1 22  ? -9.140  -3.521  -2.698  1.00 18.71 ? 21  ALA A O   1 
ATOM   162  C CB  . ALA A 1 22  ? -8.851  -2.980  0.498   1.00 21.82 ? 21  ALA A CB  1 
ATOM   163  N N   . LEU A 1 23  ? -8.564  -5.410  -1.612  1.00 17.30 ? 22  LEU A N   1 
ATOM   164  C CA  . LEU A 1 23  ? -7.928  -5.992  -2.794  1.00 16.89 ? 22  LEU A CA  1 
ATOM   165  C C   . LEU A 1 23  ? -8.952  -6.321  -3.871  1.00 17.88 ? 22  LEU A C   1 
ATOM   166  O O   . LEU A 1 23  ? -8.687  -6.154  -5.067  1.00 21.38 ? 22  LEU A O   1 
ATOM   167  C CB  . LEU A 1 23  ? -7.222  -7.285  -2.404  1.00 18.84 ? 22  LEU A CB  1 
ATOM   168  C CG  . LEU A 1 23  ? -5.881  -7.169  -1.700  1.00 25.09 ? 22  LEU A CG  1 
ATOM   169  C CD1 . LEU A 1 23  ? -5.400  -8.571  -1.395  1.00 27.17 ? 22  LEU A CD1 1 
ATOM   170  C CD2 . LEU A 1 23  ? -4.909  -6.455  -2.612  1.00 31.47 ? 22  LEU A CD2 1 
ATOM   171  N N   A LYS A 1 24  ? -10.110 -6.834  -3.467  0.52 17.49 ? 23  LYS A N   1 
ATOM   172  N N   B LYS A 1 24  ? -10.117 -6.828  -3.472  0.48 17.48 ? 23  LYS A N   1 
ATOM   173  C CA  A LYS A 1 24  ? -11.176 -7.065  -4.431  0.52 16.99 ? 23  LYS A CA  1 
ATOM   174  C CA  B LYS A 1 24  ? -11.166 -7.063  -4.458  0.48 17.00 ? 23  LYS A CA  1 
ATOM   175  C C   A LYS A 1 24  ? -11.596 -5.753  -5.075  0.52 21.88 ? 23  LYS A C   1 
ATOM   176  C C   B LYS A 1 24  ? -11.606 -5.748  -5.082  0.48 21.87 ? 23  LYS A C   1 
ATOM   177  O O   A LYS A 1 24  ? -11.785 -5.678  -6.295  0.52 23.17 ? 23  LYS A O   1 
ATOM   178  O O   B LYS A 1 24  ? -11.822 -5.668  -6.298  0.48 23.21 ? 23  LYS A O   1 
ATOM   179  C CB  A LYS A 1 24  ? -12.358 -7.721  -3.728  0.52 19.80 ? 23  LYS A CB  1 
ATOM   180  C CB  B LYS A 1 24  ? -12.346 -7.787  -3.816  0.48 19.90 ? 23  LYS A CB  1 
ATOM   181  C CG  A LYS A 1 24  ? -13.413 -8.248  -4.672  0.52 21.04 ? 23  LYS A CG  1 
ATOM   182  C CG  B LYS A 1 24  ? -13.406 -8.217  -4.823  0.48 21.04 ? 23  LYS A CG  1 
ATOM   183  C CD  A LYS A 1 24  ? -14.705 -8.486  -3.933  0.52 18.44 ? 23  LYS A CD  1 
ATOM   184  C CD  B LYS A 1 24  ? -13.956 -9.590  -4.488  0.48 23.90 ? 23  LYS A CD  1 
ATOM   185  C CE  A LYS A 1 24  ? -15.785 -8.954  -4.894  0.52 30.28 ? 23  LYS A CE  1 
ATOM   186  C CE  B LYS A 1 24  ? -14.822 -10.138 -5.614  0.48 29.30 ? 23  LYS A CE  1 
ATOM   187  N NZ  A LYS A 1 24  ? -15.760 -8.155  -6.150  0.52 33.05 ? 23  LYS A NZ  1 
ATOM   188  N NZ  B LYS A 1 24  ? -16.090 -9.381  -5.792  0.48 27.14 ? 23  LYS A NZ  1 
ATOM   189  N N   . ALA A 1 25  ? -11.694 -4.696  -4.267  1.00 17.25 ? 24  ALA A N   1 
ATOM   190  C CA  . ALA A 1 25  ? -12.081 -3.385  -4.783  1.00 18.14 ? 24  ALA A CA  1 
ATOM   191  C C   . ALA A 1 25  ? -11.042 -2.831  -5.752  1.00 17.70 ? 24  ALA A C   1 
ATOM   192  O O   . ALA A 1 25  ? -11.398 -2.219  -6.767  1.00 20.86 ? 24  ALA A O   1 
ATOM   193  C CB  . ALA A 1 25  ? -12.292 -2.430  -3.614  1.00 16.99 ? 24  ALA A CB  1 
ATOM   194  N N   . LEU A 1 26  ? -9.750  -3.029  -5.455  1.00 15.80 ? 25  LEU A N   1 
ATOM   195  C CA  . LEU A 1 26  ? -8.699  -2.591  -6.370  1.00 16.58 ? 25  LEU A CA  1 
ATOM   196  C C   . LEU A 1 26  ? -8.794  -3.304  -7.709  1.00 21.13 ? 25  LEU A C   1 
ATOM   197  O O   . LEU A 1 26  ? -8.589  -2.695  -8.767  1.00 22.43 ? 25  LEU A O   1 
ATOM   198  C CB  . LEU A 1 26  ? -7.331  -2.854  -5.745  1.00 18.31 ? 25  LEU A CB  1 
ATOM   199  C CG  . LEU A 1 26  ? -6.893  -1.996  -4.561  1.00 18.58 ? 25  LEU A CG  1 
ATOM   200  C CD1 . LEU A 1 26  ? -5.603  -2.571  -3.947  1.00 20.45 ? 25  LEU A CD1 1 
ATOM   201  C CD2 . LEU A 1 26  ? -6.688  -0.549  -4.998  1.00 21.90 ? 25  LEU A CD2 1 
ATOM   202  N N   . GLY A 1 27  ? -9.052  -4.611  -7.687  1.00 23.62 ? 26  GLY A N   1 
ATOM   203  C CA  . GLY A 1 27  ? -9.160  -5.332  -8.937  1.00 24.68 ? 26  GLY A CA  1 
ATOM   204  C C   . GLY A 1 27  ? -10.346 -4.905  -9.771  1.00 25.19 ? 26  GLY A C   1 
ATOM   205  O O   . GLY A 1 27  ? -10.333 -5.092  -10.992 1.00 34.74 ? 26  GLY A O   1 
ATOM   206  N N   . ASP A 1 28  ? -11.360 -4.317  -9.144  1.00 18.47 ? 27  ASP A N   1 
ATOM   207  C CA  . ASP A 1 28  ? -12.570 -3.888  -9.843  1.00 22.73 ? 27  ASP A CA  1 
ATOM   208  C C   . ASP A 1 28  ? -12.512 -2.447  -10.329 1.00 30.27 ? 27  ASP A C   1 
ATOM   209  O O   . ASP A 1 28  ? -13.490 -1.973  -10.910 1.00 28.97 ? 27  ASP A O   1 
ATOM   210  C CB  . ASP A 1 28  ? -13.808 -4.086  -8.963  1.00 26.15 ? 27  ASP A CB  1 
ATOM   211  C CG  . ASP A 1 28  ? -14.163 -5.555  -8.763  1.00 35.47 ? 27  ASP A CG  1 
ATOM   212  O OD1 . ASP A 1 28  ? -13.680 -6.420  -9.533  1.00 31.92 ? 27  ASP A OD1 1 
ATOM   213  O OD2 . ASP A 1 28  ? -14.939 -5.842  -7.826  1.00 44.36 ? 27  ASP A OD2 1 
ATOM   214  N N   . ILE A 1 29  ? -11.406 -1.743  -10.110 1.00 25.99 ? 28  ILE A N   1 
ATOM   215  C CA  . ILE A 1 29  ? -11.263 -0.381  -10.639 1.00 24.01 ? 28  ILE A CA  1 
ATOM   216  C C   . ILE A 1 29  ? -11.319 -0.428  -12.163 1.00 24.79 ? 28  ILE A C   1 
ATOM   217  O O   . ILE A 1 29  ? -10.706 -1.321  -12.775 1.00 20.75 ? 28  ILE A O   1 
ATOM   218  C CB  . ILE A 1 29  ? -9.932  0.216   -10.154 1.00 20.62 ? 28  ILE A CB  1 
ATOM   219  C CG1 . ILE A 1 29  ? -9.984  0.466   -8.643  1.00 21.51 ? 28  ILE A CG1 1 
ATOM   220  C CG2 . ILE A 1 29  ? -9.595  1.502   -10.907 1.00 30.44 ? 28  ILE A CG2 1 
ATOM   221  C CD1 . ILE A 1 29  ? -8.642  0.895   -8.053  1.00 18.91 ? 28  ILE A CD1 1 
ATOM   222  N N   . PRO A 1 30  ? -12.028 0.484   -12.831 1.00 32.98 ? 29  PRO A N   1 
ATOM   223  C CA  . PRO A 1 30  ? -12.113 0.427   -14.297 1.00 30.73 ? 29  PRO A CA  1 
ATOM   224  C C   . PRO A 1 30  ? -10.753 0.527   -14.974 1.00 26.12 ? 29  PRO A C   1 
ATOM   225  O O   . PRO A 1 30  ? -9.822  1.162   -14.470 1.00 25.11 ? 29  PRO A O   1 
ATOM   226  C CB  . PRO A 1 30  ? -12.985 1.644   -14.647 1.00 33.77 ? 29  PRO A CB  1 
ATOM   227  C CG  . PRO A 1 30  ? -12.842 2.555   -13.469 1.00 32.84 ? 29  PRO A CG  1 
ATOM   228  C CD  . PRO A 1 30  ? -12.798 1.616   -12.292 1.00 26.79 ? 29  PRO A CD  1 
ATOM   229  N N   . GLU A 1 31  ? -10.662 -0.106  -16.147 1.00 26.18 ? 30  GLU A N   1 
ATOM   230  C CA  . GLU A 1 31  ? -9.489  -0.019  -17.018 1.00 24.98 ? 30  GLU A CA  1 
ATOM   231  C C   . GLU A 1 31  ? -8.210  -0.462  -16.304 1.00 30.79 ? 30  GLU A C   1 
ATOM   232  O O   . GLU A 1 31  ? -7.118  0.026   -16.610 1.00 26.17 ? 30  GLU A O   1 
ATOM   233  C CB  . GLU A 1 31  ? -9.324  1.377   -17.627 1.00 32.73 ? 30  GLU A CB  1 
ATOM   234  C CG  . GLU A 1 31  ? -10.581 1.951   -18.279 1.00 44.46 ? 30  GLU A CG  1 
ATOM   235  C CD  . GLU A 1 31  ? -10.361 3.346   -18.848 1.00 48.83 ? 30  GLU A CD  1 
ATOM   236  O OE1 . GLU A 1 31  ? -9.674  3.468   -19.887 1.00 62.57 ? 30  GLU A OE1 1 
ATOM   237  O OE2 . GLU A 1 31  ? -10.866 4.321   -18.250 1.00 52.48 ? 30  GLU A OE2 1 
ATOM   238  N N   . SER A 1 32  ? -8.346  -1.379  -15.344 1.00 20.82 ? 31  SER A N   1 
ATOM   239  C CA  . SER A 1 32  ? -7.233  -1.798  -14.498 1.00 17.33 ? 31  SER A CA  1 
ATOM   240  C C   . SER A 1 32  ? -7.426  -3.251  -14.096 1.00 22.65 ? 31  SER A C   1 
ATOM   241  O O   . SER A 1 32  ? -8.531  -3.788  -14.152 1.00 27.28 ? 31  SER A O   1 
ATOM   242  C CB  . SER A 1 32  ? -7.168  -0.974  -13.211 1.00 24.80 ? 31  SER A CB  1 
ATOM   243  O OG  . SER A 1 32  ? -7.329  0.395   -13.500 1.00 24.14 ? 31  SER A OG  1 
ATOM   244  N N   . HIS A 1 33  ? -6.337  -3.879  -13.664 1.00 20.99 ? 32  HIS A N   1 
ATOM   245  C CA  . HIS A 1 33  ? -6.447  -5.222  -13.111 1.00 23.01 ? 32  HIS A CA  1 
ATOM   246  C C   . HIS A 1 33  ? -5.168  -5.558  -12.366 1.00 23.29 ? 32  HIS A C   1 
ATOM   247  O O   . HIS A 1 33  ? -4.097  -5.036  -12.679 1.00 26.52 ? 32  HIS A O   1 
ATOM   248  C CB  . HIS A 1 33  ? -6.748  -6.288  -14.172 1.00 32.58 ? 32  HIS A CB  1 
ATOM   249  C CG  . HIS A 1 33  ? -5.585  -6.621  -15.052 1.00 28.66 ? 32  HIS A CG  1 
ATOM   250  N ND1 . HIS A 1 33  ? -5.199  -5.823  -16.108 1.00 27.70 ? 32  HIS A ND1 1 
ATOM   251  C CD2 . HIS A 1 33  ? -4.751  -7.690  -15.063 1.00 32.25 ? 32  HIS A CD2 1 
ATOM   252  C CE1 . HIS A 1 33  ? -4.162  -6.373  -16.716 1.00 29.56 ? 32  HIS A CE1 1 
ATOM   253  N NE2 . HIS A 1 33  ? -3.867  -7.504  -16.099 1.00 37.10 ? 32  HIS A NE2 1 
ATOM   254  N N   . ILE A 1 34  ? -5.312  -6.418  -11.360 1.00 22.28 ? 33  ILE A N   1 
ATOM   255  C CA  . ILE A 1 34  ? -4.185  -6.790  -10.512 1.00 19.14 ? 33  ILE A CA  1 
ATOM   256  C C   . ILE A 1 34  ? -3.271  -7.733  -11.274 1.00 20.73 ? 33  ILE A C   1 
ATOM   257  O O   . ILE A 1 34  ? -3.727  -8.704  -11.896 1.00 22.37 ? 33  ILE A O   1 
ATOM   258  C CB  . ILE A 1 34  ? -4.694  -7.430  -9.211  1.00 16.53 ? 33  ILE A CB  1 
ATOM   259  C CG1 . ILE A 1 34  ? -5.551  -6.427  -8.443  1.00 18.04 ? 33  ILE A CG1 1 
ATOM   260  C CG2 . ILE A 1 34  ? -3.515  -7.915  -8.362  1.00 15.30 ? 33  ILE A CG2 1 
ATOM   261  C CD1 . ILE A 1 34  ? -6.099  -6.974  -7.134  1.00 25.68 ? 33  ILE A CD1 1 
ATOM   262  N N   . LEU A 1 35  ? -1.966  -7.445  -11.240 1.00 17.80 ? 34  LEU A N   1 
ATOM   263  C CA  . LEU A 1 35  ? -0.977  -8.362  -11.794 1.00 21.44 ? 34  LEU A CA  1 
ATOM   264  C C   . LEU A 1 35  ? -0.408  -9.280  -10.726 1.00 24.89 ? 34  LEU A C   1 
ATOM   265  O O   . LEU A 1 35  ? -0.285  -10.488 -10.954 1.00 23.19 ? 34  LEU A O   1 
ATOM   266  C CB  . LEU A 1 35  ? 0.173   -7.589  -12.450 1.00 20.22 ? 34  LEU A CB  1 
ATOM   267  C CG  . LEU A 1 35  ? -0.159  -6.697  -13.653 1.00 29.14 ? 34  LEU A CG  1 
ATOM   268  C CD1 . LEU A 1 35  ? 1.009   -5.788  -13.993 1.00 35.12 ? 34  LEU A CD1 1 
ATOM   269  C CD2 . LEU A 1 35  ? -0.565  -7.514  -14.873 1.00 26.25 ? 34  LEU A CD2 1 
ATOM   270  N N   A THR A 1 36  ? -0.013  -8.717  -9.579  0.38 20.92 ? 35  THR A N   1 
ATOM   271  N N   B THR A 1 36  ? -0.072  -8.739  -9.554  0.62 20.94 ? 35  THR A N   1 
ATOM   272  C CA  A THR A 1 36  ? 0.547   -9.482  -8.469  0.38 16.96 ? 35  THR A CA  1 
ATOM   273  C CA  B THR A 1 36  ? 0.477   -9.556  -8.480  0.62 16.85 ? 35  THR A CA  1 
ATOM   274  C C   A THR A 1 36  ? 0.107   -8.849  -7.156  0.38 19.40 ? 35  THR A C   1 
ATOM   275  C C   B THR A 1 36  ? 0.242   -8.857  -7.148  0.62 19.45 ? 35  THR A C   1 
ATOM   276  O O   A THR A 1 36  ? -0.200  -7.653  -7.089  0.38 17.99 ? 35  THR A O   1 
ATOM   277  O O   B THR A 1 36  ? 0.162   -7.626  -7.076  0.62 17.96 ? 35  THR A O   1 
ATOM   278  C CB  A THR A 1 36  ? 2.087   -9.503  -8.482  0.38 21.42 ? 35  THR A CB  1 
ATOM   279  C CB  B THR A 1 36  ? 1.967   -9.869  -8.713  0.62 23.33 ? 35  THR A CB  1 
ATOM   280  O OG1 A THR A 1 36  ? 2.586   -8.215  -8.108  0.38 29.45 ? 35  THR A OG1 1 
ATOM   281  O OG1 B THR A 1 36  ? 2.415   -10.857 -7.779  0.62 23.00 ? 35  THR A OG1 1 
ATOM   282  C CG2 A THR A 1 36  ? 2.643   -9.871  -9.852  0.38 20.90 ? 35  THR A CG2 1 
ATOM   283  C CG2 B THR A 1 36  ? 2.816   -8.636  -8.561  0.62 25.73 ? 35  THR A CG2 1 
ATOM   284  N N   . VAL A 1 37  ? 0.092   -9.664  -6.104  1.00 16.94 ? 36  VAL A N   1 
ATOM   285  C CA  . VAL A 1 37  ? -0.074  -9.197  -4.731  1.00 16.47 ? 36  VAL A CA  1 
ATOM   286  C C   . VAL A 1 37  ? 1.043   -9.807  -3.893  1.00 20.29 ? 36  VAL A C   1 
ATOM   287  O O   . VAL A 1 37  ? 1.275   -11.024 -3.944  1.00 16.51 ? 36  VAL A O   1 
ATOM   288  C CB  . VAL A 1 37  ? -1.433  -9.606  -4.141  1.00 14.84 ? 36  VAL A CB  1 
ATOM   289  C CG1 . VAL A 1 37  ? -1.567  -9.073  -2.703  1.00 17.50 ? 36  VAL A CG1 1 
ATOM   290  C CG2 . VAL A 1 37  ? -2.599  -9.159  -5.034  1.00 18.14 ? 36  VAL A CG2 1 
ATOM   291  N N   . SER A 1 38  ? 1.710   -8.978  -3.100  1.00 18.32 ? 37  SER A N   1 
ATOM   292  C CA  . SER A 1 38  ? 2.712   -9.501  -2.193  1.00 17.01 ? 37  SER A CA  1 
ATOM   293  C C   . SER A 1 38  ? 2.061   -10.368 -1.117  1.00 18.65 ? 37  SER A C   1 
ATOM   294  O O   . SER A 1 38  ? 0.834   -10.402 -0.954  1.00 18.18 ? 37  SER A O   1 
ATOM   295  C CB  . SER A 1 38  ? 3.466   -8.350  -1.522  1.00 14.23 ? 37  SER A CB  1 
ATOM   296  O OG  . SER A 1 38  ? 2.711   -7.809  -0.446  1.00 15.29 ? 37  SER A OG  1 
ATOM   297  N N   . SER A 1 39  ? 2.901   -11.108 -0.399  1.00 16.06 ? 38  SER A N   1 
ATOM   298  C CA  . SER A 1 39  ? 2.455   -11.722 0.842   1.00 15.24 ? 38  SER A CA  1 
ATOM   299  C C   . SER A 1 39  ? 1.941   -10.652 1.800   1.00 16.77 ? 38  SER A C   1 
ATOM   300  O O   . SER A 1 39  ? 2.225   -9.454  1.658   1.00 20.53 ? 38  SER A O   1 
ATOM   301  C CB  . SER A 1 39  ? 3.620   -12.464 1.510   1.00 21.44 ? 38  SER A CB  1 
ATOM   302  O OG  . SER A 1 39  ? 4.090   -13.505 0.679   1.00 24.91 ? 38  SER A OG  1 
ATOM   303  N N   . PHE A 1 40  ? 1.185   -11.094 2.803   1.00 17.79 ? 39  PHE A N   1 
ATOM   304  C CA  . PHE A 1 40  ? 0.771   -10.207 3.879   1.00 18.28 ? 39  PHE A CA  1 
ATOM   305  C C   . PHE A 1 40  ? 1.829   -10.234 4.973   1.00 17.98 ? 39  PHE A C   1 
ATOM   306  O O   . PHE A 1 40  ? 2.269   -11.306 5.393   1.00 22.89 ? 39  PHE A O   1 
ATOM   307  C CB  . PHE A 1 40  ? -0.576  -10.633 4.458   1.00 21.45 ? 39  PHE A CB  1 
ATOM   308  C CG  . PHE A 1 40  ? -1.717  -10.587 3.460   1.00 20.78 ? 39  PHE A CG  1 
ATOM   309  C CD1 . PHE A 1 40  ? -1.572  -9.950  2.235   1.00 18.67 ? 39  PHE A CD1 1 
ATOM   310  C CD2 . PHE A 1 40  ? -2.919  -11.188 3.756   1.00 21.73 ? 39  PHE A CD2 1 
ATOM   311  C CE1 . PHE A 1 40  ? -2.615  -9.908  1.325   1.00 22.75 ? 39  PHE A CE1 1 
ATOM   312  C CE2 . PHE A 1 40  ? -3.979  -11.146 2.848   1.00 18.00 ? 39  PHE A CE2 1 
ATOM   313  C CZ  . PHE A 1 40  ? -3.817  -10.515 1.632   1.00 20.92 ? 39  PHE A CZ  1 
ATOM   314  N N   . TYR A 1 41  ? 2.211   -9.060  5.448   1.00 15.79 ? 40  TYR A N   1 
ATOM   315  C CA  . TYR A 1 41  ? 3.252   -8.933  6.454   1.00 20.40 ? 40  TYR A CA  1 
ATOM   316  C C   . TYR A 1 41  ? 2.695   -8.248  7.691   1.00 22.52 ? 40  TYR A C   1 
ATOM   317  O O   . TYR A 1 41  ? 1.764   -7.437  7.610   1.00 24.12 ? 40  TYR A O   1 
ATOM   318  C CB  . TYR A 1 41  ? 4.406   -8.107  5.926   1.00 15.56 ? 40  TYR A CB  1 
ATOM   319  C CG  . TYR A 1 41  ? 5.156   -8.758  4.790   1.00 20.76 ? 40  TYR A CG  1 
ATOM   320  C CD1 . TYR A 1 41  ? 4.779   -8.552  3.477   1.00 17.87 ? 40  TYR A CD1 1 
ATOM   321  C CD2 . TYR A 1 41  ? 6.247   -9.581  5.037   1.00 23.09 ? 40  TYR A CD2 1 
ATOM   322  C CE1 . TYR A 1 41  ? 5.468   -9.143  2.425   1.00 19.19 ? 40  TYR A CE1 1 
ATOM   323  C CE2 . TYR A 1 41  ? 6.941   -10.173 4.003   1.00 19.80 ? 40  TYR A CE2 1 
ATOM   324  C CZ  . TYR A 1 41  ? 6.551   -9.961  2.701   1.00 26.28 ? 40  TYR A CZ  1 
ATOM   325  O OH  . TYR A 1 41  ? 7.253   -10.557 1.673   1.00 24.15 ? 40  TYR A OH  1 
ATOM   326  N N   . ARG A 1 42  ? 3.297   -8.553  8.833   1.00 22.07 ? 41  ARG A N   1 
ATOM   327  C CA  . ARG A 1 42  ? 2.899   -7.994  10.115  1.00 22.03 ? 41  ARG A CA  1 
ATOM   328  C C   . ARG A 1 42  ? 3.961   -7.006  10.569  1.00 21.92 ? 41  ARG A C   1 
ATOM   329  O O   . ARG A 1 42  ? 5.150   -7.332  10.583  1.00 21.45 ? 41  ARG A O   1 
ATOM   330  C CB  . ARG A 1 42  ? 2.749   -9.114  11.147  1.00 23.78 ? 41  ARG A CB  1 
ATOM   331  C CG  . ARG A 1 42  ? 2.360   -8.642  12.534  1.00 25.07 ? 41  ARG A CG  1 
ATOM   332  C CD  . ARG A 1 42  ? 2.316   -9.810  13.496  1.00 30.42 ? 41  ARG A CD  1 
ATOM   333  N NE  . ARG A 1 42  ? 1.395   -10.835 13.019  1.00 27.01 ? 41  ARG A NE  1 
ATOM   334  C CZ  . ARG A 1 42  ? 0.101   -10.859 13.302  1.00 29.25 ? 41  ARG A CZ  1 
ATOM   335  N NH1 . ARG A 1 42  ? -0.457  -9.931  14.064  1.00 24.34 ? 41  ARG A NH1 1 
ATOM   336  N NH2 . ARG A 1 42  ? -0.652  -11.846 12.820  1.00 28.10 ? 41  ARG A NH2 1 
ATOM   337  N N   A THR A 1 43  ? 3.544   -5.792  10.901  0.20 21.60 ? 42  THR A N   1 
ATOM   338  N N   B THR A 1 43  ? 3.530   -5.810  10.946  0.80 21.49 ? 42  THR A N   1 
ATOM   339  C CA  A THR A 1 43  ? 4.471   -4.802  11.447  0.20 21.89 ? 42  THR A CA  1 
ATOM   340  C CA  B THR A 1 43  ? 4.434   -4.767  11.431  0.80 21.73 ? 42  THR A CA  1 
ATOM   341  C C   A THR A 1 43  ? 3.984   -4.354  12.812  0.20 24.50 ? 42  THR A C   1 
ATOM   342  C C   B THR A 1 43  ? 3.975   -4.343  12.816  0.80 24.39 ? 42  THR A C   1 
ATOM   343  O O   A THR A 1 43  ? 2.933   -3.689  12.908  0.20 24.64 ? 42  THR A O   1 
ATOM   344  O O   B THR A 1 43  ? 2.927   -3.679  12.938  0.80 24.46 ? 42  THR A O   1 
ATOM   345  C CB  A THR A 1 43  ? 4.651   -3.599  10.523  0.20 22.20 ? 42  THR A CB  1 
ATOM   346  C CB  B THR A 1 43  ? 4.399   -3.566  10.487  0.80 21.87 ? 42  THR A CB  1 
ATOM   347  O OG1 A THR A 1 43  ? 3.395   -2.943  10.331  0.20 19.93 ? 42  THR A OG1 1 
ATOM   348  O OG1 B THR A 1 43  ? 4.559   -4.011  9.133   0.80 27.86 ? 42  THR A OG1 1 
ATOM   349  C CG2 A THR A 1 43  ? 5.202   -4.038  9.188   0.20 24.48 ? 42  THR A CG2 1 
ATOM   350  C CG2 B THR A 1 43  ? 5.515   -2.579  10.827  0.80 18.31 ? 42  THR A CG2 1 
ATOM   351  N N   . PRO A 1 44  ? 4.698   -4.680  13.878  1.00 26.42 ? 43  PRO A N   1 
ATOM   352  C CA  . PRO A 1 44  ? 4.286   -4.251  15.211  1.00 25.55 ? 43  PRO A CA  1 
ATOM   353  C C   . PRO A 1 44  ? 4.484   -2.753  15.342  1.00 38.40 ? 43  PRO A C   1 
ATOM   354  O O   . PRO A 1 44  ? 5.294   -2.166  14.610  1.00 39.81 ? 43  PRO A O   1 
ATOM   355  C CB  . PRO A 1 44  ? 5.249   -5.011  16.144  1.00 49.55 ? 43  PRO A CB  1 
ATOM   356  C CG  . PRO A 1 44  ? 6.005   -5.990  15.260  1.00 40.17 ? 43  PRO A CG  1 
ATOM   357  C CD  . PRO A 1 44  ? 5.988   -5.392  13.894  1.00 32.85 ? 43  PRO A CD  1 
ATOM   358  N N   . PRO A 1 45  ? 3.746   -2.093  16.229  1.00 45.46 ? 44  PRO A N   1 
ATOM   359  C CA  . PRO A 1 45  ? 3.986   -0.667  16.461  1.00 60.92 ? 44  PRO A CA  1 
ATOM   360  C C   . PRO A 1 45  ? 5.229   -0.458  17.315  1.00 59.04 ? 44  PRO A C   1 
ATOM   361  O O   . PRO A 1 45  ? 5.547   -1.252  18.204  1.00 53.53 ? 44  PRO A O   1 
ATOM   362  C CB  . PRO A 1 45  ? 2.724   -0.219  17.205  1.00 64.13 ? 44  PRO A CB  1 
ATOM   363  C CG  . PRO A 1 45  ? 2.296   -1.440  17.942  1.00 63.86 ? 44  PRO A CG  1 
ATOM   364  C CD  . PRO A 1 45  ? 2.607   -2.596  17.017  1.00 50.27 ? 44  PRO A CD  1 
ATOM   365  N N   . LEU A 1 46  ? 5.937   0.635   17.026  1.00 67.48 ? 45  LEU A N   1 
ATOM   366  C CA  . LEU A 1 46  ? 7.250   0.870   17.619  1.00 81.90 ? 45  LEU A CA  1 
ATOM   367  C C   . LEU A 1 46  ? 7.196   1.642   18.935  1.00 82.77 ? 45  LEU A C   1 
ATOM   368  O O   . LEU A 1 46  ? 8.042   1.412   19.811  1.00 57.22 ? 45  LEU A O   1 
ATOM   369  C CB  . LEU A 1 46  ? 8.166   1.585   16.615  1.00 73.85 ? 45  LEU A CB  1 
ATOM   370  C CG  . LEU A 1 46  ? 9.642   1.763   16.988  1.00 66.77 ? 45  LEU A CG  1 
ATOM   371  C CD1 . LEU A 1 46  ? 10.212  0.476   17.571  1.00 72.23 ? 45  LEU A CD1 1 
ATOM   372  C CD2 . LEU A 1 46  ? 10.447  2.207   15.769  1.00 48.22 ? 45  LEU A CD2 1 
ATOM   373  N N   . GLY A 1 47  ? 6.224   2.545   19.099  1.00 69.94 ? 46  GLY A N   1 
ATOM   374  C CA  . GLY A 1 47  ? 6.093   3.313   20.315  1.00 63.38 ? 46  GLY A CA  1 
ATOM   375  C C   . GLY A 1 47  ? 5.142   2.678   21.314  1.00 75.54 ? 46  GLY A C   1 
ATOM   376  O O   . GLY A 1 47  ? 5.483   1.717   22.012  1.00 77.52 ? 46  GLY A O   1 
ATOM   377  N N   . PRO A 1 48  ? 3.924   3.215   21.403  1.00 68.37 ? 47  PRO A N   1 
ATOM   378  C CA  . PRO A 1 48  ? 2.937   2.655   22.337  1.00 71.52 ? 47  PRO A CA  1 
ATOM   379  C C   . PRO A 1 48  ? 2.481   1.280   21.867  1.00 68.60 ? 47  PRO A C   1 
ATOM   380  O O   . PRO A 1 48  ? 2.021   1.117   20.735  1.00 59.68 ? 47  PRO A O   1 
ATOM   381  C CB  . PRO A 1 48  ? 1.786   3.671   22.291  1.00 67.91 ? 47  PRO A CB  1 
ATOM   382  C CG  . PRO A 1 48  ? 2.362   4.903   21.637  1.00 61.79 ? 47  PRO A CG  1 
ATOM   383  C CD  . PRO A 1 48  ? 3.404   4.395   20.696  1.00 65.16 ? 47  PRO A CD  1 
ATOM   384  N N   . GLN A 1 49  ? 2.603   0.290   22.752  1.00 68.85 ? 48  GLN A N   1 
ATOM   385  C CA  . GLN A 1 49  ? 2.313   -1.093  22.396  1.00 58.08 ? 48  GLN A CA  1 
ATOM   386  C C   . GLN A 1 49  ? 0.827   -1.432  22.423  1.00 63.24 ? 48  GLN A C   1 
ATOM   387  O O   . GLN A 1 49  ? 0.472   -2.589  22.167  1.00 52.17 ? 48  GLN A O   1 
ATOM   388  C CB  . GLN A 1 49  ? 3.092   -2.051  23.302  1.00 57.23 ? 48  GLN A CB  1 
ATOM   389  C CG  . GLN A 1 49  ? 4.563   -1.687  23.440  1.00 62.89 ? 48  GLN A CG  1 
ATOM   390  C CD  . GLN A 1 49  ? 5.417   -2.839  23.939  1.00 69.83 ? 48  GLN A CD  1 
ATOM   391  O OE1 . GLN A 1 49  ? 4.964   -3.984  23.994  1.00 79.83 ? 48  GLN A OE1 1 
ATOM   392  N NE2 . GLN A 1 49  ? 6.662   -2.542  24.305  1.00 76.66 ? 48  GLN A NE2 1 
ATOM   393  N N   . ASP A 1 50  ? -0.047  -0.464  22.718  1.00 59.47 ? 49  ASP A N   1 
ATOM   394  C CA  . ASP A 1 50  ? -1.481  -0.735  22.731  1.00 62.84 ? 49  ASP A CA  1 
ATOM   395  C C   . ASP A 1 50  ? -2.094  -0.707  21.335  1.00 62.08 ? 49  ASP A C   1 
ATOM   396  O O   . ASP A 1 50  ? -3.106  -1.377  21.096  1.00 71.55 ? 49  ASP A O   1 
ATOM   397  C CB  . ASP A 1 50  ? -2.212  0.229   23.673  1.00 58.35 ? 49  ASP A CB  1 
ATOM   398  C CG  . ASP A 1 50  ? -1.806  1.678   23.462  1.00 72.81 ? 49  ASP A CG  1 
ATOM   399  O OD1 . ASP A 1 50  ? -0.608  1.992   23.629  1.00 71.40 ? 49  ASP A OD1 1 
ATOM   400  O OD2 . ASP A 1 50  ? -2.687  2.503   23.133  1.00 81.22 ? 49  ASP A OD2 1 
ATOM   401  N N   . GLN A 1 51  ? -1.508  0.055   20.416  1.00 66.89 ? 50  GLN A N   1 
ATOM   402  C CA  . GLN A 1 51  ? -1.980  0.053   19.041  1.00 48.72 ? 50  GLN A CA  1 
ATOM   403  C C   . GLN A 1 51  ? -1.822  -1.346  18.456  1.00 54.05 ? 50  GLN A C   1 
ATOM   404  O O   . GLN A 1 51  ? -0.846  -2.042  18.763  1.00 55.19 ? 50  GLN A O   1 
ATOM   405  C CB  . GLN A 1 51  ? -1.154  1.032   18.210  1.00 52.56 ? 50  GLN A CB  1 
ATOM   406  C CG  . GLN A 1 51  ? -1.057  2.422   18.809  1.00 58.98 ? 50  GLN A CG  1 
ATOM   407  C CD  . GLN A 1 51  ? 0.106   3.219   18.244  1.00 75.35 ? 50  GLN A CD  1 
ATOM   408  O OE1 . GLN A 1 51  ? 1.170   2.668   17.957  1.00 77.58 ? 50  GLN A OE1 1 
ATOM   409  N NE2 . GLN A 1 51  ? -0.092  4.525   18.083  1.00 80.27 ? 50  GLN A NE2 1 
ATOM   410  N N   . PRO A 1 52  ? -2.756  -1.795  17.624  1.00 45.88 ? 51  PRO A N   1 
ATOM   411  C CA  . PRO A 1 52  ? -2.614  -3.119  17.015  1.00 52.81 ? 51  PRO A CA  1 
ATOM   412  C C   . PRO A 1 52  ? -1.467  -3.136  16.015  1.00 37.49 ? 51  PRO A C   1 
ATOM   413  O O   . PRO A 1 52  ? -0.959  -2.097  15.577  1.00 37.15 ? 51  PRO A O   1 
ATOM   414  C CB  . PRO A 1 52  ? -3.963  -3.344  16.311  1.00 39.08 ? 51  PRO A CB  1 
ATOM   415  C CG  . PRO A 1 52  ? -4.887  -2.280  16.861  1.00 53.46 ? 51  PRO A CG  1 
ATOM   416  C CD  . PRO A 1 52  ? -3.998  -1.125  17.209  1.00 49.52 ? 51  PRO A CD  1 
ATOM   417  N N   . ASP A 1 53  ? -1.038  -4.349  15.682  1.00 32.60 ? 52  ASP A N   1 
ATOM   418  C CA  . ASP A 1 53  ? -0.129  -4.521  14.564  1.00 26.52 ? 52  ASP A CA  1 
ATOM   419  C C   . ASP A 1 53  ? -0.797  -4.054  13.275  1.00 32.49 ? 52  ASP A C   1 
ATOM   420  O O   . ASP A 1 53  ? -2.026  -4.035  13.143  1.00 26.28 ? 52  ASP A O   1 
ATOM   421  C CB  . ASP A 1 53  ? 0.249   -5.995  14.415  1.00 33.48 ? 52  ASP A CB  1 
ATOM   422  C CG  . ASP A 1 53  ? 0.952   -6.549  15.649  1.00 43.87 ? 52  ASP A CG  1 
ATOM   423  O OD1 . ASP A 1 53  ? 1.607   -5.774  16.374  1.00 32.76 ? 52  ASP A OD1 1 
ATOM   424  O OD2 . ASP A 1 53  ? 0.850   -7.766  15.896  1.00 36.35 ? 52  ASP A OD2 1 
ATOM   425  N N   . TYR A 1 54  ? 0.029   -3.672  12.315  1.00 19.65 ? 53  TYR A N   1 
ATOM   426  C CA  . TYR A 1 54  ? -0.428  -3.393  10.965  1.00 23.89 ? 53  TYR A CA  1 
ATOM   427  C C   . TYR A 1 54  ? -0.241  -4.636  10.116  1.00 22.59 ? 53  TYR A C   1 
ATOM   428  O O   . TYR A 1 54  ? 0.759   -5.350  10.261  1.00 20.42 ? 53  TYR A O   1 
ATOM   429  C CB  . TYR A 1 54  ? 0.409   -2.287  10.342  1.00 23.42 ? 53  TYR A CB  1 
ATOM   430  C CG  . TYR A 1 54  ? -0.229  -0.926  10.378  1.00 20.63 ? 53  TYR A CG  1 
ATOM   431  C CD1 . TYR A 1 54  ? -0.035  -0.085  11.457  1.00 30.63 ? 53  TYR A CD1 1 
ATOM   432  C CD2 . TYR A 1 54  ? -1.003  -0.478  9.319   1.00 30.10 ? 53  TYR A CD2 1 
ATOM   433  C CE1 . TYR A 1 54  ? -0.596  1.159   11.489  1.00 25.14 ? 53  TYR A CE1 1 
ATOM   434  C CE2 . TYR A 1 54  ? -1.574  0.770   9.341   1.00 27.63 ? 53  TYR A CE2 1 
ATOM   435  C CZ  . TYR A 1 54  ? -1.371  1.587   10.430  1.00 33.84 ? 53  TYR A CZ  1 
ATOM   436  O OH  . TYR A 1 54  ? -1.937  2.842   10.467  1.00 47.74 ? 53  TYR A OH  1 
ATOM   437  N N   . LEU A 1 55  ? -1.204  -4.894  9.231   1.00 15.34 ? 54  LEU A N   1 
ATOM   438  C CA  . LEU A 1 55  ? -0.995  -5.811  8.118   1.00 16.83 ? 54  LEU A CA  1 
ATOM   439  C C   . LEU A 1 55  ? -0.617  -4.968  6.912   1.00 19.63 ? 54  LEU A C   1 
ATOM   440  O O   . LEU A 1 55  ? -1.341  -4.025  6.563   1.00 18.17 ? 54  LEU A O   1 
ATOM   441  C CB  . LEU A 1 55  ? -2.268  -6.616  7.826   1.00 17.48 ? 54  LEU A CB  1 
ATOM   442  C CG  . LEU A 1 55  ? -2.137  -7.807  6.862   1.00 22.26 ? 54  LEU A CG  1 
ATOM   443  C CD1 . LEU A 1 55  ? -3.219  -8.832  7.128   1.00 24.86 ? 54  LEU A CD1 1 
ATOM   444  C CD2 . LEU A 1 55  ? -2.158  -7.379  5.390   1.00 20.90 ? 54  LEU A CD2 1 
ATOM   445  N N   . ASN A 1 56  ? 0.512   -5.294  6.281   1.00 15.46 ? 55  ASN A N   1 
ATOM   446  C CA  . ASN A 1 56  ? 0.995   -4.533  5.137   1.00 16.49 ? 55  ASN A CA  1 
ATOM   447  C C   . ASN A 1 56  ? 1.218   -5.456  3.953   1.00 15.26 ? 55  ASN A C   1 
ATOM   448  O O   . ASN A 1 56  ? 1.631   -6.612  4.112   1.00 19.37 ? 55  ASN A O   1 
ATOM   449  C CB  . ASN A 1 56  ? 2.323   -3.820  5.444   1.00 16.79 ? 55  ASN A CB  1 
ATOM   450  C CG  . ASN A 1 56  ? 2.182   -2.769  6.525   1.00 26.81 ? 55  ASN A CG  1 
ATOM   451  O OD1 . ASN A 1 56  ? 2.625   -2.964  7.660   1.00 27.81 ? 55  ASN A OD1 1 
ATOM   452  N ND2 . ASN A 1 56  ? 1.557   -1.647  6.180   1.00 23.24 ? 55  ASN A ND2 1 
ATOM   453  N N   . ALA A 1 57  ? 0.965   -4.924  2.763   1.00 12.15 ? 56  ALA A N   1 
ATOM   454  C CA  . ALA A 1 57  ? 1.183   -5.660  1.530   1.00 12.27 ? 56  ALA A CA  1 
ATOM   455  C C   . ALA A 1 57  ? 1.394   -4.667  0.399   1.00 13.20 ? 56  ALA A C   1 
ATOM   456  O O   . ALA A 1 57  ? 1.221   -3.454  0.561   1.00 17.04 ? 56  ALA A O   1 
ATOM   457  C CB  . ALA A 1 57  ? 0.021   -6.642  1.249   1.00 11.62 ? 56  ALA A CB  1 
ATOM   458  N N   . ALA A 1 58  ? 1.839   -5.184  -0.738  1.00 15.27 ? 57  ALA A N   1 
ATOM   459  C CA  . ALA A 1 58  ? 2.033   -4.385  -1.937  1.00 16.69 ? 57  ALA A CA  1 
ATOM   460  C C   . ALA A 1 58  ? 1.278   -5.055  -3.070  1.00 18.27 ? 57  ALA A C   1 
ATOM   461  O O   . ALA A 1 58  ? 1.155   -6.282  -3.105  1.00 20.67 ? 57  ALA A O   1 
ATOM   462  C CB  . ALA A 1 58  ? 3.515   -4.283  -2.324  1.00 21.36 ? 57  ALA A CB  1 
ATOM   463  N N   . VAL A 1 59  ? 0.754   -4.239  -3.983  1.00 13.72 ? 58  VAL A N   1 
ATOM   464  C CA  . VAL A 1 59  ? -0.037  -4.725  -5.112  1.00 17.00 ? 58  VAL A CA  1 
ATOM   465  C C   . VAL A 1 59  ? 0.527   -4.113  -6.386  1.00 17.84 ? 58  VAL A C   1 
ATOM   466  O O   . VAL A 1 59  ? 0.788   -2.906  -6.435  1.00 19.82 ? 58  VAL A O   1 
ATOM   467  C CB  . VAL A 1 59  ? -1.522  -4.337  -4.967  1.00 22.00 ? 58  VAL A CB  1 
ATOM   468  C CG1 . VAL A 1 59  ? -2.349  -4.969  -6.069  1.00 21.80 ? 58  VAL A CG1 1 
ATOM   469  C CG2 . VAL A 1 59  ? -2.046  -4.731  -3.604  1.00 19.33 ? 58  VAL A CG2 1 
ATOM   470  N N   . ALA A 1 60  ? 0.705   -4.933  -7.416  1.00 13.64 ? 59  ALA A N   1 
ATOM   471  C CA  . ALA A 1 60  ? 1.011   -4.429  -8.749  1.00 15.91 ? 59  ALA A CA  1 
ATOM   472  C C   . ALA A 1 60  ? -0.281  -4.374  -9.550  1.00 21.68 ? 59  ALA A C   1 
ATOM   473  O O   . ALA A 1 60  ? -0.905  -5.411  -9.802  1.00 19.09 ? 59  ALA A O   1 
ATOM   474  C CB  . ALA A 1 60  ? 2.046   -5.291  -9.465  1.00 16.24 ? 59  ALA A CB  1 
ATOM   475  N N   . LEU A 1 61  ? -0.679  -3.170  -9.940  1.00 16.83 ? 60  LEU A N   1 
ATOM   476  C CA  . LEU A 1 61  ? -1.910  -2.937  -10.691 1.00 19.26 ? 60  LEU A CA  1 
ATOM   477  C C   . LEU A 1 61  ? -1.536  -2.422  -12.076 1.00 20.57 ? 60  LEU A C   1 
ATOM   478  O O   . LEU A 1 61  ? -0.901  -1.371  -12.198 1.00 22.22 ? 60  LEU A O   1 
ATOM   479  C CB  . LEU A 1 61  ? -2.750  -1.871  -9.983  1.00 17.27 ? 60  LEU A CB  1 
ATOM   480  C CG  . LEU A 1 61  ? -4.168  -1.724  -10.537 1.00 17.05 ? 60  LEU A CG  1 
ATOM   481  C CD1 . LEU A 1 61  ? -5.127  -2.759  -9.943  1.00 25.10 ? 60  LEU A CD1 1 
ATOM   482  C CD2 . LEU A 1 61  ? -4.693  -0.297  -10.355 1.00 22.89 ? 60  LEU A CD2 1 
ATOM   483  N N   . GLU A 1 62  ? -1.949  -3.132  -13.117 1.00 18.46 ? 61  GLU A N   1 
ATOM   484  C CA  . GLU A 1 62  ? -1.844  -2.598  -14.467 1.00 24.34 ? 61  GLU A CA  1 
ATOM   485  C C   . GLU A 1 62  ? -3.041  -1.686  -14.734 1.00 30.00 ? 61  GLU A C   1 
ATOM   486  O O   . GLU A 1 62  ? -4.188  -2.094  -14.538 1.00 25.66 ? 61  GLU A O   1 
ATOM   487  C CB  . GLU A 1 62  ? -1.850  -3.755  -15.468 1.00 28.82 ? 61  GLU A CB  1 
ATOM   488  C CG  . GLU A 1 62  ? -1.911  -3.324  -16.930 1.00 25.75 ? 61  GLU A CG  1 
ATOM   489  C CD  . GLU A 1 62  ? -0.773  -2.400  -17.301 1.00 43.92 ? 61  GLU A CD  1 
ATOM   490  O OE1 . GLU A 1 62  ? 0.392   -2.730  -16.970 1.00 33.43 ? 61  GLU A OE1 1 
ATOM   491  O OE2 . GLU A 1 62  ? -1.041  -1.336  -17.903 1.00 47.81 ? 61  GLU A OE2 1 
ATOM   492  N N   . THR A 1 63  ? -2.792  -0.455  -15.188 1.00 22.29 ? 62  THR A N   1 
ATOM   493  C CA  . THR A 1 63  ? -3.905  0.463   -15.405 1.00 19.26 ? 62  THR A CA  1 
ATOM   494  C C   . THR A 1 63  ? -3.611  1.423   -16.554 1.00 21.88 ? 62  THR A C   1 
ATOM   495  O O   . THR A 1 63  ? -2.466  1.821   -16.779 1.00 27.51 ? 62  THR A O   1 
ATOM   496  C CB  . THR A 1 63  ? -4.228  1.264   -14.131 1.00 25.03 ? 62  THR A CB  1 
ATOM   497  O OG1 . THR A 1 63  ? -5.323  2.162   -14.381 1.00 27.57 ? 62  THR A OG1 1 
ATOM   498  C CG2 . THR A 1 63  ? -3.014  2.070   -13.687 1.00 27.07 ? 62  THR A CG2 1 
ATOM   499  N N   . SER A 1 64  ? -4.664  1.792   -17.282 1.00 32.57 ? 63  SER A N   1 
ATOM   500  C CA  . SER A 1 64  ? -4.583  2.853   -18.277 1.00 26.33 ? 63  SER A CA  1 
ATOM   501  C C   . SER A 1 64  ? -5.148  4.169   -17.765 1.00 26.05 ? 63  SER A C   1 
ATOM   502  O O   . SER A 1 64  ? -5.223  5.141   -18.523 1.00 29.98 ? 63  SER A O   1 
ATOM   503  C CB  . SER A 1 64  ? -5.275  2.433   -19.582 1.00 41.95 ? 63  SER A CB  1 
ATOM   504  O OG  A SER A 1 64  ? -6.651  2.156   -19.373 0.60 43.26 ? 63  SER A OG  1 
ATOM   505  O OG  B SER A 1 64  ? -6.652  2.167   -19.372 0.40 43.22 ? 63  SER A OG  1 
ATOM   506  N N   . LEU A 1 65  ? -5.535  4.223   -16.494 1.00 22.95 ? 64  LEU A N   1 
ATOM   507  C CA  . LEU A 1 65  ? -6.023  5.458   -15.910 1.00 21.47 ? 64  LEU A CA  1 
ATOM   508  C C   . LEU A 1 65  ? -4.880  6.445   -15.708 1.00 26.36 ? 64  LEU A C   1 
ATOM   509  O O   . LEU A 1 65  ? -3.714  6.072   -15.561 1.00 22.89 ? 64  LEU A O   1 
ATOM   510  C CB  . LEU A 1 65  ? -6.638  5.177   -14.544 1.00 24.49 ? 64  LEU A CB  1 
ATOM   511  C CG  . LEU A 1 65  ? -7.850  4.257   -14.559 1.00 23.67 ? 64  LEU A CG  1 
ATOM   512  C CD1 . LEU A 1 65  ? -8.287  4.015   -13.121 1.00 27.58 ? 64  LEU A CD1 1 
ATOM   513  C CD2 . LEU A 1 65  ? -8.977  4.886   -15.390 1.00 23.94 ? 64  LEU A CD2 1 
ATOM   514  N N   . ALA A 1 66  ? -5.230  7.728   -15.694 1.00 26.12 ? 65  ALA A N   1 
ATOM   515  C CA  . ALA A 1 66  ? -4.272  8.735   -15.303 1.00 21.00 ? 65  ALA A CA  1 
ATOM   516  C C   . ALA A 1 66  ? -3.994  8.618   -13.806 1.00 20.67 ? 65  ALA A C   1 
ATOM   517  O O   . ALA A 1 66  ? -4.846  8.154   -13.040 1.00 23.40 ? 65  ALA A O   1 
ATOM   518  C CB  . ALA A 1 66  ? -4.831  10.128  -15.604 1.00 23.98 ? 65  ALA A CB  1 
ATOM   519  N N   . PRO A 1 67  ? -2.812  9.060   -13.364 1.00 18.54 ? 66  PRO A N   1 
ATOM   520  C CA  . PRO A 1 67  ? -2.472  8.943   -11.936 1.00 18.00 ? 66  PRO A CA  1 
ATOM   521  C C   . PRO A 1 67  ? -3.491  9.529   -10.978 1.00 18.19 ? 66  PRO A C   1 
ATOM   522  O O   . PRO A 1 67  ? -3.843  8.885   -9.986  1.00 21.13 ? 66  PRO A O   1 
ATOM   523  C CB  . PRO A 1 67  ? -1.137  9.684   -11.847 1.00 22.92 ? 66  PRO A CB  1 
ATOM   524  C CG  . PRO A 1 67  ? -0.552  9.595   -13.215 1.00 30.21 ? 66  PRO A CG  1 
ATOM   525  C CD  . PRO A 1 67  ? -1.705  9.628   -14.156 1.00 19.05 ? 66  PRO A CD  1 
ATOM   526  N N   A GLU A 1 68  ? -3.955  10.759  -11.226 0.54 24.98 ? 67  GLU A N   1 
ATOM   527  N N   B GLU A 1 68  ? -3.950  10.759  -11.221 0.46 24.97 ? 67  GLU A N   1 
ATOM   528  C CA  A GLU A 1 68  ? -4.940  11.344  -10.325 0.54 24.15 ? 67  GLU A CA  1 
ATOM   529  C CA  B GLU A 1 68  ? -4.937  11.345  -10.324 0.46 24.17 ? 67  GLU A CA  1 
ATOM   530  C C   A GLU A 1 68  ? -6.267  10.598  -10.385 0.54 19.04 ? 67  GLU A C   1 
ATOM   531  C C   B GLU A 1 68  ? -6.281  10.629  -10.401 0.46 19.08 ? 67  GLU A C   1 
ATOM   532  O O   A GLU A 1 68  ? -7.005  10.575  -9.394  0.54 22.91 ? 67  GLU A O   1 
ATOM   533  O O   B GLU A 1 68  ? -7.041  10.666  -9.428  0.46 22.91 ? 67  GLU A O   1 
ATOM   534  C CB  A GLU A 1 68  ? -5.132  12.837  -10.612 0.54 27.00 ? 67  GLU A CB  1 
ATOM   535  C CB  B GLU A 1 68  ? -5.086  12.847  -10.587 0.46 27.01 ? 67  GLU A CB  1 
ATOM   536  C CG  A GLU A 1 68  ? -5.376  13.652  -9.348  0.54 31.80 ? 67  GLU A CG  1 
ATOM   537  C CG  B GLU A 1 68  ? -5.766  13.206  -11.896 0.46 30.14 ? 67  GLU A CG  1 
ATOM   538  C CD  A GLU A 1 68  ? -5.545  15.144  -9.596  0.54 37.43 ? 67  GLU A CD  1 
ATOM   539  C CD  B GLU A 1 68  ? -4.851  13.097  -13.106 0.46 34.03 ? 67  GLU A CD  1 
ATOM   540  O OE1 A GLU A 1 68  ? -6.701  15.632  -9.571  0.54 34.99 ? 67  GLU A OE1 1 
ATOM   541  O OE1 B GLU A 1 68  ? -3.655  12.747  -12.948 0.46 25.79 ? 67  GLU A OE1 1 
ATOM   542  O OE2 A GLU A 1 68  ? -4.519  15.831  -9.795  0.54 38.09 ? 67  GLU A OE2 1 
ATOM   543  O OE2 B GLU A 1 68  ? -5.339  13.365  -14.225 0.46 35.02 ? 67  GLU A OE2 1 
ATOM   544  N N   . GLU A 1 69  ? -6.584  9.978   -11.528 1.00 21.00 ? 68  GLU A N   1 
ATOM   545  C CA  . GLU A 1 69  ? -7.783  9.145   -11.606 1.00 26.78 ? 68  GLU A CA  1 
ATOM   546  C C   . GLU A 1 69  ? -7.636  7.897   -10.739 1.00 28.95 ? 68  GLU A C   1 
ATOM   547  O O   . GLU A 1 69  ? -8.590  7.473   -10.075 1.00 21.71 ? 68  GLU A O   1 
ATOM   548  C CB  . GLU A 1 69  ? -8.068  8.745   -13.060 1.00 29.78 ? 68  GLU A CB  1 
ATOM   549  C CG  . GLU A 1 69  ? -8.781  9.801   -13.903 1.00 45.71 ? 68  GLU A CG  1 
ATOM   550  C CD  . GLU A 1 69  ? -8.580  9.616   -15.415 1.00 53.51 ? 68  GLU A CD  1 
ATOM   551  O OE1 . GLU A 1 69  ? -8.054  8.566   -15.852 1.00 32.17 ? 68  GLU A OE1 1 
ATOM   552  O OE2 . GLU A 1 69  ? -8.946  10.540  -16.174 1.00 54.84 ? 68  GLU A OE2 1 
ATOM   553  N N   . LEU A 1 70  ? -6.451  7.287   -10.741 1.00 23.84 ? 69  LEU A N   1 
ATOM   554  C CA  . LEU A 1 70  ? -6.218  6.155   -9.848  1.00 22.12 ? 69  LEU A CA  1 
ATOM   555  C C   . LEU A 1 70  ? -6.341  6.577   -8.385  1.00 17.26 ? 69  LEU A C   1 
ATOM   556  O O   . LEU A 1 70  ? -6.964  5.874   -7.580  1.00 21.65 ? 69  LEU A O   1 
ATOM   557  C CB  . LEU A 1 70  ? -4.856  5.513   -10.148 1.00 18.30 ? 69  LEU A CB  1 
ATOM   558  C CG  . LEU A 1 70  ? -4.471  4.333   -9.253  1.00 24.99 ? 69  LEU A CG  1 
ATOM   559  C CD1 . LEU A 1 70  ? -5.428  3.179   -9.451  1.00 20.75 ? 69  LEU A CD1 1 
ATOM   560  C CD2 . LEU A 1 70  ? -3.057  3.876   -9.533  1.00 23.53 ? 69  LEU A CD2 1 
ATOM   561  N N   . LEU A 1 71  ? -5.797  7.751   -8.029  1.00 16.98 ? 70  LEU A N   1 
ATOM   562  C CA  . LEU A 1 71  ? -5.920  8.238   -6.656  1.00 17.46 ? 70  LEU A CA  1 
ATOM   563  C C   . LEU A 1 71  ? -7.382  8.419   -6.256  1.00 16.60 ? 70  LEU A C   1 
ATOM   564  O O   . LEU A 1 71  ? -7.770  8.081   -5.129  1.00 20.28 ? 70  LEU A O   1 
ATOM   565  C CB  . LEU A 1 71  ? -5.134  9.548   -6.483  1.00 19.31 ? 70  LEU A CB  1 
ATOM   566  C CG  . LEU A 1 71  ? -5.158  10.108  -5.056  1.00 18.09 ? 70  LEU A CG  1 
ATOM   567  C CD1 . LEU A 1 71  ? -4.408  9.145   -4.132  1.00 22.15 ? 70  LEU A CD1 1 
ATOM   568  C CD2 . LEU A 1 71  ? -4.551  11.523  -4.981  1.00 19.76 ? 70  LEU A CD2 1 
ATOM   569  N N   . ASN A 1 72  ? -8.205  8.955   -7.164  1.00 19.46 ? 71  ASN A N   1 
ATOM   570  C CA  . ASN A 1 72  ? -9.640  9.084   -6.903  1.00 26.23 ? 71  ASN A CA  1 
ATOM   571  C C   . ASN A 1 72  ? -10.259 7.754   -6.486  1.00 17.27 ? 71  ASN A C   1 
ATOM   572  O O   . ASN A 1 72  ? -11.071 7.697   -5.550  1.00 19.27 ? 71  ASN A O   1 
ATOM   573  C CB  . ASN A 1 72  ? -10.353 9.608   -8.151  1.00 19.53 ? 71  ASN A CB  1 
ATOM   574  C CG  . ASN A 1 72  ? -10.061 11.080  -8.412  1.00 23.13 ? 71  ASN A CG  1 
ATOM   575  O OD1 . ASN A 1 72  ? -9.576  11.800  -7.532  1.00 20.99 ? 71  ASN A OD1 1 
ATOM   576  N ND2 . ASN A 1 72  ? -10.367 11.536  -9.623  1.00 26.27 ? 71  ASN A ND2 1 
ATOM   577  N N   . HIS A 1 73  ? -9.896  6.676   -7.182  1.00 20.25 ? 72  HIS A N   1 
ATOM   578  C CA  . HIS A 1 73  ? -10.445 5.359   -6.871  1.00 25.52 ? 72  HIS A CA  1 
ATOM   579  C C   . HIS A 1 73  ? -9.936  4.824   -5.540  1.00 20.65 ? 72  HIS A C   1 
ATOM   580  O O   . HIS A 1 73  ? -10.723 4.289   -4.749  1.00 19.47 ? 72  HIS A O   1 
ATOM   581  C CB  . HIS A 1 73  ? -10.139 4.386   -8.005  1.00 17.74 ? 72  HIS A CB  1 
ATOM   582  C CG  . HIS A 1 73  ? -10.947 4.636   -9.241  1.00 25.34 ? 72  HIS A CG  1 
ATOM   583  N ND1 . HIS A 1 73  ? -12.192 4.075   -9.442  1.00 25.98 ? 72  HIS A ND1 1 
ATOM   584  C CD2 . HIS A 1 73  ? -10.698 5.399   -10.331 1.00 34.16 ? 72  HIS A CD2 1 
ATOM   585  C CE1 . HIS A 1 73  ? -12.669 4.477   -10.607 1.00 35.88 ? 72  HIS A CE1 1 
ATOM   586  N NE2 . HIS A 1 73  ? -11.783 5.282   -11.165 1.00 29.98 ? 72  HIS A NE2 1 
ATOM   587  N N   . THR A 1 74  ? -8.625  4.945   -5.269  1.00 20.49 ? 73  THR A N   1 
ATOM   588  C CA  . THR A 1 74  ? -8.112  4.481   -3.980  1.00 14.82 ? 73  THR A CA  1 
ATOM   589  C C   . THR A 1 74  ? -8.770  5.225   -2.824  1.00 17.12 ? 73  THR A C   1 
ATOM   590  O O   . THR A 1 74  ? -9.083  4.625   -1.790  1.00 19.95 ? 73  THR A O   1 
ATOM   591  C CB  . THR A 1 74  ? -6.582  4.548   -3.904  1.00 19.99 ? 73  THR A CB  1 
ATOM   592  O OG1 . THR A 1 74  ? -6.133  5.914   -3.927  1.00 21.46 ? 73  THR A OG1 1 
ATOM   593  C CG2 . THR A 1 74  ? -5.963  3.762   -5.056  1.00 19.59 ? 73  THR A CG2 1 
ATOM   594  N N   . GLN A 1 75  ? -9.019  6.526   -2.996  1.00 22.03 ? 74  GLN A N   1 
ATOM   595  C CA  . GLN A 1 75  ? -9.679  7.290   -1.944  1.00 18.77 ? 74  GLN A CA  1 
ATOM   596  C C   . GLN A 1 75  ? -11.153 6.928   -1.820  1.00 18.59 ? 74  GLN A C   1 
ATOM   597  O O   . GLN A 1 75  ? -11.691 6.910   -0.704  1.00 21.51 ? 74  GLN A O   1 
ATOM   598  C CB  . GLN A 1 75  ? -9.480  8.793   -2.172  1.00 17.17 ? 74  GLN A CB  1 
ATOM   599  C CG  . GLN A 1 75  ? -8.042  9.243   -1.902  1.00 15.57 ? 74  GLN A CG  1 
ATOM   600  C CD  . GLN A 1 75  ? -7.831  10.727  -2.150  1.00 24.40 ? 74  GLN A CD  1 
ATOM   601  O OE1 . GLN A 1 75  ? -8.684  11.405  -2.715  1.00 23.02 ? 74  GLN A OE1 1 
ATOM   602  N NE2 . GLN A 1 75  ? -6.696  11.236  -1.711  1.00 18.81 ? 74  GLN A NE2 1 
ATOM   603  N N   . ARG A 1 76  ? -11.816 6.621   -2.937  1.00 16.25 ? 75  ARG A N   1 
ATOM   604  C CA  . ARG A 1 76  ? -13.171 6.077   -2.866  1.00 25.23 ? 75  ARG A CA  1 
ATOM   605  C C   . ARG A 1 76  ? -13.196 4.760   -2.089  1.00 23.58 ? 75  ARG A C   1 
ATOM   606  O O   . ARG A 1 76  ? -14.037 4.558   -1.201  1.00 18.62 ? 75  ARG A O   1 
ATOM   607  C CB  . ARG A 1 76  ? -13.740 5.889   -4.273  1.00 21.03 ? 75  ARG A CB  1 
ATOM   608  C CG  . ARG A 1 76  ? -15.063 5.134   -4.291  1.00 18.57 ? 75  ARG A CG  1 
ATOM   609  C CD  . ARG A 1 76  ? -15.552 4.820   -5.692  1.00 23.93 ? 75  ARG A CD  1 
ATOM   610  N NE  . ARG A 1 76  ? -14.583 4.102   -6.507  1.00 24.33 ? 75  ARG A NE  1 
ATOM   611  C CZ  . ARG A 1 76  ? -14.328 2.802   -6.406  1.00 20.83 ? 75  ARG A CZ  1 
ATOM   612  N NH1 . ARG A 1 76  ? -14.876 2.064   -5.455  1.00 20.19 ? 75  ARG A NH1 1 
ATOM   613  N NH2 . ARG A 1 76  ? -13.504 2.231   -7.281  1.00 19.80 ? 75  ARG A NH2 1 
ATOM   614  N N   . ILE A 1 77  ? -12.258 3.858   -2.387  1.00 20.29 ? 76  ILE A N   1 
ATOM   615  C CA  . ILE A 1 77  ? -12.216 2.589   -1.662  1.00 18.77 ? 76  ILE A CA  1 
ATOM   616  C C   . ILE A 1 77  ? -11.983 2.813   -0.169  1.00 15.77 ? 76  ILE A C   1 
ATOM   617  O O   . ILE A 1 77  ? -12.592 2.145   0.675   1.00 22.70 ? 76  ILE A O   1 
ATOM   618  C CB  . ILE A 1 77  ? -11.195 1.633   -2.311  1.00 23.49 ? 76  ILE A CB  1 
ATOM   619  C CG1 . ILE A 1 77  ? -11.711 1.228   -3.698  1.00 24.11 ? 76  ILE A CG1 1 
ATOM   620  C CG2 . ILE A 1 77  ? -10.947 0.403   -1.431  1.00 17.38 ? 76  ILE A CG2 1 
ATOM   621  C CD1 . ILE A 1 77  ? -10.657 0.745   -4.674  1.00 17.67 ? 76  ILE A CD1 1 
ATOM   622  N N   . GLU A 1 78  ? -11.106 3.755   0.190   1.00 17.44 ? 77  GLU A N   1 
ATOM   623  C CA  . GLU A 1 78  ? -10.908 4.054   1.607   1.00 19.75 ? 77  GLU A CA  1 
ATOM   624  C C   . GLU A 1 78  ? -12.203 4.541   2.258   1.00 27.06 ? 77  GLU A C   1 
ATOM   625  O O   . GLU A 1 78  ? -12.517 4.169   3.396   1.00 21.75 ? 77  GLU A O   1 
ATOM   626  C CB  . GLU A 1 78  ? -9.783  5.082   1.789   1.00 22.12 ? 77  GLU A CB  1 
ATOM   627  C CG  . GLU A 1 78  ? -8.379  4.563   1.403   1.00 20.50 ? 77  GLU A CG  1 
ATOM   628  C CD  . GLU A 1 78  ? -7.313  5.655   1.459   1.00 31.16 ? 77  GLU A CD  1 
ATOM   629  O OE1 . GLU A 1 78  ? -6.151  5.352   1.827   1.00 28.01 ? 77  GLU A OE1 1 
ATOM   630  O OE2 . GLU A 1 78  ? -7.638  6.828   1.158   1.00 31.45 ? 77  GLU A OE2 1 
ATOM   631  N N   . LEU A 1 79  ? -12.974 5.367   1.552   1.00 19.10 ? 78  LEU A N   1 
ATOM   632  C CA  . LEU A 1 79  ? -14.233 5.857   2.110   1.00 21.76 ? 78  LEU A CA  1 
ATOM   633  C C   . LEU A 1 79  ? -15.284 4.758   2.211   1.00 25.79 ? 78  LEU A C   1 
ATOM   634  O O   . LEU A 1 79  ? -16.117 4.779   3.126   1.00 28.35 ? 78  LEU A O   1 
ATOM   635  C CB  . LEU A 1 79  ? -14.761 7.015   1.260   1.00 24.01 ? 78  LEU A CB  1 
ATOM   636  C CG  . LEU A 1 79  ? -14.082 8.371   1.439   1.00 21.41 ? 78  LEU A CG  1 
ATOM   637  C CD1 . LEU A 1 79  ? -14.586 9.367   0.392   1.00 27.17 ? 78  LEU A CD1 1 
ATOM   638  C CD2 . LEU A 1 79  ? -14.305 8.902   2.857   1.00 20.81 ? 78  LEU A CD2 1 
ATOM   639  N N   . GLN A 1 80  ? -15.264 3.795   1.292   1.00 19.27 ? 79  GLN A N   1 
ATOM   640  C CA  . GLN A 1 80  ? -16.310 2.775   1.234   1.00 17.47 ? 79  GLN A CA  1 
ATOM   641  C C   . GLN A 1 80  ? -15.993 1.542   2.068   1.00 25.59 ? 79  GLN A C   1 
ATOM   642  O O   . GLN A 1 80  ? -16.916 0.912   2.601   1.00 29.27 ? 79  GLN A O   1 
ATOM   643  C CB  . GLN A 1 80  ? -16.560 2.336   -0.212  1.00 24.82 ? 79  GLN A CB  1 
ATOM   644  C CG  . GLN A 1 80  ? -17.028 3.462   -1.141  1.00 18.73 ? 79  GLN A CG  1 
ATOM   645  C CD  . GLN A 1 80  ? -17.219 3.016   -2.574  1.00 21.74 ? 79  GLN A CD  1 
ATOM   646  O OE1 . GLN A 1 80  ? -16.397 2.286   -3.130  1.00 21.50 ? 79  GLN A OE1 1 
ATOM   647  N NE2 . GLN A 1 80  ? -18.309 3.464   -3.190  1.00 21.03 ? 79  GLN A NE2 1 
ATOM   648  N N   . GLN A 1 81  ? -14.717 1.176   2.182   1.00 22.67 ? 80  GLN A N   1 
ATOM   649  C CA  . GLN A 1 81  ? -14.306 -0.031  2.887   1.00 24.60 ? 80  GLN A CA  1 
ATOM   650  C C   . GLN A 1 81  ? -13.438 0.238   4.105   1.00 21.75 ? 80  GLN A C   1 
ATOM   651  O O   . GLN A 1 81  ? -13.158 -0.708  4.853   1.00 25.11 ? 80  GLN A O   1 
ATOM   652  C CB  . GLN A 1 81  ? -13.497 -0.958  1.961   1.00 26.43 ? 80  GLN A CB  1 
ATOM   653  C CG  . GLN A 1 81  ? -13.930 -0.996  0.508   1.00 33.02 ? 80  GLN A CG  1 
ATOM   654  C CD  . GLN A 1 81  ? -14.992 -2.032  0.238   1.00 32.33 ? 80  GLN A CD  1 
ATOM   655  O OE1 . GLN A 1 81  ? -15.525 -2.651  1.161   1.00 40.41 ? 80  GLN A OE1 1 
ATOM   656  N NE2 . GLN A 1 81  ? -15.303 -2.236  -1.034  1.00 33.62 ? 80  GLN A NE2 1 
ATOM   657  N N   . GLY A 1 82  ? -12.985 1.479   4.319   1.00 17.35 ? 81  GLY A N   1 
ATOM   658  C CA  . GLY A 1 82  ? -11.934 1.702   5.297   1.00 17.75 ? 81  GLY A CA  1 
ATOM   659  C C   . GLY A 1 82  ? -12.365 1.730   6.749   1.00 20.85 ? 81  GLY A C   1 
ATOM   660  O O   . GLY A 1 82  ? -11.504 1.651   7.632   1.00 21.10 ? 81  GLY A O   1 
ATOM   661  N N   A ARG A 1 83  ? -13.663 1.858   7.022   0.62 19.21 ? 82  ARG A N   1 
ATOM   662  N N   B ARG A 1 83  ? -13.660 1.834   7.028   0.38 19.31 ? 82  ARG A N   1 
ATOM   663  C CA  A ARG A 1 83  ? -14.181 1.868   8.384   0.62 21.57 ? 82  ARG A CA  1 
ATOM   664  C CA  B ARG A 1 83  ? -14.150 1.852   8.398   0.38 21.64 ? 82  ARG A CA  1 
ATOM   665  C C   A ARG A 1 83  ? -14.982 0.600   8.647   0.62 20.15 ? 82  ARG A C   1 
ATOM   666  C C   B ARG A 1 83  ? -15.016 0.632   8.667   0.38 20.23 ? 82  ARG A C   1 
ATOM   667  O O   A ARG A 1 83  ? -15.684 0.105   7.760   0.62 21.17 ? 82  ARG A O   1 
ATOM   668  O O   B ARG A 1 83  ? -15.798 0.210   7.811   0.38 21.22 ? 82  ARG A O   1 
ATOM   669  C CB  A ARG A 1 83  ? -15.055 3.100   8.622   0.62 24.60 ? 82  ARG A CB  1 
ATOM   670  C CB  B ARG A 1 83  ? -14.921 3.129   8.693   0.38 24.71 ? 82  ARG A CB  1 
ATOM   671  C CG  A ARG A 1 83  ? -14.345 4.403   8.263   0.62 27.13 ? 82  ARG A CG  1 
ATOM   672  C CG  B ARG A 1 83  ? -14.014 4.336   8.764   0.38 26.29 ? 82  ARG A CG  1 
ATOM   673  C CD  A ARG A 1 83  ? -15.194 5.642   8.538   0.62 35.66 ? 82  ARG A CD  1 
ATOM   674  C CD  B ARG A 1 83  ? -14.798 5.616   8.839   0.38 35.30 ? 82  ARG A CD  1 
ATOM   675  N NE  A ARG A 1 83  ? -14.615 6.462   9.596   0.62 35.82 ? 82  ARG A NE  1 
ATOM   676  N NE  B ARG A 1 83  ? -15.704 5.637   9.978   0.38 40.36 ? 82  ARG A NE  1 
ATOM   677  C CZ  A ARG A 1 83  ? -15.263 6.848   10.688  0.62 41.44 ? 82  ARG A CZ  1 
ATOM   678  C CZ  B ARG A 1 83  ? -16.553 6.625   10.223  0.38 38.23 ? 82  ARG A CZ  1 
ATOM   679  N NH1 A ARG A 1 83  ? -16.543 6.559   10.872  0.62 39.95 ? 82  ARG A NH1 1 
ATOM   680  N NH1 B ARG A 1 83  ? -16.633 7.676   9.422   0.38 38.90 ? 82  ARG A NH1 1 
ATOM   681  N NH2 A ARG A 1 83  ? -14.613 7.543   11.616  0.62 43.50 ? 82  ARG A NH2 1 
ATOM   682  N NH2 B ARG A 1 83  ? -17.330 6.562   11.302  0.38 34.62 ? 82  ARG A NH2 1 
ATOM   683  N N   . VAL A 1 84  ? -14.868 0.072   9.865   1.00 21.85 ? 83  VAL A N   1 
ATOM   684  C CA  . VAL A 1 84  ? -15.557 -1.151  10.264  1.00 20.06 ? 83  VAL A CA  1 
ATOM   685  C C   . VAL A 1 84  ? -16.487 -0.829  11.423  1.00 23.42 ? 83  VAL A C   1 
ATOM   686  O O   . VAL A 1 84  ? -16.128 -0.078  12.334  1.00 23.34 ? 83  VAL A O   1 
ATOM   687  C CB  . VAL A 1 84  ? -14.549 -2.254  10.659  1.00 26.22 ? 83  VAL A CB  1 
ATOM   688  C CG1 . VAL A 1 84  ? -15.272 -3.466  11.214  1.00 30.62 ? 83  VAL A CG1 1 
ATOM   689  C CG2 . VAL A 1 84  ? -13.712 -2.644  9.457   1.00 23.83 ? 83  VAL A CG2 1 
ATOM   690  N N   . ARG A 1 85  ? -17.687 -1.380  11.376  1.00 24.34 ? 84  ARG A N   1 
ATOM   691  C CA  . ARG A 1 85  ? -18.621 -1.289  12.484  1.00 21.50 ? 84  ARG A CA  1 
ATOM   692  C C   . ARG A 1 85  ? -18.557 -2.595  13.257  1.00 30.78 ? 84  ARG A C   1 
ATOM   693  O O   . ARG A 1 85  ? -18.552 -3.674  12.654  1.00 56.64 ? 84  ARG A O   1 
ATOM   694  C CB  . ARG A 1 85  ? -20.042 -1.068  11.960  1.00 29.64 ? 84  ARG A CB  1 
ATOM   695  C CG  . ARG A 1 85  ? -21.080 -1.096  13.056  1.00 31.76 ? 84  ARG A CG  1 
ATOM   696  C CD  . ARG A 1 85  ? -22.398 -0.484  12.628  1.00 31.68 ? 84  ARG A CD  1 
ATOM   697  N NE  . ARG A 1 85  ? -23.359 -0.551  13.723  1.00 29.88 ? 84  ARG A NE  1 
ATOM   698  C CZ  . ARG A 1 85  ? -24.666 -0.386  13.592  1.00 32.02 ? 84  ARG A CZ  1 
ATOM   699  N NH1 . ARG A 1 85  ? -25.217 -0.133  12.418  1.00 28.03 ? 84  ARG A NH1 1 
ATOM   700  N NH2 . ARG A 1 85  ? -25.442 -0.487  14.671  1.00 34.77 ? 84  ARG A NH2 1 
ATOM   701  N N   . LYS A 1 86  ? -18.509 -2.502  14.581  1.00 42.84 ? 85  LYS A N   1 
ATOM   702  C CA  . LYS A 1 86  ? -18.499 -3.696  15.418  1.00 57.65 ? 85  LYS A CA  1 
ATOM   703  C C   . LYS A 1 86  ? -19.650 -3.765  16.413  1.00 57.84 ? 85  LYS A C   1 
ATOM   704  O O   . LYS A 1 86  ? -20.127 -4.869  16.705  1.00 48.91 ? 85  LYS A O   1 
ATOM   705  C CB  . LYS A 1 86  ? -17.145 -3.842  16.141  1.00 67.24 ? 85  LYS A CB  1 
ATOM   706  C CG  . LYS A 1 86  ? -15.943 -3.997  15.198  1.00 44.73 ? 85  LYS A CG  1 
ATOM   707  C CD  . LYS A 1 86  ? -15.581 -5.471  14.996  1.00 56.05 ? 85  LYS A CD  1 
ATOM   708  C CE  . LYS A 1 86  ? -14.481 -5.628  13.949  1.00 50.29 ? 85  LYS A CE  1 
ATOM   709  N NZ  . LYS A 1 86  ? -14.673 -6.831  13.084  1.00 47.00 ? 85  LYS A NZ  1 
ATOM   710  N N   . ALA A 1 87  ? -20.107 -2.624  16.939  1.00 30.34 ? 86  ALA A N   1 
ATOM   711  C CA  . ALA A 1 87  ? -21.251 -2.581  17.841  1.00 29.65 ? 86  ALA A CA  1 
ATOM   712  C C   . ALA A 1 87  ? -22.183 -1.455  17.424  1.00 29.17 ? 86  ALA A C   1 
ATOM   713  O O   . ALA A 1 87  ? -22.901 -1.580  16.428  1.00 39.49 ? 86  ALA A O   1 
ATOM   714  C CB  . ALA A 1 87  ? -20.800 -2.384  19.288  1.00 37.12 ? 86  ALA A CB  1 
ATOM   715  N N   A GLU A 1 88  ? -22.186 -0.346  18.158  0.55 32.29 ? 87  GLU A N   1 
ATOM   716  N N   B GLU A 1 88  ? -22.144 -0.348  18.165  0.45 32.29 ? 87  GLU A N   1 
ATOM   717  C CA  A GLU A 1 88  ? -23.129 0.733   17.891  0.55 33.71 ? 87  GLU A CA  1 
ATOM   718  C CA  B GLU A 1 88  ? -23.066 0.769   17.999  0.45 33.80 ? 87  GLU A CA  1 
ATOM   719  C C   A GLU A 1 88  ? -22.564 1.853   17.029  0.55 31.01 ? 87  GLU A C   1 
ATOM   720  C C   B GLU A 1 88  ? -22.555 1.851   17.058  0.45 31.04 ? 87  GLU A C   1 
ATOM   721  O O   A GLU A 1 88  ? -23.297 2.797   16.716  0.55 37.07 ? 87  GLU A O   1 
ATOM   722  O O   B GLU A 1 88  ? -23.321 2.757   16.711  0.45 37.00 ? 87  GLU A O   1 
ATOM   723  C CB  A GLU A 1 88  ? -23.700 1.313   19.195  0.55 35.97 ? 87  GLU A CB  1 
ATOM   724  C CB  B GLU A 1 88  ? -23.373 1.394   19.368  0.45 35.75 ? 87  GLU A CB  1 
ATOM   725  C CG  A GLU A 1 88  ? -24.952 0.606   19.709  0.55 31.00 ? 87  GLU A CG  1 
ATOM   726  C CG  B GLU A 1 88  ? -22.132 1.665   20.225  0.45 43.66 ? 87  GLU A CG  1 
ATOM   727  C CD  A GLU A 1 88  ? -24.626 -0.582  20.599  0.55 37.55 ? 87  GLU A CD  1 
ATOM   728  C CD  B GLU A 1 88  ? -22.463 2.134   21.636  0.45 37.52 ? 87  GLU A CD  1 
ATOM   729  O OE1 A GLU A 1 88  ? -24.032 -0.366  21.677  0.55 36.09 ? 87  GLU A OE1 1 
ATOM   730  O OE1 B GLU A 1 88  ? -22.935 3.283   21.794  0.45 44.61 ? 87  GLU A OE1 1 
ATOM   731  O OE2 A GLU A 1 88  ? -24.956 -1.728  20.220  0.55 31.32 ? 87  GLU A OE2 1 
ATOM   732  O OE2 B GLU A 1 88  ? -22.253 1.348   22.589  0.45 24.59 ? 87  GLU A OE2 1 
ATOM   733  N N   . ARG A 1 89  ? -21.296 1.780   16.625  1.00 29.87 ? 88  ARG A N   1 
ATOM   734  C CA  . ARG A 1 89  ? -20.704 2.853   15.835  1.00 39.21 ? 88  ARG A CA  1 
ATOM   735  C C   . ARG A 1 89  ? -19.694 2.309   14.832  1.00 34.98 ? 88  ARG A C   1 
ATOM   736  O O   . ARG A 1 89  ? -19.156 1.211   14.985  1.00 32.10 ? 88  ARG A O   1 
ATOM   737  C CB  . ARG A 1 89  ? -20.065 3.931   16.728  1.00 36.89 ? 88  ARG A CB  1 
ATOM   738  C CG  . ARG A 1 89  ? -19.264 3.382   17.890  1.00 45.01 ? 88  ARG A CG  1 
ATOM   739  C CD  . ARG A 1 89  ? -17.780 3.605   17.710  1.00 46.71 ? 88  ARG A CD  1 
ATOM   740  N NE  . ARG A 1 89  ? -17.012 2.955   18.766  1.00 50.05 ? 88  ARG A NE  1 
ATOM   741  C CZ  . ARG A 1 89  ? -15.701 3.082   18.926  1.00 54.70 ? 88  ARG A CZ  1 
ATOM   742  N NH1 . ARG A 1 89  ? -14.981 3.872   18.146  1.00 44.33 ? 88  ARG A NH1 1 
ATOM   743  N NH2 . ARG A 1 89  ? -15.094 2.390   19.888  1.00 64.57 ? 88  ARG A NH2 1 
ATOM   744  N N   . TRP A 1 90  ? -19.455 3.102   13.790  1.00 29.78 ? 89  TRP A N   1 
ATOM   745  C CA  . TRP A 1 90  ? -18.381 2.832   12.842  1.00 29.33 ? 89  TRP A CA  1 
ATOM   746  C C   . TRP A 1 90  ? -17.069 3.350   13.421  1.00 33.52 ? 89  TRP A C   1 
ATOM   747  O O   . TRP A 1 90  ? -16.967 4.527   13.780  1.00 35.09 ? 89  TRP A O   1 
ATOM   748  C CB  . TRP A 1 90  ? -18.698 3.521   11.514  1.00 23.92 ? 89  TRP A CB  1 
ATOM   749  C CG  . TRP A 1 90  ? -19.850 2.879   10.809  1.00 25.07 ? 89  TRP A CG  1 
ATOM   750  C CD1 . TRP A 1 90  ? -21.179 3.152   10.985  1.00 28.66 ? 89  TRP A CD1 1 
ATOM   751  C CD2 . TRP A 1 90  ? -19.785 1.822   9.840   1.00 31.48 ? 89  TRP A CD2 1 
ATOM   752  N NE1 . TRP A 1 90  ? -21.943 2.335   10.181  1.00 27.80 ? 89  TRP A NE1 1 
ATOM   753  C CE2 . TRP A 1 90  ? -21.114 1.515   9.464   1.00 25.55 ? 89  TRP A CE2 1 
ATOM   754  C CE3 . TRP A 1 90  ? -18.738 1.111   9.251   1.00 24.09 ? 89  TRP A CE3 1 
ATOM   755  C CZ2 . TRP A 1 90  ? -21.416 0.525   8.527   1.00 26.94 ? 89  TRP A CZ2 1 
ATOM   756  C CZ3 . TRP A 1 90  ? -19.039 0.129   8.320   1.00 27.17 ? 89  TRP A CZ3 1 
ATOM   757  C CH2 . TRP A 1 90  ? -20.365 -0.154  7.965   1.00 27.25 ? 89  TRP A CH2 1 
ATOM   758  N N   . GLY A 1 91  ? -16.064 2.473   13.519  1.00 25.82 ? 90  GLY A N   1 
ATOM   759  C CA  . GLY A 1 91  ? -14.779 2.865   14.020  1.00 32.56 ? 90  GLY A CA  1 
ATOM   760  C C   . GLY A 1 91  ? -14.071 3.813   13.068  1.00 31.29 ? 90  GLY A C   1 
ATOM   761  O O   . GLY A 1 91  ? -14.567 4.125   11.979  1.00 31.25 ? 90  GLY A O   1 
ATOM   762  N N   . PRO A 1 92  ? -12.894 4.285   13.470  1.00 34.38 ? 91  PRO A N   1 
ATOM   763  C CA  . PRO A 1 92  ? -12.134 5.176   12.593  1.00 34.68 ? 91  PRO A CA  1 
ATOM   764  C C   . PRO A 1 92  ? -11.585 4.408   11.398  1.00 24.80 ? 91  PRO A C   1 
ATOM   765  O O   . PRO A 1 92  ? -11.554 3.175   11.378  1.00 28.40 ? 91  PRO A O   1 
ATOM   766  C CB  . PRO A 1 92  ? -11.002 5.664   13.496  1.00 44.82 ? 91  PRO A CB  1 
ATOM   767  C CG  . PRO A 1 92  ? -10.757 4.496   14.402  1.00 44.63 ? 91  PRO A CG  1 
ATOM   768  C CD  . PRO A 1 92  ? -12.121 3.897   14.664  1.00 47.23 ? 91  PRO A CD  1 
ATOM   769  N N   . ARG A 1 93  ? -11.163 5.156   10.380  1.00 25.57 ? 92  ARG A N   1 
ATOM   770  C CA  . ARG A 1 93  ? -10.573 4.532   9.200   1.00 25.00 ? 92  ARG A CA  1 
ATOM   771  C C   . ARG A 1 93  ? -9.332  3.732   9.585   1.00 23.92 ? 92  ARG A C   1 
ATOM   772  O O   . ARG A 1 93  ? -8.438  4.229   10.276  1.00 26.43 ? 92  ARG A O   1 
ATOM   773  C CB  . ARG A 1 93  ? -10.234 5.605   8.166   1.00 26.08 ? 92  ARG A CB  1 
ATOM   774  C CG  . ARG A 1 93  ? -9.725  5.093   6.819   1.00 26.39 ? 92  ARG A CG  1 
ATOM   775  C CD  . ARG A 1 93  ? -9.498  6.277   5.889   1.00 42.67 ? 92  ARG A CD  1 
ATOM   776  N NE  . ARG A 1 93  ? -8.429  6.046   4.925   1.00 46.71 ? 92  ARG A NE  1 
ATOM   777  C CZ  . ARG A 1 93  ? -7.134  6.156   5.201   1.00 45.49 ? 92  ARG A CZ  1 
ATOM   778  N NH1 . ARG A 1 93  ? -6.706  6.453   6.419   1.00 52.90 ? 92  ARG A NH1 1 
ATOM   779  N NH2 . ARG A 1 93  ? -6.244  5.956   4.234   1.00 55.67 ? 92  ARG A NH2 1 
ATOM   780  N N   . THR A 1 94  ? -9.294  2.472   9.153   1.00 18.52 ? 93  THR A N   1 
ATOM   781  C CA  . THR A 1 94  ? -8.200  1.582   9.479   1.00 23.95 ? 93  THR A CA  1 
ATOM   782  C C   . THR A 1 94  ? -7.471  1.087   8.244   1.00 27.35 ? 93  THR A C   1 
ATOM   783  O O   . THR A 1 94  ? -6.500  0.337   8.375   1.00 30.12 ? 93  THR A O   1 
ATOM   784  C CB  . THR A 1 94  ? -8.704  0.387   10.298  1.00 22.70 ? 93  THR A CB  1 
ATOM   785  O OG1 . THR A 1 94  ? -9.806  -0.240  9.620   1.00 22.78 ? 93  THR A OG1 1 
ATOM   786  C CG2 . THR A 1 94  ? -9.156  0.851   11.672  1.00 18.84 ? 93  THR A CG2 1 
ATOM   787  N N   . LEU A 1 95  ? -7.904  1.487   7.057   1.00 21.91 ? 94  LEU A N   1 
ATOM   788  C CA  . LEU A 1 95  ? -7.324  1.037   5.801   1.00 18.18 ? 94  LEU A CA  1 
ATOM   789  C C   . LEU A 1 95  ? -6.597  2.197   5.142   1.00 27.95 ? 94  LEU A C   1 
ATOM   790  O O   . LEU A 1 95  ? -7.164  3.285   4.998   1.00 19.95 ? 94  LEU A O   1 
ATOM   791  C CB  . LEU A 1 95  ? -8.431  0.546   4.870   1.00 15.01 ? 94  LEU A CB  1 
ATOM   792  C CG  . LEU A 1 95  ? -8.021  0.192   3.442   1.00 16.11 ? 94  LEU A CG  1 
ATOM   793  C CD1 . LEU A 1 95  ? -7.243  -1.138  3.459   1.00 16.96 ? 94  LEU A CD1 1 
ATOM   794  C CD2 . LEU A 1 95  ? -9.260  0.080   2.554   1.00 17.21 ? 94  LEU A CD2 1 
ATOM   795  N N   . ASP A 1 96  ? -5.352  1.964   4.733   1.00 23.15 ? 95  ASP A N   1 
ATOM   796  C CA  . ASP A 1 96  ? -4.578  2.948   3.999   1.00 19.81 ? 95  ASP A CA  1 
ATOM   797  C C   . ASP A 1 96  ? -4.178  2.374   2.651   1.00 25.32 ? 95  ASP A C   1 
ATOM   798  O O   . ASP A 1 96  ? -3.612  1.280   2.587   1.00 26.08 ? 95  ASP A O   1 
ATOM   799  C CB  . ASP A 1 96  ? -3.314  3.302   4.788   1.00 25.68 ? 95  ASP A CB  1 
ATOM   800  C CG  . ASP A 1 96  ? -3.633  3.914   6.127   1.00 33.31 ? 95  ASP A CG  1 
ATOM   801  O OD1 . ASP A 1 96  ? -4.077  5.080   6.151   1.00 36.67 ? 95  ASP A OD1 1 
ATOM   802  O OD2 . ASP A 1 96  ? -3.490  3.209   7.147   1.00 42.93 ? 95  ASP A OD2 1 
ATOM   803  N N   . LEU A 1 97  ? -4.442  3.122   1.581   1.00 17.64 ? 96  LEU A N   1 
ATOM   804  C CA  . LEU A 1 97  ? -3.994  2.757   0.239   1.00 17.85 ? 96  LEU A CA  1 
ATOM   805  C C   . LEU A 1 97  ? -3.096  3.864   -0.285  1.00 25.16 ? 96  LEU A C   1 
ATOM   806  O O   . LEU A 1 97  ? -3.533  5.012   -0.414  1.00 29.66 ? 96  LEU A O   1 
ATOM   807  C CB  . LEU A 1 97  ? -5.186  2.545   -0.689  1.00 18.16 ? 96  LEU A CB  1 
ATOM   808  C CG  . LEU A 1 97  ? -6.152  1.426   -0.304  1.00 20.84 ? 96  LEU A CG  1 
ATOM   809  C CD1 . LEU A 1 97  ? -7.383  1.444   -1.226  1.00 22.51 ? 96  LEU A CD1 1 
ATOM   810  C CD2 . LEU A 1 97  ? -5.454  0.067   -0.352  1.00 23.22 ? 96  LEU A CD2 1 
ATOM   811  N N   . ASP A 1 98  ? -1.841  3.524   -0.569  1.00 20.65 ? 97  ASP A N   1 
ATOM   812  C CA  . ASP A 1 98  ? -0.831  4.498   -0.955  1.00 19.47 ? 97  ASP A CA  1 
ATOM   813  C C   . ASP A 1 98  ? -0.277  4.122   -2.315  1.00 24.30 ? 97  ASP A C   1 
ATOM   814  O O   . ASP A 1 98  ? 0.159   2.987   -2.519  1.00 25.40 ? 97  ASP A O   1 
ATOM   815  C CB  . ASP A 1 98  ? 0.340   4.494   0.040   1.00 19.86 ? 97  ASP A CB  1 
ATOM   816  C CG  . ASP A 1 98  ? 0.002   5.169   1.353   1.00 50.78 ? 97  ASP A CG  1 
ATOM   817  O OD1 . ASP A 1 98  ? 0.183   6.403   1.455   1.00 56.42 ? 97  ASP A OD1 1 
ATOM   818  O OD2 . ASP A 1 98  ? -0.434  4.464   2.288   1.00 37.98 ? 97  ASP A OD2 1 
ATOM   819  N N   . ILE A 1 99  ? -0.244  5.077   -3.225  1.00 18.97 ? 98  ILE A N   1 
ATOM   820  C CA  . ILE A 1 99  ? 0.440   4.882   -4.496  1.00 16.97 ? 98  ILE A CA  1 
ATOM   821  C C   . ILE A 1 99  ? 1.937   5.072   -4.277  1.00 22.57 ? 98  ILE A C   1 
ATOM   822  O O   . ILE A 1 99  ? 2.406   6.146   -3.880  1.00 19.71 ? 98  ILE A O   1 
ATOM   823  C CB  . ILE A 1 99  ? -0.112  5.833   -5.558  1.00 16.31 ? 98  ILE A CB  1 
ATOM   824  C CG1 . ILE A 1 99  ? -1.622  5.594   -5.709  1.00 24.10 ? 98  ILE A CG1 1 
ATOM   825  C CG2 . ILE A 1 99  ? 0.616   5.651   -6.894  1.00 14.76 ? 98  ILE A CG2 1 
ATOM   826  C CD1 . ILE A 1 99  ? -2.320  6.616   -6.592  1.00 32.22 ? 98  ILE A CD1 1 
ATOM   827  N N   . MET A 1 100 ? 2.696   4.007   -4.477  1.00 16.05 ? 99  MET A N   1 
ATOM   828  C CA  . MET A 1 100 ? 4.128   4.127   -4.260  1.00 14.12 ? 99  MET A CA  1 
ATOM   829  C C   . MET A 1 100 ? 4.825   4.574   -5.529  1.00 20.46 ? 99  MET A C   1 
ATOM   830  O O   . MET A 1 100 ? 5.642   5.501   -5.506  1.00 19.35 ? 99  MET A O   1 
ATOM   831  C CB  . MET A 1 100 ? 4.690   2.771   -3.811  1.00 14.67 ? 99  MET A CB  1 
ATOM   832  C CG  . MET A 1 100 ? 4.249   2.384   -2.405  1.00 17.40 ? 99  MET A CG  1 
ATOM   833  S SD  . MET A 1 100 ? 5.111   0.895   -1.844  1.00 21.69 ? 99  MET A SD  1 
ATOM   834  C CE  . MET A 1 100 ? 4.165   -0.403  -2.644  1.00 16.75 ? 99  MET A CE  1 
ATOM   835  N N   . LEU A 1 101 ? 4.499   3.924   -6.637  1.00 13.57 ? 100 LEU A N   1 
ATOM   836  C CA  . LEU A 1 101 ? 5.083   4.200   -7.935  1.00 12.14 ? 100 LEU A CA  1 
ATOM   837  C C   . LEU A 1 101 ? 4.001   4.101   -8.997  1.00 21.90 ? 100 LEU A C   1 
ATOM   838  O O   . LEU A 1 101 ? 3.024   3.359   -8.857  1.00 21.49 ? 100 LEU A O   1 
ATOM   839  C CB  . LEU A 1 101 ? 6.184   3.202   -8.281  1.00 18.01 ? 100 LEU A CB  1 
ATOM   840  C CG  . LEU A 1 101 ? 7.335   3.203   -7.275  1.00 27.54 ? 100 LEU A CG  1 
ATOM   841  C CD1 . LEU A 1 101 ? 7.994   1.863   -7.256  1.00 27.91 ? 100 LEU A CD1 1 
ATOM   842  C CD2 . LEU A 1 101 ? 8.349   4.296   -7.604  1.00 33.49 ? 100 LEU A CD2 1 
ATOM   843  N N   . PHE A 1 102 ? 4.185   4.853   -10.073 1.00 17.80 ? 101 PHE A N   1 
ATOM   844  C CA  . PHE A 1 102 ? 3.221   4.851   -11.168 1.00 19.90 ? 101 PHE A CA  1 
ATOM   845  C C   . PHE A 1 102 ? 4.017   4.843   -12.468 1.00 21.52 ? 101 PHE A C   1 
ATOM   846  O O   . PHE A 1 102 ? 4.427   5.900   -12.959 1.00 18.14 ? 101 PHE A O   1 
ATOM   847  C CB  . PHE A 1 102 ? 2.309   6.068   -11.079 1.00 18.77 ? 101 PHE A CB  1 
ATOM   848  C CG  . PHE A 1 102 ? 1.136   6.000   -12.016 1.00 17.45 ? 101 PHE A CG  1 
ATOM   849  C CD1 . PHE A 1 102 ? 1.277   6.366   -13.348 1.00 17.14 ? 101 PHE A CD1 1 
ATOM   850  C CD2 . PHE A 1 102 ? -0.087  5.514   -11.579 1.00 27.96 ? 101 PHE A CD2 1 
ATOM   851  C CE1 . PHE A 1 102 ? 0.191   6.277   -14.228 1.00 27.25 ? 101 PHE A CE1 1 
ATOM   852  C CE2 . PHE A 1 102 ? -1.166  5.422   -12.453 1.00 22.25 ? 101 PHE A CE2 1 
ATOM   853  C CZ  . PHE A 1 102 ? -1.021  5.804   -13.775 1.00 24.89 ? 101 PHE A CZ  1 
ATOM   854  N N   . GLY A 1 103 ? 4.202   3.654   -13.037 1.00 25.41 ? 102 GLY A N   1 
ATOM   855  C CA  . GLY A 1 103 ? 5.182   3.528   -14.099 1.00 25.46 ? 102 GLY A CA  1 
ATOM   856  C C   . GLY A 1 103 ? 6.497   4.099   -13.626 1.00 24.54 ? 102 GLY A C   1 
ATOM   857  O O   . GLY A 1 103 ? 6.858   3.981   -12.451 1.00 24.09 ? 102 GLY A O   1 
ATOM   858  N N   . ASN A 1 104 ? 7.205   4.778   -14.530 1.00 23.70 ? 103 ASN A N   1 
ATOM   859  C CA  . ASN A 1 104 ? 8.359   5.576   -14.140 1.00 24.38 ? 103 ASN A CA  1 
ATOM   860  C C   . ASN A 1 104 ? 8.050   7.067   -14.122 1.00 21.94 ? 103 ASN A C   1 
ATOM   861  O O   . ASN A 1 104 ? 8.949   7.886   -14.335 1.00 25.39 ? 103 ASN A O   1 
ATOM   862  C CB  . ASN A 1 104 ? 9.586   5.264   -14.998 1.00 42.52 ? 103 ASN A CB  1 
ATOM   863  C CG  . ASN A 1 104 ? 9.389   5.619   -16.448 1.00 54.66 ? 103 ASN A CG  1 
ATOM   864  O OD1 . ASN A 1 104 ? 8.279   5.938   -16.881 1.00 57.92 ? 103 ASN A OD1 1 
ATOM   865  N ND2 . ASN A 1 104 ? 10.469  5.557   -17.219 1.00 63.76 ? 103 ASN A ND2 1 
ATOM   866  N N   . GLU A 1 105 ? 6.802   7.437   -13.835 1.00 20.00 ? 104 GLU A N   1 
ATOM   867  C CA  . GLU A 1 105 ? 6.450   8.847   -13.779 1.00 25.46 ? 104 GLU A CA  1 
ATOM   868  C C   . GLU A 1 105 ? 6.857   9.484   -12.456 1.00 19.20 ? 104 GLU A C   1 
ATOM   869  O O   . GLU A 1 105 ? 6.842   8.850   -11.392 1.00 20.27 ? 104 GLU A O   1 
ATOM   870  C CB  . GLU A 1 105 ? 4.947   9.043   -13.964 1.00 19.65 ? 104 GLU A CB  1 
ATOM   871  C CG  . GLU A 1 105 ? 4.437   8.643   -15.326 1.00 34.73 ? 104 GLU A CG  1 
ATOM   872  C CD  . GLU A 1 105 ? 3.011   9.102   -15.561 1.00 39.87 ? 104 GLU A CD  1 
ATOM   873  O OE1 . GLU A 1 105 ? 2.659   10.216  -15.111 1.00 38.69 ? 104 GLU A OE1 1 
ATOM   874  O OE2 . GLU A 1 105 ? 2.239   8.344   -16.183 1.00 52.47 ? 104 GLU A OE2 1 
ATOM   875  N N   . VAL A 1 106 ? 7.196   10.771  -12.537 1.00 23.98 ? 105 VAL A N   1 
ATOM   876  C CA  . VAL A 1 106 ? 7.421   11.625  -11.378 1.00 19.61 ? 105 VAL A CA  1 
ATOM   877  C C   . VAL A 1 106 ? 6.238   12.577  -11.291 1.00 18.34 ? 105 VAL A C   1 
ATOM   878  O O   . VAL A 1 106 ? 5.960   13.308  -12.248 1.00 23.78 ? 105 VAL A O   1 
ATOM   879  C CB  . VAL A 1 106 ? 8.723   12.424  -11.526 1.00 19.09 ? 105 VAL A CB  1 
ATOM   880  C CG1 . VAL A 1 106 ? 8.873   13.374  -10.358 1.00 24.73 ? 105 VAL A CG1 1 
ATOM   881  C CG2 . VAL A 1 106 ? 9.901   11.492  -11.644 1.00 24.02 ? 105 VAL A CG2 1 
ATOM   882  N N   . ILE A 1 107 ? 5.557   12.595  -10.145 1.00 18.71 ? 106 ILE A N   1 
ATOM   883  C CA  . ILE A 1 107 ? 4.381   13.436  -9.957  1.00 20.90 ? 106 ILE A CA  1 
ATOM   884  C C   . ILE A 1 107 ? 4.559   14.274  -8.698  1.00 24.47 ? 106 ILE A C   1 
ATOM   885  O O   . ILE A 1 107 ? 4.935   13.753  -7.642  1.00 19.38 ? 106 ILE A O   1 
ATOM   886  C CB  . ILE A 1 107 ? 3.095   12.595  -9.881  1.00 24.27 ? 106 ILE A CB  1 
ATOM   887  C CG1 . ILE A 1 107 ? 2.955   11.757  -11.152 1.00 22.23 ? 106 ILE A CG1 1 
ATOM   888  C CG2 . ILE A 1 107 ? 1.880   13.488  -9.711  1.00 15.84 ? 106 ILE A CG2 1 
ATOM   889  C CD1 . ILE A 1 107 ? 2.046   10.582  -10.986 1.00 24.25 ? 106 ILE A CD1 1 
ATOM   890  N N   A ASN A 1 108 ? 4.324   15.579  -8.824  0.46 22.41 ? 107 ASN A N   1 
ATOM   891  N N   B ASN A 1 108 ? 4.265   15.576  -8.798  0.54 22.38 ? 107 ASN A N   1 
ATOM   892  C CA  A ASN A 1 108 ? 4.395   16.505  -7.695  0.46 24.58 ? 107 ASN A CA  1 
ATOM   893  C CA  B ASN A 1 108 ? 4.406   16.471  -7.647  0.54 24.58 ? 107 ASN A CA  1 
ATOM   894  C C   A ASN A 1 108 ? 3.278   17.518  -7.902  0.46 24.54 ? 107 ASN A C   1 
ATOM   895  C C   B ASN A 1 108 ? 3.326   17.554  -7.713  0.54 24.79 ? 107 ASN A C   1 
ATOM   896  O O   A ASN A 1 108 ? 3.489   18.593  -8.468  0.46 27.38 ? 107 ASN A O   1 
ATOM   897  O O   B ASN A 1 108 ? 3.585   18.730  -7.961  0.54 22.36 ? 107 ASN A O   1 
ATOM   898  C CB  A ASN A 1 108 ? 5.756   17.173  -7.589  0.46 24.23 ? 107 ASN A CB  1 
ATOM   899  C CB  B ASN A 1 108 ? 5.811   17.071  -7.545  0.54 24.28 ? 107 ASN A CB  1 
ATOM   900  C CG  A ASN A 1 108 ? 6.854   16.184  -7.311  0.46 20.31 ? 107 ASN A CG  1 
ATOM   901  C CG  B ASN A 1 108 ? 6.437   17.324  -8.902  0.54 23.84 ? 107 ASN A CG  1 
ATOM   902  O OD1 A ASN A 1 108 ? 7.511   15.696  -8.229  0.46 27.63 ? 107 ASN A OD1 1 
ATOM   903  O OD1 B ASN A 1 108 ? 7.345   16.604  -9.321  0.54 17.74 ? 107 ASN A OD1 1 
ATOM   904  N ND2 A ASN A 1 108 ? 7.054   15.863  -6.037  0.46 24.52 ? 107 ASN A ND2 1 
ATOM   905  N ND2 B ASN A 1 108 ? 5.947   18.338  -9.604  0.54 28.80 ? 107 ASN A ND2 1 
ATOM   906  N N   . THR A 1 109 ? 2.088   17.153  -7.457  1.00 26.19 ? 108 THR A N   1 
ATOM   907  C CA  . THR A 1 109 ? 0.938   18.036  -7.480  1.00 20.83 ? 108 THR A CA  1 
ATOM   908  C C   . THR A 1 109 ? 0.455   18.211  -6.049  1.00 29.49 ? 108 THR A C   1 
ATOM   909  O O   . THR A 1 109 ? 0.968   17.581  -5.119  1.00 23.35 ? 108 THR A O   1 
ATOM   910  C CB  . THR A 1 109 ? -0.188  17.454  -8.343  1.00 25.74 ? 108 THR A CB  1 
ATOM   911  O OG1 . THR A 1 109 ? -0.712  16.280  -7.713  1.00 27.20 ? 108 THR A OG1 1 
ATOM   912  C CG2 . THR A 1 109 ? 0.307   17.094  -9.729  1.00 24.54 ? 108 THR A CG2 1 
ATOM   913  N N   . GLU A 1 110 ? -0.553  19.067  -5.884  1.00 16.42 ? 109 GLU A N   1 
ATOM   914  C CA  . GLU A 1 110 ? -1.128  19.281  -4.563  1.00 18.83 ? 109 GLU A CA  1 
ATOM   915  C C   . GLU A 1 110 ? -1.624  17.984  -3.936  1.00 22.06 ? 109 GLU A C   1 
ATOM   916  O O   . GLU A 1 110 ? -1.554  17.826  -2.713  1.00 29.39 ? 109 GLU A O   1 
ATOM   917  C CB  . GLU A 1 110 ? -2.284  20.283  -4.662  1.00 24.18 ? 109 GLU A CB  1 
ATOM   918  C CG  . GLU A 1 110 ? -1.898  21.653  -5.233  1.00 22.86 ? 109 GLU A CG  1 
ATOM   919  C CD  . GLU A 1 110 ? -2.110  21.764  -6.738  1.00 36.66 ? 109 GLU A CD  1 
ATOM   920  O OE1 . GLU A 1 110 ? -1.776  20.816  -7.484  1.00 25.78 ? 109 GLU A OE1 1 
ATOM   921  O OE2 . GLU A 1 110 ? -2.634  22.808  -7.181  1.00 36.83 ? 109 GLU A OE2 1 
ATOM   922  N N   . ARG A 1 111 ? -2.135  17.057  -4.748  1.00 24.04 ? 110 ARG A N   1 
ATOM   923  C CA  . ARG A 1 111 ? -2.770  15.842  -4.254  1.00 25.53 ? 110 ARG A CA  1 
ATOM   924  C C   . ARG A 1 111 ? -1.846  14.638  -4.224  1.00 22.45 ? 110 ARG A C   1 
ATOM   925  O O   . ARG A 1 111 ? -2.037  13.763  -3.376  1.00 18.91 ? 110 ARG A O   1 
ATOM   926  C CB  . ARG A 1 111 ? -3.965  15.460  -5.133  1.00 22.66 ? 110 ARG A CB  1 
ATOM   927  C CG  . ARG A 1 111 ? -5.154  16.376  -5.018  1.00 27.94 ? 110 ARG A CG  1 
ATOM   928  C CD  . ARG A 1 111 ? -6.290  15.845  -5.850  1.00 26.95 ? 110 ARG A CD  1 
ATOM   929  N NE  . ARG A 1 111 ? -6.863  14.622  -5.294  1.00 20.82 ? 110 ARG A NE  1 
ATOM   930  C CZ  . ARG A 1 111 ? -7.528  13.724  -6.007  1.00 21.62 ? 110 ARG A CZ  1 
ATOM   931  N NH1 . ARG A 1 111 ? -7.680  13.857  -7.311  1.00 27.96 ? 110 ARG A NH1 1 
ATOM   932  N NH2 . ARG A 1 111 ? -8.025  12.649  -5.400  1.00 26.27 ? 110 ARG A NH2 1 
ATOM   933  N N   . LEU A 1 112 ? -0.875  14.563  -5.137  1.00 21.11 ? 111 LEU A N   1 
ATOM   934  C CA  . LEU A 1 112 ? -0.139  13.329  -5.400  1.00 25.32 ? 111 LEU A CA  1 
ATOM   935  C C   . LEU A 1 112 ? 1.365   13.595  -5.440  1.00 21.76 ? 111 LEU A C   1 
ATOM   936  O O   . LEU A 1 112 ? 1.828   14.488  -6.156  1.00 19.12 ? 111 LEU A O   1 
ATOM   937  C CB  . LEU A 1 112 ? -0.618  12.739  -6.736  1.00 22.16 ? 111 LEU A CB  1 
ATOM   938  C CG  . LEU A 1 112 ? -0.340  11.280  -7.068  1.00 29.47 ? 111 LEU A CG  1 
ATOM   939  C CD1 . LEU A 1 112 ? -0.616  10.415  -5.856  1.00 28.54 ? 111 LEU A CD1 1 
ATOM   940  C CD2 . LEU A 1 112 ? -1.220  10.852  -8.243  1.00 22.44 ? 111 LEU A CD2 1 
ATOM   941  N N   . THR A 1 113 ? 2.131   12.813  -4.682  1.00 22.36 ? 112 THR A N   1 
ATOM   942  C CA  . THR A 1 113 ? 3.588   12.822  -4.764  1.00 19.43 ? 112 THR A CA  1 
ATOM   943  C C   . THR A 1 113 ? 4.005   11.396  -5.105  1.00 16.40 ? 112 THR A C   1 
ATOM   944  O O   . THR A 1 113 ? 3.760   10.479  -4.319  1.00 19.66 ? 112 THR A O   1 
ATOM   945  C CB  . THR A 1 113 ? 4.206   13.263  -3.432  1.00 19.94 ? 112 THR A CB  1 
ATOM   946  O OG1 . THR A 1 113 ? 3.942   14.656  -3.214  1.00 25.34 ? 112 THR A OG1 1 
ATOM   947  C CG2 . THR A 1 113 ? 5.729   13.034  -3.424  1.00 24.49 ? 112 THR A CG2 1 
ATOM   948  N N   . VAL A 1 114 ? 4.579   11.211  -6.293  1.00 14.91 ? 113 VAL A N   1 
ATOM   949  C CA  . VAL A 1 114 ? 5.090   9.900   -6.707  1.00 12.55 ? 113 VAL A CA  1 
ATOM   950  C C   . VAL A 1 114 ? 6.501   10.084  -7.248  1.00 19.71 ? 113 VAL A C   1 
ATOM   951  O O   . VAL A 1 114 ? 6.725   10.972  -8.079  1.00 18.29 ? 113 VAL A O   1 
ATOM   952  C CB  . VAL A 1 114 ? 4.188   9.261   -7.775  1.00 21.62 ? 113 VAL A CB  1 
ATOM   953  C CG1 . VAL A 1 114 ? 4.772   7.903   -8.195  1.00 14.44 ? 113 VAL A CG1 1 
ATOM   954  C CG2 . VAL A 1 114 ? 2.764   9.094   -7.260  1.00 27.94 ? 113 VAL A CG2 1 
ATOM   955  N N   . PRO A 1 115 ? 7.486   9.267   -6.833  1.00 20.57 ? 114 PRO A N   1 
ATOM   956  C CA  . PRO A 1 115 ? 7.404   8.185   -5.835  1.00 17.80 ? 114 PRO A CA  1 
ATOM   957  C C   . PRO A 1 115 ? 6.935   8.688   -4.475  1.00 16.82 ? 114 PRO A C   1 
ATOM   958  O O   . PRO A 1 115 ? 7.201   9.842   -4.111  1.00 21.49 ? 114 PRO A O   1 
ATOM   959  C CB  . PRO A 1 115 ? 8.851   7.652   -5.788  1.00 16.05 ? 114 PRO A CB  1 
ATOM   960  C CG  . PRO A 1 115 ? 9.355   7.873   -7.186  1.00 12.87 ? 114 PRO A CG  1 
ATOM   961  C CD  . PRO A 1 115 ? 8.758   9.226   -7.574  1.00 21.06 ? 114 PRO A CD  1 
ATOM   962  N N   . HIS A 1 116 ? 6.213   7.844   -3.738  1.00 12.74 ? 115 HIS A N   1 
ATOM   963  C CA  . HIS A 1 116 ? 5.707   8.191   -2.415  1.00 15.20 ? 115 HIS A CA  1 
ATOM   964  C C   . HIS A 1 116 ? 6.781   8.840   -1.544  1.00 21.25 ? 115 HIS A C   1 
ATOM   965  O O   . HIS A 1 116 ? 7.918   8.362   -1.467  1.00 15.91 ? 115 HIS A O   1 
ATOM   966  C CB  . HIS A 1 116 ? 5.157   6.930   -1.766  1.00 16.03 ? 115 HIS A CB  1 
ATOM   967  C CG  . HIS A 1 116 ? 4.488   7.159   -0.452  1.00 22.97 ? 115 HIS A CG  1 
ATOM   968  N ND1 . HIS A 1 116 ? 5.193   7.335   0.721   1.00 23.08 ? 115 HIS A ND1 1 
ATOM   969  C CD2 . HIS A 1 116 ? 3.178   7.214   -0.117  1.00 23.89 ? 115 HIS A CD2 1 
ATOM   970  C CE1 . HIS A 1 116 ? 4.343   7.496   1.720   1.00 31.65 ? 115 HIS A CE1 1 
ATOM   971  N NE2 . HIS A 1 116 ? 3.115   7.428   1.238   1.00 28.84 ? 115 HIS A NE2 1 
ATOM   972  N N   . TYR A 1 117 ? 6.404   9.942   -0.879  1.00 21.57 ? 116 TYR A N   1 
ATOM   973  C CA  . TYR A 1 117 ? 7.396   10.834  -0.272  1.00 24.80 ? 116 TYR A CA  1 
ATOM   974  C C   . TYR A 1 117 ? 8.257   10.147  0.788   1.00 25.17 ? 116 TYR A C   1 
ATOM   975  O O   . TYR A 1 117 ? 9.395   10.574  1.029   1.00 28.97 ? 116 TYR A O   1 
ATOM   976  C CB  . TYR A 1 117 ? 6.710   12.063  0.339   1.00 26.71 ? 116 TYR A CB  1 
ATOM   977  C CG  . TYR A 1 117 ? 6.035   11.772  1.670   1.00 24.77 ? 116 TYR A CG  1 
ATOM   978  C CD1 . TYR A 1 117 ? 4.856   11.048  1.723   1.00 29.40 ? 116 TYR A CD1 1 
ATOM   979  C CD2 . TYR A 1 117 ? 6.594   12.201  2.873   1.00 37.03 ? 116 TYR A CD2 1 
ATOM   980  C CE1 . TYR A 1 117 ? 4.243   10.760  2.931   1.00 33.52 ? 116 TYR A CE1 1 
ATOM   981  C CE2 . TYR A 1 117 ? 5.978   11.924  4.095   1.00 32.56 ? 116 TYR A CE2 1 
ATOM   982  C CZ  . TYR A 1 117 ? 4.807   11.198  4.113   1.00 35.23 ? 116 TYR A CZ  1 
ATOM   983  O OH  . TYR A 1 117 ? 4.180   10.902  5.307   1.00 41.45 ? 116 TYR A OH  1 
ATOM   984  N N   . ASP A 1 118 ? 7.752   9.103   1.449   1.00 18.68 ? 117 ASP A N   1 
ATOM   985  C CA  . ASP A 1 118 ? 8.466   8.550   2.594   1.00 19.27 ? 117 ASP A CA  1 
ATOM   986  C C   . ASP A 1 118 ? 8.753   7.064   2.465   1.00 18.81 ? 117 ASP A C   1 
ATOM   987  O O   . ASP A 1 118 ? 9.207   6.449   3.436   1.00 22.14 ? 117 ASP A O   1 
ATOM   988  C CB  . ASP A 1 118 ? 7.697   8.796   3.895   1.00 17.40 ? 117 ASP A CB  1 
ATOM   989  C CG  . ASP A 1 118 ? 8.607   8.756   5.121   1.00 29.12 ? 117 ASP A CG  1 
ATOM   990  O OD1 . ASP A 1 118 ? 9.741   9.267   5.026   1.00 25.54 ? 117 ASP A OD1 1 
ATOM   991  O OD2 . ASP A 1 118 ? 8.190   8.225   6.174   1.00 28.77 ? 117 ASP A OD2 1 
ATOM   992  N N   A MET A 1 119 ? 8.498   6.476   1.295   0.81 18.08 ? 118 MET A N   1 
ATOM   993  N N   B MET A 1 119 ? 8.488   6.454   1.313   0.19 18.20 ? 118 MET A N   1 
ATOM   994  C CA  A MET A 1 119 ? 8.604   5.029   1.164   0.81 19.53 ? 118 MET A CA  1 
ATOM   995  C CA  B MET A 1 119 ? 8.598   5.003   1.257   0.19 19.55 ? 118 MET A CA  1 
ATOM   996  C C   A MET A 1 119 ? 10.026  4.549   1.419   0.81 18.61 ? 118 MET A C   1 
ATOM   997  C C   B MET A 1 119 ? 10.037  4.516   1.353   0.19 18.63 ? 118 MET A C   1 
ATOM   998  O O   A MET A 1 119 ? 10.222  3.426   1.894   0.81 17.60 ? 118 MET A O   1 
ATOM   999  O O   B MET A 1 119 ? 10.254  3.337   1.641   0.19 17.69 ? 118 MET A O   1 
ATOM   1000 C CB  A MET A 1 119 ? 8.099   4.585   -0.209  0.81 18.01 ? 118 MET A CB  1 
ATOM   1001 C CB  B MET A 1 119 ? 7.889   4.451   0.026   0.19 18.47 ? 118 MET A CB  1 
ATOM   1002 C CG  A MET A 1 119 ? 8.979   4.993   -1.383  0.81 16.54 ? 118 MET A CG  1 
ATOM   1003 C CG  B MET A 1 119 ? 8.519   4.821   -1.285  0.19 18.31 ? 118 MET A CG  1 
ATOM   1004 S SD  A MET A 1 119 ? 8.196   4.488   -2.930  0.81 18.21 ? 118 MET A SD  1 
ATOM   1005 S SD  B MET A 1 119 ? 7.379   4.328   -2.575  0.19 21.91 ? 118 MET A SD  1 
ATOM   1006 C CE  A MET A 1 119 ? 8.558   2.723   -2.923  0.81 16.90 ? 118 MET A CE  1 
ATOM   1007 C CE  B MET A 1 119 ? 8.366   4.568   -4.037  0.19 14.12 ? 118 MET A CE  1 
ATOM   1008 N N   . LYS A 1 120 ? 11.022  5.391   1.142   1.00 22.57 ? 119 LYS A N   1 
ATOM   1009 C CA  . LYS A 1 120 ? 12.414  4.989   1.338   1.00 20.17 ? 119 LYS A CA  1 
ATOM   1010 C C   . LYS A 1 120 ? 12.800  4.872   2.809   1.00 20.41 ? 119 LYS A C   1 
ATOM   1011 O O   . LYS A 1 120 ? 13.869  4.327   3.107   1.00 18.37 ? 119 LYS A O   1 
ATOM   1012 C CB  . LYS A 1 120 ? 13.364  5.908   0.559   1.00 24.92 ? 119 LYS A CB  1 
ATOM   1013 C CG  . LYS A 1 120 ? 13.313  5.702   -0.957  1.00 17.33 ? 119 LYS A CG  1 
ATOM   1014 C CD  . LYS A 1 120 ? 14.441  6.441   -1.688  1.00 27.15 ? 119 LYS A CD  1 
ATOM   1015 C CE  . LYS A 1 120 ? 14.231  7.961   -1.656  1.00 37.16 ? 119 LYS A CE  1 
ATOM   1016 N NZ  . LYS A 1 120 ? 15.406  8.749   -2.173  1.00 27.52 ? 119 LYS A NZ  1 
ATOM   1017 N N   . ASN A 1 121 ? 11.944  5.312   3.728   1.00 16.89 ? 120 ASN A N   1 
ATOM   1018 C CA  . ASN A 1 121 ? 12.150  5.137   5.158   1.00 21.00 ? 120 ASN A CA  1 
ATOM   1019 C C   . ASN A 1 121 ? 11.285  4.050   5.775   1.00 19.14 ? 120 ASN A C   1 
ATOM   1020 O O   . ASN A 1 121 ? 11.334  3.866   6.995   1.00 20.79 ? 120 ASN A O   1 
ATOM   1021 C CB  . ASN A 1 121 ? 11.834  6.440   5.886   1.00 19.16 ? 120 ASN A CB  1 
ATOM   1022 C CG  . ASN A 1 121 ? 12.929  7.455   5.751   1.00 18.94 ? 120 ASN A CG  1 
ATOM   1023 O OD1 . ASN A 1 121 ? 14.094  7.161   6.020   1.00 17.66 ? 120 ASN A OD1 1 
ATOM   1024 N ND2 . ASN A 1 121 ? 12.561  8.677   5.344   1.00 15.90 ? 120 ASN A ND2 1 
ATOM   1025 N N   . ARG A 1 122 ? 10.476  3.346   4.986   1.00 20.72 ? 121 ARG A N   1 
ATOM   1026 C CA  . ARG A 1 122 ? 9.448   2.451   5.512   1.00 21.84 ? 121 ARG A CA  1 
ATOM   1027 C C   . ARG A 1 122 ? 9.726   1.034   5.014   1.00 17.12 ? 121 ARG A C   1 
ATOM   1028 O O   . ARG A 1 122 ? 9.425   0.706   3.863   1.00 22.20 ? 121 ARG A O   1 
ATOM   1029 C CB  . ARG A 1 122 ? 8.073   2.920   5.058   1.00 16.74 ? 121 ARG A CB  1 
ATOM   1030 C CG  . ARG A 1 122 ? 7.779   4.359   5.462   1.00 19.67 ? 121 ARG A CG  1 
ATOM   1031 C CD  . ARG A 1 122 ? 6.401   4.788   5.044   1.00 25.51 ? 121 ARG A CD  1 
ATOM   1032 N NE  . ARG A 1 122 ? 6.051   6.086   5.608   1.00 28.26 ? 121 ARG A NE  1 
ATOM   1033 C CZ  . ARG A 1 122 ? 4.856   6.651   5.504   1.00 39.73 ? 121 ARG A CZ  1 
ATOM   1034 N NH1 . ARG A 1 122 ? 3.862   6.053   4.867   1.00 36.66 ? 121 ARG A NH1 1 
ATOM   1035 N NH2 . ARG A 1 122 ? 4.654   7.845   6.052   1.00 39.10 ? 121 ARG A NH2 1 
ATOM   1036 N N   . GLY A 1 123 ? 10.323  0.208   5.875   1.00 19.37 ? 122 GLY A N   1 
ATOM   1037 C CA  . GLY A 1 123 ? 10.481  -1.198  5.541   1.00 16.62 ? 122 GLY A CA  1 
ATOM   1038 C C   . GLY A 1 123 ? 9.158   -1.874  5.224   1.00 20.28 ? 122 GLY A C   1 
ATOM   1039 O O   . GLY A 1 123 ? 9.108   -2.768  4.372   1.00 17.55 ? 122 GLY A O   1 
ATOM   1040 N N   . PHE A 1 124 ? 8.072   -1.458  5.893   1.00 17.46 ? 123 PHE A N   1 
ATOM   1041 C CA  . PHE A 1 124 ? 6.757   -2.047  5.633   1.00 19.05 ? 123 PHE A CA  1 
ATOM   1042 C C   . PHE A 1 124 ? 6.228   -1.730  4.249   1.00 20.65 ? 123 PHE A C   1 
ATOM   1043 O O   . PHE A 1 124 ? 5.243   -2.352  3.829   1.00 17.62 ? 123 PHE A O   1 
ATOM   1044 C CB  . PHE A 1 124 ? 5.723   -1.685  6.707   1.00 17.63 ? 123 PHE A CB  1 
ATOM   1045 C CG  . PHE A 1 124 ? 5.490   -0.202  6.881   1.00 19.02 ? 123 PHE A CG  1 
ATOM   1046 C CD1 . PHE A 1 124 ? 4.612   0.473   6.058   1.00 21.84 ? 123 PHE A CD1 1 
ATOM   1047 C CD2 . PHE A 1 124 ? 6.139   0.502   7.889   1.00 22.65 ? 123 PHE A CD2 1 
ATOM   1048 C CE1 . PHE A 1 124 ? 4.390   1.837   6.223   1.00 31.57 ? 123 PHE A CE1 1 
ATOM   1049 C CE2 . PHE A 1 124 ? 5.916   1.859   8.063   1.00 21.13 ? 123 PHE A CE2 1 
ATOM   1050 C CZ  . PHE A 1 124 ? 5.043   2.526   7.230   1.00 27.45 ? 123 PHE A CZ  1 
ATOM   1051 N N   A MET A 1 125 ? 6.815   -0.762  3.549   0.70 18.48 ? 124 MET A N   1 
ATOM   1052 N N   B MET A 1 125 ? 6.856   -0.788  3.538   0.30 18.52 ? 124 MET A N   1 
ATOM   1053 C CA  A MET A 1 125 ? 6.549   -0.547  2.135   0.70 16.38 ? 124 MET A CA  1 
ATOM   1054 C CA  B MET A 1 125 ? 6.544   -0.468  2.151   0.30 16.45 ? 124 MET A CA  1 
ATOM   1055 C C   A MET A 1 125 ? 7.577   -1.257  1.265   0.70 19.34 ? 124 MET A C   1 
ATOM   1056 C C   B MET A 1 125 ? 7.599   -0.944  1.163   0.30 18.21 ? 124 MET A C   1 
ATOM   1057 O O   A MET A 1 125 ? 7.223   -1.988  0.336   0.70 13.64 ? 124 MET A O   1 
ATOM   1058 O O   B MET A 1 125 ? 7.270   -1.174  -0.004  0.30 16.01 ? 124 MET A O   1 
ATOM   1059 C CB  A MET A 1 125 ? 6.520   0.957   1.818   0.70 21.17 ? 124 MET A CB  1 
ATOM   1060 C CB  B MET A 1 125 ? 6.358   1.047   1.968   0.30 20.77 ? 124 MET A CB  1 
ATOM   1061 C CG  A MET A 1 125 ? 5.273   1.666   2.328   0.70 18.29 ? 124 MET A CG  1 
ATOM   1062 C CG  B MET A 1 125 ? 4.915   1.480   1.739   0.30 18.61 ? 124 MET A CG  1 
ATOM   1063 S SD  A MET A 1 125 ? 5.321   3.449   2.042   0.70 18.67 ? 124 MET A SD  1 
ATOM   1064 S SD  B MET A 1 125 ? 4.786   3.200   1.205   0.30 23.86 ? 124 MET A SD  1 
ATOM   1065 C CE  A MET A 1 125 ? 3.796   3.704   1.122   0.70 22.54 ? 124 MET A CE  1 
ATOM   1066 C CE  B MET A 1 125 ? 3.590   3.820   2.388   0.30 27.45 ? 124 MET A CE  1 
ATOM   1067 N N   . LEU A 1 126 ? 8.856   -1.096  1.592   1.00 15.73 ? 125 LEU A N   1 
ATOM   1068 C CA  . LEU A 1 126 ? 9.912   -1.570  0.706   1.00 11.64 ? 125 LEU A CA  1 
ATOM   1069 C C   . LEU A 1 126 ? 9.984   -3.097  0.627   1.00 14.30 ? 125 LEU A C   1 
ATOM   1070 O O   . LEU A 1 126 ? 10.231  -3.638  -0.454  1.00 14.19 ? 125 LEU A O   1 
ATOM   1071 C CB  . LEU A 1 126 ? 11.265  -1.072  1.209   1.00 12.81 ? 125 LEU A CB  1 
ATOM   1072 C CG  . LEU A 1 126 ? 11.354  0.437   1.207   1.00 16.54 ? 125 LEU A CG  1 
ATOM   1073 C CD1 . LEU A 1 126 ? 12.717  0.813   1.789   1.00 14.74 ? 125 LEU A CD1 1 
ATOM   1074 C CD2 . LEU A 1 126 ? 11.157  0.974   -0.207  1.00 20.72 ? 125 LEU A CD2 1 
ATOM   1075 N N   . TRP A 1 127 ? 9.803   -3.790  1.758   1.00 17.18 ? 126 TRP A N   1 
ATOM   1076 C CA  . TRP A 1 127 ? 9.944   -5.249  1.752   1.00 14.08 ? 126 TRP A CA  1 
ATOM   1077 C C   . TRP A 1 127 ? 8.837   -5.927  0.953   1.00 17.23 ? 126 TRP A C   1 
ATOM   1078 O O   . TRP A 1 127 ? 9.136   -6.866  0.193   1.00 18.82 ? 126 TRP A O   1 
ATOM   1079 C CB  . TRP A 1 127 ? 10.040  -5.795  3.183   1.00 19.14 ? 126 TRP A CB  1 
ATOM   1080 C CG  . TRP A 1 127 ? 11.406  -5.717  3.851   1.00 20.07 ? 126 TRP A CG  1 
ATOM   1081 C CD1 . TRP A 1 127 ? 11.713  -5.093  5.035   1.00 29.54 ? 126 TRP A CD1 1 
ATOM   1082 C CD2 . TRP A 1 127 ? 12.619  -6.303  3.387   1.00 20.18 ? 126 TRP A CD2 1 
ATOM   1083 N NE1 . TRP A 1 127 ? 13.044  -5.253  5.329   1.00 26.40 ? 126 TRP A NE1 1 
ATOM   1084 C CE2 . TRP A 1 127 ? 13.629  -5.984  4.331   1.00 25.07 ? 126 TRP A CE2 1 
ATOM   1085 C CE3 . TRP A 1 127 ? 12.961  -7.045  2.261   1.00 25.96 ? 126 TRP A CE3 1 
ATOM   1086 C CZ2 . TRP A 1 127 ? 14.952  -6.399  4.181   1.00 33.42 ? 126 TRP A CZ2 1 
ATOM   1087 C CZ3 . TRP A 1 127 ? 14.279  -7.461  2.118   1.00 50.96 ? 126 TRP A CZ3 1 
ATOM   1088 C CH2 . TRP A 1 127 ? 15.257  -7.132  3.073   1.00 35.28 ? 126 TRP A CH2 1 
ATOM   1089 N N   . PRO A 1 128 ? 7.562   -5.561  1.092   1.00 16.14 ? 127 PRO A N   1 
ATOM   1090 C CA  . PRO A 1 128 ? 6.560   -6.207  0.235   1.00 18.71 ? 127 PRO A CA  1 
ATOM   1091 C C   . PRO A 1 128 ? 6.777   -5.882  -1.226  1.00 16.47 ? 127 PRO A C   1 
ATOM   1092 O O   . PRO A 1 128 ? 6.588   -6.741  -2.089  1.00 17.75 ? 127 PRO A O   1 
ATOM   1093 C CB  . PRO A 1 128 ? 5.228   -5.662  0.773   1.00 17.69 ? 127 PRO A CB  1 
ATOM   1094 C CG  . PRO A 1 128 ? 5.505   -5.366  2.190   1.00 21.52 ? 127 PRO A CG  1 
ATOM   1095 C CD  . PRO A 1 128 ? 6.932   -4.833  2.209   1.00 15.73 ? 127 PRO A CD  1 
ATOM   1096 N N   . LEU A 1 129 ? 7.216   -4.654  -1.520  1.00 15.36 ? 128 LEU A N   1 
ATOM   1097 C CA  . LEU A 1 129 ? 7.492   -4.291  -2.899  1.00 12.54 ? 128 LEU A CA  1 
ATOM   1098 C C   . LEU A 1 129 ? 8.654   -5.089  -3.466  1.00 19.89 ? 128 LEU A C   1 
ATOM   1099 O O   . LEU A 1 129 ? 8.616   -5.504  -4.628  1.00 19.07 ? 128 LEU A O   1 
ATOM   1100 C CB  . LEU A 1 129 ? 7.755   -2.786  -2.986  1.00 16.07 ? 128 LEU A CB  1 
ATOM   1101 C CG  . LEU A 1 129 ? 8.030   -2.228  -4.374  1.00 15.83 ? 128 LEU A CG  1 
ATOM   1102 C CD1 . LEU A 1 129 ? 6.815   -2.452  -5.301  1.00 20.77 ? 128 LEU A CD1 1 
ATOM   1103 C CD2 . LEU A 1 129 ? 8.346   -0.741  -4.253  1.00 18.49 ? 128 LEU A CD2 1 
ATOM   1104 N N   . PHE A 1 130 ? 9.701   -5.300  -2.658  1.00 19.80 ? 129 PHE A N   1 
ATOM   1105 C CA  . PHE A 1 130 ? 10.853  -6.079  -3.096  1.00 16.12 ? 129 PHE A CA  1 
ATOM   1106 C C   . PHE A 1 130 ? 10.462  -7.518  -3.387  1.00 20.02 ? 129 PHE A C   1 
ATOM   1107 O O   . PHE A 1 130 ? 11.034  -8.145  -4.281  1.00 20.21 ? 129 PHE A O   1 
ATOM   1108 C CB  . PHE A 1 130 ? 11.949  -6.012  -2.024  1.00 16.78 ? 129 PHE A CB  1 
ATOM   1109 C CG  . PHE A 1 130 ? 13.226  -6.726  -2.392  1.00 18.52 ? 129 PHE A CG  1 
ATOM   1110 C CD1 . PHE A 1 130 ? 14.033  -6.264  -3.426  1.00 21.92 ? 129 PHE A CD1 1 
ATOM   1111 C CD2 . PHE A 1 130 ? 13.635  -7.844  -1.683  1.00 21.11 ? 129 PHE A CD2 1 
ATOM   1112 C CE1 . PHE A 1 130 ? 15.223  -6.917  -3.754  1.00 20.57 ? 129 PHE A CE1 1 
ATOM   1113 C CE2 . PHE A 1 130 ? 14.812  -8.510  -2.005  1.00 22.22 ? 129 PHE A CE2 1 
ATOM   1114 C CZ  . PHE A 1 130 ? 15.608  -8.054  -3.044  1.00 17.18 ? 129 PHE A CZ  1 
ATOM   1115 N N   . GLU A 1 131 ? 9.468   -8.046  -2.668  1.00 18.41 ? 130 GLU A N   1 
ATOM   1116 C CA  . GLU A 1 131 ? 9.018   -9.409  -2.929  1.00 17.91 ? 130 GLU A CA  1 
ATOM   1117 C C   . GLU A 1 131 ? 8.427   -9.546  -4.328  1.00 20.96 ? 130 GLU A C   1 
ATOM   1118 O O   . GLU A 1 131 ? 8.660   -10.548 -5.014  1.00 28.70 ? 130 GLU A O   1 
ATOM   1119 C CB  . GLU A 1 131 ? 8.017   -9.856  -1.863  1.00 16.73 ? 130 GLU A CB  1 
ATOM   1120 C CG  . GLU A 1 131 ? 7.406   -11.226 -2.176  1.00 25.05 ? 130 GLU A CG  1 
ATOM   1121 C CD  . GLU A 1 131 ? 6.440   -11.707 -1.108  1.00 39.14 ? 130 GLU A CD  1 
ATOM   1122 O OE1 . GLU A 1 131 ? 5.740   -10.864 -0.521  1.00 25.97 ? 130 GLU A OE1 1 
ATOM   1123 O OE2 . GLU A 1 131 ? 6.391   -12.928 -0.838  1.00 36.47 ? 130 GLU A OE2 1 
ATOM   1124 N N   . ILE A 1 132 ? 7.666   -8.544  -4.783  1.00 15.66 ? 131 ILE A N   1 
ATOM   1125 C CA  . ILE A 1 132 ? 7.019   -8.648  -6.084  1.00 13.98 ? 131 ILE A CA  1 
ATOM   1126 C C   . ILE A 1 132 ? 7.800   -7.998  -7.218  1.00 23.61 ? 131 ILE A C   1 
ATOM   1127 O O   . ILE A 1 132 ? 7.473   -8.241  -8.389  1.00 21.95 ? 131 ILE A O   1 
ATOM   1128 C CB  . ILE A 1 132 ? 5.559   -8.149  -6.051  1.00 18.18 ? 131 ILE A CB  1 
ATOM   1129 C CG1 . ILE A 1 132 ? 5.497   -6.650  -5.765  1.00 17.83 ? 131 ILE A CG1 1 
ATOM   1130 C CG2 . ILE A 1 132 ? 4.802   -8.910  -4.987  1.00 20.95 ? 131 ILE A CG2 1 
ATOM   1131 C CD1 . ILE A 1 132 ? 4.088   -6.043  -5.968  1.00 19.92 ? 131 ILE A CD1 1 
ATOM   1132 N N   . ALA A 1 133 ? 8.798   -7.167  -6.922  1.00 19.48 ? 132 ALA A N   1 
ATOM   1133 C CA  . ALA A 1 133 ? 9.492   -6.458  -7.986  1.00 18.42 ? 132 ALA A CA  1 
ATOM   1134 C C   . ALA A 1 133 ? 10.940  -6.232  -7.578  1.00 17.18 ? 132 ALA A C   1 
ATOM   1135 O O   . ALA A 1 133 ? 11.366  -5.082  -7.394  1.00 16.43 ? 132 ALA A O   1 
ATOM   1136 C CB  . ALA A 1 133 ? 8.825   -5.101  -8.240  1.00 20.86 ? 132 ALA A CB  1 
ATOM   1137 N N   . PRO A 1 134 ? 11.732  -7.294  -7.437  1.00 16.86 ? 133 PRO A N   1 
ATOM   1138 C CA  . PRO A 1 134 ? 13.089  -7.118  -6.897  1.00 17.89 ? 133 PRO A CA  1 
ATOM   1139 C C   . PRO A 1 134 ? 14.009  -6.286  -7.772  1.00 19.34 ? 133 PRO A C   1 
ATOM   1140 O O   . PRO A 1 134 ? 14.958  -5.683  -7.247  1.00 20.76 ? 133 PRO A O   1 
ATOM   1141 C CB  . PRO A 1 134 ? 13.595  -8.563  -6.743  1.00 19.56 ? 133 PRO A CB  1 
ATOM   1142 C CG  . PRO A 1 134 ? 12.780  -9.363  -7.689  1.00 18.47 ? 133 PRO A CG  1 
ATOM   1143 C CD  . PRO A 1 134 ? 11.428  -8.704  -7.747  1.00 22.80 ? 133 PRO A CD  1 
ATOM   1144 N N   . GLU A 1 135 ? 13.784  -6.252  -9.086  1.00 24.09 ? 134 GLU A N   1 
ATOM   1145 C CA  . GLU A 1 135 ? 14.621  -5.498  -10.013 1.00 18.72 ? 134 GLU A CA  1 
ATOM   1146 C C   . GLU A 1 135 ? 14.125  -4.075  -10.234 1.00 24.13 ? 134 GLU A C   1 
ATOM   1147 O O   . GLU A 1 135 ? 14.577  -3.414  -11.173 1.00 20.82 ? 134 GLU A O   1 
ATOM   1148 C CB  . GLU A 1 135 ? 14.714  -6.219  -11.357 1.00 22.60 ? 134 GLU A CB  1 
ATOM   1149 C CG  . GLU A 1 135 ? 15.093  -7.688  -11.226 1.00 26.83 ? 134 GLU A CG  1 
ATOM   1150 C CD  . GLU A 1 135 ? 16.458  -7.875  -10.597 1.00 48.60 ? 134 GLU A CD  1 
ATOM   1151 O OE1 . GLU A 1 135 ? 17.470  -7.557  -11.263 1.00 54.38 ? 134 GLU A OE1 1 
ATOM   1152 O OE2 . GLU A 1 135 ? 16.518  -8.326  -9.432  1.00 54.19 ? 134 GLU A OE2 1 
ATOM   1153 N N   . LEU A 1 136 ? 13.222  -3.596  -9.387  1.00 19.07 ? 135 LEU A N   1 
ATOM   1154 C CA  . LEU A 1 136 ? 12.562  -2.315  -9.609  1.00 16.58 ? 135 LEU A CA  1 
ATOM   1155 C C   . LEU A 1 136 ? 13.575  -1.175  -9.616  1.00 20.41 ? 135 LEU A C   1 
ATOM   1156 O O   . LEU A 1 136 ? 14.471  -1.113  -8.767  1.00 19.38 ? 135 LEU A O   1 
ATOM   1157 C CB  . LEU A 1 136 ? 11.542  -2.106  -8.488  1.00 16.17 ? 135 LEU A CB  1 
ATOM   1158 C CG  A LEU A 1 136 ? 10.460  -1.044  -8.716  0.41 20.55 ? 135 LEU A CG  1 
ATOM   1159 C CG  B LEU A 1 136 ? 10.662  -0.866  -8.546  0.59 20.32 ? 135 LEU A CG  1 
ATOM   1160 C CD1 A LEU A 1 136 ? 10.957  0.346   -8.342  0.41 26.32 ? 135 LEU A CD1 1 
ATOM   1161 C CD1 B LEU A 1 136 ? 9.201   -1.267  -8.463  0.59 15.64 ? 135 LEU A CD1 1 
ATOM   1162 C CD2 A LEU A 1 136 ? 9.961   -1.073  -10.154 0.41 19.81 ? 135 LEU A CD2 1 
ATOM   1163 C CD2 B LEU A 1 136 ? 11.029  0.038   -7.392  0.59 28.80 ? 135 LEU A CD2 1 
ATOM   1164 N N   . VAL A 1 137 ? 13.423  -0.261  -10.583 1.00 19.24 ? 136 VAL A N   1 
ATOM   1165 C CA  . VAL A 1 137 ? 14.223  0.959   -10.658 1.00 15.49 ? 136 VAL A CA  1 
ATOM   1166 C C   . VAL A 1 137 ? 13.286  2.150   -10.590 1.00 17.00 ? 136 VAL A C   1 
ATOM   1167 O O   . VAL A 1 137 ? 12.229  2.159   -11.235 1.00 23.88 ? 136 VAL A O   1 
ATOM   1168 C CB  . VAL A 1 137 ? 15.091  1.043   -11.934 1.00 24.48 ? 136 VAL A CB  1 
ATOM   1169 C CG1 . VAL A 1 137 ? 16.127  2.176   -11.808 1.00 26.88 ? 136 VAL A CG1 1 
ATOM   1170 C CG2 . VAL A 1 137 ? 15.776  -0.286  -12.212 1.00 31.61 ? 136 VAL A CG2 1 
ATOM   1171 N N   . PHE A 1 138 ? 13.676  3.143   -9.809  1.00 22.64 ? 137 PHE A N   1 
ATOM   1172 C CA  . PHE A 1 138 ? 12.881  4.339   -9.618  1.00 22.62 ? 137 PHE A CA  1 
ATOM   1173 C C   . PHE A 1 138 ? 13.099  5.304   -10.779 1.00 24.63 ? 137 PHE A C   1 
ATOM   1174 O O   . PHE A 1 138 ? 14.075  5.193   -11.519 1.00 20.52 ? 137 PHE A O   1 
ATOM   1175 C CB  . PHE A 1 138 ? 13.280  5.002   -8.305  1.00 22.27 ? 137 PHE A CB  1 
ATOM   1176 C CG  . PHE A 1 138 ? 12.818  4.263   -7.086  1.00 27.01 ? 137 PHE A CG  1 
ATOM   1177 C CD1 . PHE A 1 138 ? 13.381  3.050   -6.743  1.00 32.03 ? 137 PHE A CD1 1 
ATOM   1178 C CD2 . PHE A 1 138 ? 11.850  4.793   -6.264  1.00 28.73 ? 137 PHE A CD2 1 
ATOM   1179 C CE1 . PHE A 1 138 ? 12.967  2.366   -5.619  1.00 40.22 ? 137 PHE A CE1 1 
ATOM   1180 C CE2 . PHE A 1 138 ? 11.440  4.117   -5.133  1.00 31.37 ? 137 PHE A CE2 1 
ATOM   1181 C CZ  . PHE A 1 138 ? 11.998  2.901   -4.812  1.00 37.04 ? 137 PHE A CZ  1 
ATOM   1182 N N   . PRO A 1 139 ? 12.187  6.257   -10.976 1.00 23.00 ? 138 PRO A N   1 
ATOM   1183 C CA  . PRO A 1 139 ? 12.353  7.196   -12.101 1.00 23.80 ? 138 PRO A CA  1 
ATOM   1184 C C   . PRO A 1 139 ? 13.690  7.930   -12.113 1.00 25.97 ? 138 PRO A C   1 
ATOM   1185 O O   . PRO A 1 139 ? 14.244  8.175   -13.194 1.00 26.61 ? 138 PRO A O   1 
ATOM   1186 C CB  . PRO A 1 139 ? 11.174  8.160   -11.929 1.00 25.61 ? 138 PRO A CB  1 
ATOM   1187 C CG  . PRO A 1 139 ? 10.153  7.376   -11.181 1.00 23.16 ? 138 PRO A CG  1 
ATOM   1188 C CD  . PRO A 1 139 ? 10.890  6.421   -10.292 1.00 23.79 ? 138 PRO A CD  1 
ATOM   1189 N N   . ASP A 1 140 ? 14.247  8.264   -10.953 1.00 25.68 ? 139 ASP A N   1 
ATOM   1190 C CA  . ASP A 1 140 ? 15.529  8.958   -10.926 1.00 27.86 ? 139 ASP A CA  1 
ATOM   1191 C C   . ASP A 1 140 ? 16.739  8.025   -11.004 1.00 33.73 ? 139 ASP A C   1 
ATOM   1192 O O   . ASP A 1 140 ? 17.875  8.499   -10.908 1.00 26.98 ? 139 ASP A O   1 
ATOM   1193 C CB  . ASP A 1 140 ? 15.620  9.845   -9.681  1.00 29.43 ? 139 ASP A CB  1 
ATOM   1194 C CG  . ASP A 1 140 ? 15.879  9.051   -8.410  1.00 34.18 ? 139 ASP A CG  1 
ATOM   1195 O OD1 . ASP A 1 140 ? 15.629  7.816   -8.372  1.00 22.28 ? 139 ASP A OD1 1 
ATOM   1196 O OD2 . ASP A 1 140 ? 16.348  9.679   -7.445  1.00 31.61 ? 139 ASP A OD2 1 
ATOM   1197 N N   . GLY A 1 141 ? 16.544  6.721   -11.178 1.00 27.55 ? 140 GLY A N   1 
ATOM   1198 C CA  . GLY A 1 141 ? 17.668  5.816   -11.300 1.00 27.14 ? 140 GLY A CA  1 
ATOM   1199 C C   . GLY A 1 141 ? 18.114  5.134   -10.023 1.00 22.99 ? 140 GLY A C   1 
ATOM   1200 O O   . GLY A 1 141 ? 19.013  4.285   -10.079 1.00 26.73 ? 140 GLY A O   1 
ATOM   1201 N N   . GLU A 1 142 ? 17.531  5.468   -8.873  1.00 24.89 ? 141 GLU A N   1 
ATOM   1202 C CA  . GLU A 1 142 ? 17.765  4.665   -7.679  1.00 18.32 ? 141 GLU A CA  1 
ATOM   1203 C C   . GLU A 1 142 ? 17.120  3.290   -7.856  1.00 17.11 ? 141 GLU A C   1 
ATOM   1204 O O   . GLU A 1 142 ? 16.108  3.141   -8.543  1.00 21.13 ? 141 GLU A O   1 
ATOM   1205 C CB  . GLU A 1 142 ? 17.160  5.354   -6.457  1.00 27.33 ? 141 GLU A CB  1 
ATOM   1206 C CG  . GLU A 1 142 ? 17.758  6.734   -6.117  1.00 19.32 ? 141 GLU A CG  1 
ATOM   1207 C CD  . GLU A 1 142 ? 16.992  7.412   -4.983  1.00 24.09 ? 141 GLU A CD  1 
ATOM   1208 O OE1 . GLU A 1 142 ? 16.246  8.395   -5.227  1.00 32.09 ? 141 GLU A OE1 1 
ATOM   1209 O OE2 . GLU A 1 142 ? 17.103  6.936   -3.840  1.00 29.17 ? 141 GLU A OE2 1 
ATOM   1210 N N   A MET A 1 143 ? 17.723  2.276   -7.237  0.61 22.96 ? 142 MET A N   1 
ATOM   1211 N N   B MET A 1 143 ? 17.734  2.281   -7.237  0.39 22.94 ? 142 MET A N   1 
ATOM   1212 C CA  A MET A 1 143 ? 17.225  0.909   -7.330  0.61 18.58 ? 142 MET A CA  1 
ATOM   1213 C CA  B MET A 1 143 ? 17.258  0.905   -7.291  0.39 18.67 ? 142 MET A CA  1 
ATOM   1214 C C   A MET A 1 143 ? 16.675  0.453   -5.983  0.61 20.37 ? 142 MET A C   1 
ATOM   1215 C C   B MET A 1 143 ? 16.623  0.526   -5.959  0.39 20.36 ? 142 MET A C   1 
ATOM   1216 O O   A MET A 1 143 ? 17.265  0.729   -4.934  0.61 22.34 ? 142 MET A O   1 
ATOM   1217 O O   B MET A 1 143 ? 17.109  0.922   -4.895  0.39 22.39 ? 142 MET A O   1 
ATOM   1218 C CB  A MET A 1 143 ? 18.316  -0.046  -7.829  0.61 26.82 ? 142 MET A CB  1 
ATOM   1219 C CB  B MET A 1 143 ? 18.411  -0.056  -7.598  0.39 25.98 ? 142 MET A CB  1 
ATOM   1220 C CG  A MET A 1 143 ? 18.722  0.215   -9.278  0.61 29.95 ? 142 MET A CG  1 
ATOM   1221 C CG  B MET A 1 143 ? 18.886  -0.002  -9.039  0.39 29.85 ? 142 MET A CG  1 
ATOM   1222 S SD  A MET A 1 143 ? 19.342  -1.252  -10.136 0.61 40.40 ? 142 MET A SD  1 
ATOM   1223 S SD  B MET A 1 143 ? 20.633  -0.423  -9.209  0.39 34.48 ? 142 MET A SD  1 
ATOM   1224 C CE  A MET A 1 143 ? 17.898  -2.310  -10.070 0.61 34.45 ? 142 MET A CE  1 
ATOM   1225 C CE  B MET A 1 143 ? 21.380  0.958   -8.346  0.39 32.63 ? 142 MET A CE  1 
ATOM   1226 N N   . LEU A 1 144 ? 15.532  -0.242  -6.020  1.00 16.77 ? 143 LEU A N   1 
ATOM   1227 C CA  . LEU A 1 144 ? 14.906  -0.720  -4.786  1.00 17.06 ? 143 LEU A CA  1 
ATOM   1228 C C   . LEU A 1 144 ? 15.862  -1.601  -3.986  1.00 18.61 ? 143 LEU A C   1 
ATOM   1229 O O   . LEU A 1 144 ? 15.945  -1.496  -2.757  1.00 18.37 ? 143 LEU A O   1 
ATOM   1230 C CB  . LEU A 1 144 ? 13.633  -1.506  -5.125  1.00 14.22 ? 143 LEU A CB  1 
ATOM   1231 C CG  . LEU A 1 144 ? 12.900  -2.180  -3.969  1.00 15.82 ? 143 LEU A CG  1 
ATOM   1232 C CD1 . LEU A 1 144 ? 12.456  -1.159  -2.908  1.00 18.05 ? 143 LEU A CD1 1 
ATOM   1233 C CD2 . LEU A 1 144 ? 11.715  -2.967  -4.496  1.00 17.37 ? 143 LEU A CD2 1 
ATOM   1234 N N   . ARG A 1 145 ? 16.564  -2.497  -4.667  1.00 18.69 ? 144 ARG A N   1 
ATOM   1235 C CA  . ARG A 1 145 ? 17.555  -3.318  -3.992  1.00 20.14 ? 144 ARG A CA  1 
ATOM   1236 C C   . ARG A 1 145 ? 18.630  -2.453  -3.349  1.00 17.36 ? 144 ARG A C   1 
ATOM   1237 O O   . ARG A 1 145 ? 19.083  -2.747  -2.235  1.00 25.05 ? 144 ARG A O   1 
ATOM   1238 C CB  . ARG A 1 145 ? 18.167  -4.270  -5.014  1.00 17.34 ? 144 ARG A CB  1 
ATOM   1239 C CG  . ARG A 1 145 ? 19.286  -5.142  -4.468  1.00 20.70 ? 144 ARG A CG  1 
ATOM   1240 C CD  . ARG A 1 145 ? 20.374  -5.333  -5.515  1.00 29.94 ? 144 ARG A CD  1 
ATOM   1241 N NE  . ARG A 1 145 ? 21.169  -4.122  -5.678  1.00 29.55 ? 144 ARG A NE  1 
ATOM   1242 C CZ  . ARG A 1 145 ? 21.103  -3.307  -6.722  1.00 33.43 ? 144 ARG A CZ  1 
ATOM   1243 N NH1 . ARG A 1 145 ? 20.302  -3.558  -7.748  1.00 35.94 ? 144 ARG A NH1 1 
ATOM   1244 N NH2 . ARG A 1 145 ? 21.854  -2.211  -6.734  1.00 30.58 ? 144 ARG A NH2 1 
ATOM   1245 N N   . GLN A 1 146 ? 19.033  -1.371  -4.024  1.00 17.96 ? 145 GLN A N   1 
ATOM   1246 C CA  . GLN A 1 146 ? 20.056  -0.480  -3.480  1.00 20.81 ? 145 GLN A CA  1 
ATOM   1247 C C   . GLN A 1 146 ? 19.575  0.204   -2.204  1.00 24.42 ? 145 GLN A C   1 
ATOM   1248 O O   . GLN A 1 146 ? 20.334  0.333   -1.237  1.00 24.24 ? 145 GLN A O   1 
ATOM   1249 C CB  . GLN A 1 146 ? 20.470  0.521   -4.568  1.00 23.95 ? 145 GLN A CB  1 
ATOM   1250 C CG  . GLN A 1 146 ? 21.117  1.835   -4.131  1.00 32.88 ? 145 GLN A CG  1 
ATOM   1251 C CD  . GLN A 1 146 ? 20.833  2.975   -5.116  1.00 41.28 ? 145 GLN A CD  1 
ATOM   1252 O OE1 . GLN A 1 146 ? 19.671  3.354   -5.325  1.00 30.05 ? 145 GLN A OE1 1 
ATOM   1253 N NE2 . GLN A 1 146 ? 21.894  3.528   -5.723  1.00 31.51 ? 145 GLN A NE2 1 
ATOM   1254 N N   . ILE A 1 147 ? 18.306  0.629   -2.171  1.00 21.31 ? 146 ILE A N   1 
ATOM   1255 C CA  . ILE A 1 147 ? 17.765  1.257   -0.967  1.00 22.53 ? 146 ILE A CA  1 
ATOM   1256 C C   . ILE A 1 147 ? 17.776  0.288   0.210   1.00 25.71 ? 146 ILE A C   1 
ATOM   1257 O O   . ILE A 1 147 ? 18.175  0.650   1.324   1.00 19.69 ? 146 ILE A O   1 
ATOM   1258 C CB  . ILE A 1 147 ? 16.364  1.837   -1.234  1.00 19.50 ? 146 ILE A CB  1 
ATOM   1259 C CG1 . ILE A 1 147 ? 16.469  3.007   -2.219  1.00 21.91 ? 146 ILE A CG1 1 
ATOM   1260 C CG2 . ILE A 1 147 ? 15.727  2.242   0.087   1.00 16.13 ? 146 ILE A CG2 1 
ATOM   1261 C CD1 . ILE A 1 147 ? 15.244  3.214   -3.077  1.00 31.84 ? 146 ILE A CD1 1 
ATOM   1262 N N   . LEU A 1 148 ? 17.337  -0.960  -0.017  1.00 17.02 ? 147 LEU A N   1 
ATOM   1263 C CA  . LEU A 1 148 ? 17.315  -1.948  1.058   1.00 14.22 ? 147 LEU A CA  1 
ATOM   1264 C C   . LEU A 1 148 ? 18.724  -2.331  1.494   1.00 18.14 ? 147 LEU A C   1 
ATOM   1265 O O   . LEU A 1 148 ? 18.965  -2.567  2.681   1.00 22.15 ? 147 LEU A O   1 
ATOM   1266 C CB  . LEU A 1 148 ? 16.535  -3.197  0.631   1.00 13.64 ? 147 LEU A CB  1 
ATOM   1267 C CG  . LEU A 1 148 ? 15.014  -3.015  0.573   1.00 14.83 ? 147 LEU A CG  1 
ATOM   1268 C CD1 . LEU A 1 148 ? 14.391  -4.198  -0.141  1.00 24.77 ? 147 LEU A CD1 1 
ATOM   1269 C CD2 . LEU A 1 148 ? 14.420  -2.893  1.979   1.00 16.67 ? 147 LEU A CD2 1 
ATOM   1270 N N   . HIS A 1 149 ? 19.659  -2.402  0.544   1.00 15.55 ? 148 HIS A N   1 
ATOM   1271 C CA  . HIS A 1 149 ? 21.051  -2.710  0.874   1.00 15.24 ? 148 HIS A CA  1 
ATOM   1272 C C   . HIS A 1 149 ? 21.661  -1.629  1.754   1.00 23.97 ? 148 HIS A C   1 
ATOM   1273 O O   . HIS A 1 149 ? 22.465  -1.927  2.651   1.00 24.29 ? 148 HIS A O   1 
ATOM   1274 C CB  . HIS A 1 149 ? 21.857  -2.861  -0.423  1.00 19.73 ? 148 HIS A CB  1 
ATOM   1275 C CG  . HIS A 1 149 ? 23.297  -3.244  -0.222  1.00 24.54 ? 148 HIS A CG  1 
ATOM   1276 N ND1 . HIS A 1 149 ? 24.325  -2.322  -0.231  1.00 25.95 ? 148 HIS A ND1 1 
ATOM   1277 C CD2 . HIS A 1 149 ? 23.881  -4.454  -0.044  1.00 20.39 ? 148 HIS A CD2 1 
ATOM   1278 C CE1 . HIS A 1 149 ? 25.478  -2.948  -0.055  1.00 23.18 ? 148 HIS A CE1 1 
ATOM   1279 N NE2 . HIS A 1 149 ? 25.235  -4.242  0.062   1.00 23.48 ? 148 HIS A NE2 1 
ATOM   1280 N N   . THR A 1 150 ? 21.286  -0.367  1.518   1.00 22.30 ? 149 THR A N   1 
ATOM   1281 C CA  . THR A 1 150 ? 21.918  0.760   2.205   1.00 19.73 ? 149 THR A CA  1 
ATOM   1282 C C   . THR A 1 150 ? 21.425  0.889   3.645   1.00 23.34 ? 149 THR A C   1 
ATOM   1283 O O   . THR A 1 150 ? 22.207  1.213   4.546   1.00 25.52 ? 149 THR A O   1 
ATOM   1284 C CB  . THR A 1 150 ? 21.652  2.045   1.414   1.00 19.71 ? 149 THR A CB  1 
ATOM   1285 O OG1 . THR A 1 150 ? 22.324  1.988   0.145   1.00 29.16 ? 149 THR A OG1 1 
ATOM   1286 C CG2 . THR A 1 150 ? 22.108  3.273   2.177   1.00 25.50 ? 149 THR A CG2 1 
ATOM   1287 N N   . ARG A 1 151 ? 20.140  0.622   3.886   1.00 18.06 ? 150 ARG A N   1 
ATOM   1288 C CA  . ARG A 1 151 ? 19.545  0.826   5.204   1.00 20.17 ? 150 ARG A CA  1 
ATOM   1289 C C   . ARG A 1 151 ? 19.522  -0.430  6.066   1.00 25.86 ? 150 ARG A C   1 
ATOM   1290 O O   . ARG A 1 151 ? 19.403  -0.316  7.292   1.00 28.64 ? 150 ARG A O   1 
ATOM   1291 C CB  . ARG A 1 151 ? 18.096  1.324   5.078   1.00 19.25 ? 150 ARG A CB  1 
ATOM   1292 C CG  . ARG A 1 151 ? 17.947  2.707   4.477   1.00 27.22 ? 150 ARG A CG  1 
ATOM   1293 C CD  . ARG A 1 151 ? 18.471  3.756   5.432   1.00 19.19 ? 150 ARG A CD  1 
ATOM   1294 N NE  . ARG A 1 151 ? 17.713  3.787   6.678   1.00 20.12 ? 150 ARG A NE  1 
ATOM   1295 C CZ  . ARG A 1 151 ? 16.613  4.512   6.844   1.00 16.46 ? 150 ARG A CZ  1 
ATOM   1296 N NH1 . ARG A 1 151 ? 16.115  5.241   5.858   1.00 15.01 ? 150 ARG A NH1 1 
ATOM   1297 N NH2 . ARG A 1 151 ? 16.013  4.519   8.032   1.00 21.22 ? 150 ARG A NH2 1 
ATOM   1298 N N   . ALA A 1 152 ? 19.589  -1.617  5.470   1.00 28.97 ? 151 ALA A N   1 
ATOM   1299 C CA  . ALA A 1 152 ? 19.503  -2.869  6.224   1.00 28.09 ? 151 ALA A CA  1 
ATOM   1300 C C   . ALA A 1 152 ? 18.311  -2.866  7.183   1.00 33.99 ? 151 ALA A C   1 
ATOM   1301 O O   . ALA A 1 152 ? 18.448  -3.093  8.387   1.00 35.75 ? 151 ALA A O   1 
ATOM   1302 C CB  . ALA A 1 152 ? 20.814  -3.173  6.953   1.00 27.75 ? 151 ALA A CB  1 
ATOM   1303 N N   . PHE A 1 153 ? 17.131  -2.558  6.641   1.00 29.51 ? 152 PHE A N   1 
ATOM   1304 C CA  . PHE A 1 153 ? 15.912  -2.594  7.436   1.00 26.33 ? 152 PHE A CA  1 
ATOM   1305 C C   . PHE A 1 153 ? 15.685  -3.993  8.001   1.00 23.39 ? 152 PHE A C   1 
ATOM   1306 O O   . PHE A 1 153 ? 16.052  -5.002  7.396   1.00 37.64 ? 152 PHE A O   1 
ATOM   1307 C CB  . PHE A 1 153 ? 14.707  -2.246  6.564   1.00 23.34 ? 152 PHE A CB  1 
ATOM   1308 C CG  . PHE A 1 153 ? 14.594  -0.783  6.221   1.00 27.17 ? 152 PHE A CG  1 
ATOM   1309 C CD1 . PHE A 1 153 ? 14.218  0.135   7.183   1.00 27.70 ? 152 PHE A CD1 1 
ATOM   1310 C CD2 . PHE A 1 153 ? 14.829  -0.337  4.930   1.00 27.81 ? 152 PHE A CD2 1 
ATOM   1311 C CE1 . PHE A 1 153 ? 14.100  1.480   6.868   1.00 26.97 ? 152 PHE A CE1 1 
ATOM   1312 C CE2 . PHE A 1 153 ? 14.709  1.011   4.610   1.00 26.58 ? 152 PHE A CE2 1 
ATOM   1313 C CZ  . PHE A 1 153 ? 14.349  1.915   5.578   1.00 21.58 ? 152 PHE A CZ  1 
ATOM   1314 N N   . ASP A 1 154 ? 15.059  -4.039  9.170   1.00 30.69 ? 153 ASP A N   1 
ATOM   1315 C CA  . ASP A 1 154 ? 14.650  -5.305  9.753   1.00 39.46 ? 153 ASP A CA  1 
ATOM   1316 C C   . ASP A 1 154 ? 13.565  -5.942  8.894   1.00 32.32 ? 153 ASP A C   1 
ATOM   1317 O O   . ASP A 1 154 ? 12.621  -5.273  8.459   1.00 28.20 ? 153 ASP A O   1 
ATOM   1318 C CB  . ASP A 1 154 ? 14.095  -5.059  11.155  1.00 46.87 ? 153 ASP A CB  1 
ATOM   1319 C CG  . ASP A 1 154 ? 14.703  -5.975  12.191  1.00 70.09 ? 153 ASP A CG  1 
ATOM   1320 O OD1 . ASP A 1 154 ? 15.216  -7.050  11.807  1.00 64.81 ? 153 ASP A OD1 1 
ATOM   1321 O OD2 . ASP A 1 154 ? 14.658  -5.619  13.391  1.00 77.18 ? 153 ASP A OD2 1 
ATOM   1322 N N   . LYS A 1 155 ? 13.706  -7.241  8.648   1.00 27.30 ? 154 LYS A N   1 
ATOM   1323 C CA  . LYS A 1 155 ? 12.704  -7.970  7.884   1.00 25.99 ? 154 LYS A CA  1 
ATOM   1324 C C   . LYS A 1 155 ? 11.431  -8.141  8.702   1.00 25.71 ? 154 LYS A C   1 
ATOM   1325 O O   . LYS A 1 155 ? 11.451  -8.205  9.935   1.00 28.56 ? 154 LYS A O   1 
ATOM   1326 C CB  . LYS A 1 155 ? 13.241  -9.334  7.451   1.00 26.64 ? 154 LYS A CB  1 
ATOM   1327 C CG  . LYS A 1 155 ? 14.137  -9.285  6.225   1.00 33.04 ? 154 LYS A CG  1 
ATOM   1328 C CD  . LYS A 1 155 ? 14.498  -10.687 5.749   1.00 43.51 ? 154 LYS A CD  1 
ATOM   1329 C CE  . LYS A 1 155 ? 13.592  -11.135 4.618   1.00 52.81 ? 154 LYS A CE  1 
ATOM   1330 N NZ  . LYS A 1 155 ? 13.388  -12.613 4.582   1.00 47.82 ? 154 LYS A NZ  1 
ATOM   1331 N N   . LEU A 1 156 ? 10.311  -8.203  7.997   1.00 26.56 ? 155 LEU A N   1 
ATOM   1332 C CA  . LEU A 1 156 ? 8.996   -8.293  8.607   1.00 25.37 ? 155 LEU A CA  1 
ATOM   1333 C C   . LEU A 1 156 ? 8.505   -9.731  8.513   1.00 16.89 ? 155 LEU A C   1 
ATOM   1334 O O   . LEU A 1 156 ? 8.757   -10.418 7.519   1.00 22.90 ? 155 LEU A O   1 
ATOM   1335 C CB  . LEU A 1 156 ? 8.018   -7.381  7.869   1.00 18.79 ? 155 LEU A CB  1 
ATOM   1336 C CG  . LEU A 1 156 ? 8.173   -5.886  8.177   1.00 24.16 ? 155 LEU A CG  1 
ATOM   1337 C CD1 . LEU A 1 156 ? 8.296   -5.651  9.681   1.00 30.30 ? 155 LEU A CD1 1 
ATOM   1338 C CD2 . LEU A 1 156 ? 9.345   -5.259  7.437   1.00 40.50 ? 155 LEU A CD2 1 
ATOM   1339 N N   . ASN A 1 157 ? 7.805   -10.177 9.553   1.00 18.54 ? 156 ASN A N   1 
ATOM   1340 C CA  . ASN A 1 157 ? 7.251   -11.521 9.554   1.00 14.05 ? 156 ASN A CA  1 
ATOM   1341 C C   . ASN A 1 157 ? 5.984   -11.541 8.712   1.00 17.68 ? 156 ASN A C   1 
ATOM   1342 O O   . ASN A 1 157 ? 5.263   -10.537 8.617   1.00 21.09 ? 156 ASN A O   1 
ATOM   1343 C CB  . ASN A 1 157 ? 6.887   -11.929 10.980  1.00 15.95 ? 156 ASN A CB  1 
ATOM   1344 C CG  . ASN A 1 157 ? 8.101   -12.064 11.872  1.00 25.86 ? 156 ASN A CG  1 
ATOM   1345 O OD1 . ASN A 1 157 ? 9.228   -12.025 11.398  1.00 23.20 ? 156 ASN A OD1 1 
ATOM   1346 N ND2 . ASN A 1 157 ? 7.875   -12.245 13.157  1.00 24.92 ? 156 ASN A ND2 1 
ATOM   1347 N N   . LYS A 1 158 ? 5.740   -12.684 8.079   1.00 19.90 ? 157 LYS A N   1 
ATOM   1348 C CA  . LYS A 1 158 ? 4.481   -12.911 7.380   1.00 21.09 ? 157 LYS A CA  1 
ATOM   1349 C C   . LYS A 1 158 ? 3.348   -12.937 8.395   1.00 20.65 ? 157 LYS A C   1 
ATOM   1350 O O   . LYS A 1 158 ? 3.516   -13.410 9.526   1.00 21.88 ? 157 LYS A O   1 
ATOM   1351 C CB  . LYS A 1 158 ? 4.511   -14.263 6.662   1.00 19.53 ? 157 LYS A CB  1 
ATOM   1352 C CG  . LYS A 1 158 ? 5.675   -14.479 5.698   1.00 33.63 ? 157 LYS A CG  1 
ATOM   1353 C CD  . LYS A 1 158 ? 5.378   -13.904 4.334   1.00 26.81 ? 157 LYS A CD  1 
ATOM   1354 C CE  . LYS A 1 158 ? 6.577   -13.991 3.383   1.00 24.52 ? 157 LYS A CE  1 
ATOM   1355 N NZ  . LYS A 1 158 ? 7.065   -15.383 3.184   1.00 36.93 ? 157 LYS A NZ  1 
ATOM   1356 N N   . TRP A 1 159 ? 2.179   -12.435 7.976   1.00 16.00 ? 158 TRP A N   1 
ATOM   1357 C CA  . TRP A 1 159 ? 1.006   -12.381 8.841   1.00 22.39 ? 158 TRP A CA  1 
ATOM   1358 C C   . TRP A 1 159 ? 0.644   -13.760 9.410   1.00 29.47 ? 158 TRP A C   1 
ATOM   1359 O O   . TRP A 1 159 ? 0.736   -14.763 8.710   1.00 28.66 ? 158 TRP A O   1 
ATOM   1360 C CB  . TRP A 1 159 ? -0.204  -11.797 8.079   1.00 20.57 ? 158 TRP A CB  1 
ATOM   1361 C CG  . TRP A 1 159 ? -1.335  -11.506 8.995   1.00 20.74 ? 158 TRP A CG  1 
ATOM   1362 C CD1 . TRP A 1 159 ? -2.417  -12.301 9.250   1.00 27.66 ? 158 TRP A CD1 1 
ATOM   1363 C CD2 . TRP A 1 159 ? -1.472  -10.355 9.831   1.00 19.17 ? 158 TRP A CD2 1 
ATOM   1364 N NE1 . TRP A 1 159 ? -3.230  -11.703 10.183  1.00 23.32 ? 158 TRP A NE1 1 
ATOM   1365 C CE2 . TRP A 1 159 ? -2.672  -10.505 10.555  1.00 23.56 ? 158 TRP A CE2 1 
ATOM   1366 C CE3 . TRP A 1 159 ? -0.701  -9.203  10.027  1.00 22.91 ? 158 TRP A CE3 1 
ATOM   1367 C CZ2 . TRP A 1 159 ? -3.118  -9.547  11.461  1.00 21.79 ? 158 TRP A CZ2 1 
ATOM   1368 C CZ3 . TRP A 1 159 ? -1.144  -8.248  10.924  1.00 20.63 ? 158 TRP A CZ3 1 
ATOM   1369 C CH2 . TRP A 1 159 ? -2.339  -8.430  11.637  1.00 19.15 ? 158 TRP A CH2 1 
ATOM   1370 O OXT . TRP A 1 159 ? 0.244   -13.912 10.575  1.00 34.72 ? 158 TRP A OXT 1 
HETATM 1371 C C1  . ZX4 B 2 .   ? -2.697  12.222  3.143   1.00 42.64 ? 201 ZX4 A C1  1 
HETATM 1372 C C10 . ZX4 B 2 .   ? -0.646  5.819   6.032   1.00 37.08 ? 201 ZX4 A C10 1 
HETATM 1373 C C11 . ZX4 B 2 .   ? 0.450   5.435   7.050   1.00 37.74 ? 201 ZX4 A C11 1 
HETATM 1374 C C12 . ZX4 B 2 .   ? -2.738  12.812  1.753   1.00 34.79 ? 201 ZX4 A C12 1 
HETATM 1375 C C13 . ZX4 B 2 .   ? 0.708   3.914   6.935   1.00 32.53 ? 201 ZX4 A C13 1 
HETATM 1376 C C14 . ZX4 B 2 .   ? 0.339   3.159   5.860   1.00 43.52 ? 201 ZX4 A C14 1 
HETATM 1377 C C15 . ZX4 B 2 .   ? 1.380   1.755   7.396   1.00 35.68 ? 201 ZX4 A C15 1 
HETATM 1378 C C16 . ZX4 B 2 .   ? 1.398   3.089   7.994   1.00 36.84 ? 201 ZX4 A C16 1 
HETATM 1379 C C17 . ZX4 B 2 .   ? 2.006   3.188   9.277   1.00 35.13 ? 201 ZX4 A C17 1 
HETATM 1380 C C18 . ZX4 B 2 .   ? 2.454   0.753   9.156   1.00 31.49 ? 201 ZX4 A C18 1 
HETATM 1381 C C19 . ZX4 B 2 .   ? -3.882  12.518  0.824   1.00 32.67 ? 201 ZX4 A C19 1 
HETATM 1382 C C2  . ZX4 B 2 .   ? 0.320   8.980   -2.699  1.00 24.62 ? 201 ZX4 A C2  1 
HETATM 1383 C C20 . ZX4 B 2 .   ? -3.292  12.452  -0.550  1.00 24.01 ? 201 ZX4 A C20 1 
HETATM 1384 C C21 . ZX4 B 2 .   ? -1.809  12.621  -0.392  1.00 24.45 ? 201 ZX4 A C21 1 
HETATM 1385 C C22 . ZX4 B 2 .   ? 0.242   12.372  -1.636  1.00 26.19 ? 201 ZX4 A C22 1 
HETATM 1386 C C23 . ZX4 B 2 .   ? -1.014  10.508  -1.479  1.00 20.61 ? 201 ZX4 A C23 1 
HETATM 1387 C C24 . ZX4 B 2 .   ? -1.687  8.405   -1.737  1.00 20.75 ? 201 ZX4 A C24 1 
HETATM 1388 C C25 . ZX4 B 2 .   ? 0.154   10.252  -2.227  1.00 21.76 ? 201 ZX4 A C25 1 
HETATM 1389 C C3  . ZX4 B 2 .   ? -1.898  9.357   2.306   1.00 44.49 ? 201 ZX4 A C3  1 
HETATM 1390 C C4  . ZX4 B 2 .   ? -2.356  7.921   2.479   1.00 47.64 ? 201 ZX4 A C4  1 
HETATM 1391 C C5  . ZX4 B 2 .   ? -0.512  9.493   2.784   1.00 39.95 ? 201 ZX4 A C5  1 
HETATM 1392 C C6  . ZX4 B 2 .   ? -0.248  9.043   4.203   1.00 51.17 ? 201 ZX4 A C6  1 
HETATM 1393 C C7  . ZX4 B 2 .   ? 1.278   9.138   4.442   1.00 60.06 ? 201 ZX4 A C7  1 
HETATM 1394 C C8  . ZX4 B 2 .   ? -2.080  7.395   3.948   1.00 51.56 ? 201 ZX4 A C8  1 
HETATM 1395 C C9  . ZX4 B 2 .   ? -0.563  7.355   5.801   1.00 45.82 ? 201 ZX4 A C9  1 
HETATM 1396 N N1  . ZX4 B 2 .   ? -0.881  11.827  -1.161  1.00 21.02 ? 201 ZX4 A N1  1 
HETATM 1397 N N10 . ZX4 B 2 .   ? 1.873   0.599   7.899   1.00 25.38 ? 201 ZX4 A N10 1 
HETATM 1398 N N2  . ZX4 B 2 .   ? 3.026   -0.392  9.807   1.00 31.36 ? 201 ZX4 A N2  1 
HETATM 1399 N N3  . ZX4 B 2 .   ? 0.983   11.461  -2.326  1.00 26.70 ? 201 ZX4 A N3  1 
HETATM 1400 N N4  . ZX4 B 2 .   ? -1.960  9.633   -1.214  1.00 21.75 ? 201 ZX4 A N4  1 
HETATM 1401 N N5  . ZX4 B 2 .   ? -0.603  8.047   -2.461  1.00 23.74 ? 201 ZX4 A N5  1 
HETATM 1402 N N6  . ZX4 B 2 .   ? 1.524   8.731   -3.465  1.00 23.45 ? 201 ZX4 A N6  1 
HETATM 1403 N N7  . ZX4 B 2 .   ? -0.641  7.666   4.404   1.00 54.93 ? 201 ZX4 A N7  1 
HETATM 1404 N N8  . ZX4 B 2 .   ? 0.757   1.946   6.188   1.00 33.21 ? 201 ZX4 A N8  1 
HETATM 1405 N N9  . ZX4 B 2 .   ? 2.537   2.049   9.861   1.00 28.37 ? 201 ZX4 A N9  1 
HETATM 1406 O O1  . ZX4 B 2 .   ? -1.549  12.315  1.041   1.00 26.73 ? 201 ZX4 A O1  1 
HETATM 1407 O O2  . ZX4 B 2 .   ? -4.840  13.599  0.902   1.00 26.80 ? 201 ZX4 A O2  1 
HETATM 1408 O O3  . ZX4 B 2 .   ? -3.780  13.538  -1.393  1.00 26.14 ? 201 ZX4 A O3  1 
HETATM 1409 O O4  . ZX4 B 2 .   ? 2.018   8.137   4.209   1.00 46.37 ? 201 ZX4 A O4  1 
HETATM 1410 O O5  . ZX4 B 2 .   ? 1.794   10.208  4.854   1.00 59.03 ? 201 ZX4 A O5  1 
HETATM 1411 O O6  . ZX4 B 2 .   ? 2.079   4.239   9.864   1.00 34.17 ? 201 ZX4 A O6  1 
HETATM 1412 S S1  . ZX4 B 2 .   ? -3.082  10.428  3.281   1.00 47.57 ? 201 ZX4 A S1  1 
HETATM 1413 O O   . HOH C 3 .   ? -0.989  20.817  -9.555  1.00 31.47 ? 301 HOH A O   1 
HETATM 1414 O O   . HOH C 3 .   ? -12.619 -12.328 3.078   1.00 29.21 ? 302 HOH A O   1 
HETATM 1415 O O   . HOH C 3 .   ? 22.530  2.671   6.204   1.00 34.18 ? 303 HOH A O   1 
HETATM 1416 O O   . HOH C 3 .   ? 2.715   -5.447  8.006   1.00 42.09 ? 304 HOH A O   1 
HETATM 1417 O O   . HOH C 3 .   ? 9.729   15.478  -7.985  1.00 28.07 ? 305 HOH A O   1 
HETATM 1418 O O   . HOH C 3 .   ? 7.659   16.869  -11.538 1.00 38.88 ? 306 HOH A O   1 
HETATM 1419 O O   . HOH C 3 .   ? -16.298 -3.882  2.891   1.00 51.18 ? 307 HOH A O   1 
HETATM 1420 O O   . HOH C 3 .   ? 2.835   6.380   -17.131 1.00 48.91 ? 308 HOH A O   1 
HETATM 1421 O O   . HOH C 3 .   ? -18.035 -5.540  11.472  1.00 37.49 ? 309 HOH A O   1 
HETATM 1422 O O   . HOH C 3 .   ? 3.508   -5.722  23.907  1.00 52.76 ? 310 HOH A O   1 
HETATM 1423 O O   . HOH C 3 .   ? -26.286 -3.481  20.787  1.00 45.10 ? 311 HOH A O   1 
HETATM 1424 O O   . HOH C 3 .   ? -10.170 13.122  -2.535  1.00 29.55 ? 312 HOH A O   1 
HETATM 1425 O O   . HOH C 3 .   ? 7.385   -2.855  -12.648 1.00 37.77 ? 313 HOH A O   1 
HETATM 1426 O O   . HOH C 3 .   ? -12.807 -14.842 7.597   1.00 43.56 ? 314 HOH A O   1 
HETATM 1427 O O   . HOH C 3 .   ? 7.589   16.313  -3.847  1.00 36.65 ? 315 HOH A O   1 
HETATM 1428 O O   . HOH C 3 .   ? -16.646 -10.058 7.586   1.00 38.02 ? 316 HOH A O   1 
HETATM 1429 O O   . HOH C 3 .   ? -8.031  -11.097 10.720  1.00 23.10 ? 317 HOH A O   1 
HETATM 1430 O O   . HOH C 3 .   ? -12.695 -7.422  12.042  1.00 38.92 ? 318 HOH A O   1 
HETATM 1431 O O   . HOH C 3 .   ? -10.011 -14.622 6.979   1.00 26.29 ? 319 HOH A O   1 
HETATM 1432 O O   . HOH C 3 .   ? -18.992 -0.583  17.222  1.00 36.98 ? 320 HOH A O   1 
HETATM 1433 O O   . HOH C 3 .   ? 5.490   -0.824  20.538  1.00 61.19 ? 321 HOH A O   1 
HETATM 1434 O O   . HOH C 3 .   ? 18.918  5.470   -3.324  1.00 25.91 ? 322 HOH A O   1 
HETATM 1435 O O   . HOH C 3 .   ? -0.284  -8.325  17.924  1.00 42.98 ? 323 HOH A O   1 
HETATM 1436 O O   . HOH C 3 .   ? -2.553  14.902  -8.799  1.00 33.55 ? 324 HOH A O   1 
HETATM 1437 O O   . HOH C 3 .   ? -11.108 -3.559  -13.522 1.00 39.07 ? 325 HOH A O   1 
HETATM 1438 O O   . HOH C 3 .   ? -0.565  2.065   2.561   1.00 26.25 ? 326 HOH A O   1 
HETATM 1439 O O   . HOH C 3 .   ? 9.585   8.749   8.100   1.00 37.47 ? 327 HOH A O   1 
HETATM 1440 O O   . HOH C 3 .   ? 17.466  -3.880  4.116   1.00 44.94 ? 328 HOH A O   1 
HETATM 1441 O O   . HOH C 3 .   ? 1.347   -16.983 9.614   1.00 35.69 ? 329 HOH A O   1 
HETATM 1442 O O   . HOH C 3 .   ? 1.630   -4.835  -17.558 1.00 33.78 ? 330 HOH A O   1 
HETATM 1443 O O   . HOH C 3 .   ? 5.327   16.664  -4.371  1.00 31.07 ? 331 HOH A O   1 
HETATM 1444 O O   . HOH C 3 .   ? -11.934 -7.789  -8.309  1.00 33.20 ? 332 HOH A O   1 
HETATM 1445 O O   . HOH C 3 .   ? -11.087 -7.351  8.802   1.00 19.23 ? 333 HOH A O   1 
HETATM 1446 O O   . HOH C 3 .   ? 10.543  -8.957  0.528   1.00 29.60 ? 334 HOH A O   1 
HETATM 1447 O O   . HOH C 3 .   ? 0.825   11.872  -15.744 1.00 39.83 ? 335 HOH A O   1 
HETATM 1448 O O   . HOH C 3 .   ? -6.168  14.082  -2.126  1.00 24.37 ? 336 HOH A O   1 
HETATM 1449 O O   . HOH C 3 .   ? -21.754 -5.718  14.917  1.00 47.42 ? 337 HOH A O   1 
HETATM 1450 O O   . HOH C 3 .   ? 14.592  11.073  -2.982  1.00 28.94 ? 338 HOH A O   1 
HETATM 1451 O O   . HOH C 3 .   ? -3.851  -5.789  13.720  1.00 28.50 ? 339 HOH A O   1 
HETATM 1452 O O   . HOH C 3 .   ? 3.377   18.401  -4.598  1.00 37.57 ? 340 HOH A O   1 
HETATM 1453 O O   . HOH C 3 .   ? -1.557  5.130   -17.508 1.00 40.27 ? 341 HOH A O   1 
HETATM 1454 O O   . HOH C 3 .   ? 8.853   11.865  -4.304  1.00 28.77 ? 342 HOH A O   1 
HETATM 1455 O O   . HOH C 3 .   ? -11.617 -6.732  -12.583 1.00 36.60 ? 343 HOH A O   1 
HETATM 1456 O O   . HOH C 3 .   ? 19.820  3.064   -12.266 1.00 36.02 ? 344 HOH A O   1 
HETATM 1457 O O   . HOH C 3 .   ? 10.445  3.745   -12.344 1.00 33.74 ? 345 HOH A O   1 
HETATM 1458 O O   . HOH C 3 .   ? -3.947  16.083  0.929   1.00 29.30 ? 346 HOH A O   1 
HETATM 1459 O O   . HOH C 3 .   ? -4.508  -11.229 -11.810 1.00 37.63 ? 347 HOH A O   1 
HETATM 1460 O O   . HOH C 3 .   ? 4.590   0.612   -16.180 1.00 30.21 ? 348 HOH A O   1 
HETATM 1461 O O   . HOH C 3 .   ? 10.360  -8.623  5.380   1.00 34.08 ? 349 HOH A O   1 
HETATM 1462 O O   . HOH C 3 .   ? 12.095  -5.786  14.088  1.00 37.53 ? 350 HOH A O   1 
HETATM 1463 O O   . HOH C 3 .   ? 19.084  -5.810  -8.533  1.00 37.30 ? 351 HOH A O   1 
HETATM 1464 O O   . HOH C 3 .   ? 7.794   13.372  -6.687  1.00 33.06 ? 352 HOH A O   1 
HETATM 1465 O O   . HOH C 3 .   ? 11.142  -9.913  11.977  1.00 33.41 ? 353 HOH A O   1 
HETATM 1466 O O   . HOH C 3 .   ? -5.464  6.662   -1.271  1.00 28.59 ? 354 HOH A O   1 
HETATM 1467 O O   . HOH C 3 .   ? 13.240  4.688   8.692   1.00 26.08 ? 355 HOH A O   1 
HETATM 1468 O O   . HOH C 3 .   ? 24.654  0.761   -0.367  1.00 35.13 ? 356 HOH A O   1 
HETATM 1469 O O   . HOH C 3 .   ? -6.196  -12.862 -0.793  1.00 24.63 ? 357 HOH A O   1 
HETATM 1470 O O   . HOH C 3 .   ? -0.142  8.075   -17.396 1.00 44.43 ? 358 HOH A O   1 
HETATM 1471 O O   . HOH C 3 .   ? -13.440 -9.693  2.939   1.00 28.06 ? 359 HOH A O   1 
HETATM 1472 O O   . HOH C 3 .   ? 16.379  5.298   3.154   1.00 23.89 ? 360 HOH A O   1 
HETATM 1473 O O   . HOH C 3 .   ? 2.645   -9.309  17.185  1.00 40.89 ? 361 HOH A O   1 
HETATM 1474 O O   . HOH C 3 .   ? 3.186   -12.953 12.164  1.00 29.34 ? 362 HOH A O   1 
HETATM 1475 O O   . HOH C 3 .   ? 11.432  -2.847  8.389   1.00 35.33 ? 363 HOH A O   1 
HETATM 1476 O O   . HOH C 3 .   ? 1.520   15.797  -2.824  1.00 27.55 ? 364 HOH A O   1 
HETATM 1477 O O   . HOH C 3 .   ? -1.085  -15.784 12.010  1.00 44.41 ? 365 HOH A O   1 
HETATM 1478 O O   . HOH C 3 .   ? -15.067 -0.020  -2.632  1.00 24.61 ? 366 HOH A O   1 
HETATM 1479 O O   . HOH C 3 .   ? 7.080   -8.703  11.923  1.00 24.08 ? 367 HOH A O   1 
HETATM 1480 O O   . HOH C 3 .   ? 0.720   -15.036 5.985   1.00 30.48 ? 368 HOH A O   1 
HETATM 1481 O O   . HOH C 3 .   ? 6.486   -10.738 -8.941  1.00 37.78 ? 369 HOH A O   1 
HETATM 1482 O O   . HOH C 3 .   ? -12.775 5.086   -16.435 1.00 43.32 ? 370 HOH A O   1 
HETATM 1483 O O   . HOH C 3 .   ? 8.889   -12.708 6.009   1.00 29.84 ? 371 HOH A O   1 
HETATM 1484 O O   . HOH C 3 .   ? -13.673 -0.713  -7.095  1.00 22.53 ? 372 HOH A O   1 
HETATM 1485 O O   . HOH C 3 .   ? -0.159  -13.152 -2.922  1.00 28.11 ? 373 HOH A O   1 
HETATM 1486 O O   . HOH C 3 .   ? -5.847  8.856   1.726   1.00 37.55 ? 374 HOH A O   1 
HETATM 1487 O O   . HOH C 3 .   ? 16.804  8.592   -14.153 1.00 42.29 ? 375 HOH A O   1 
HETATM 1488 O O   . HOH C 3 .   ? -14.080 -3.316  4.984   1.00 28.88 ? 376 HOH A O   1 
HETATM 1489 O O   . HOH C 3 .   ? -14.693 -5.470  -2.210  1.00 22.37 ? 377 HOH A O   1 
HETATM 1490 O O   . HOH C 3 .   ? -4.814  2.759   9.549   1.00 41.58 ? 378 HOH A O   1 
HETATM 1491 O O   . HOH C 3 .   ? 2.839   -1.786  2.551   1.00 25.18 ? 379 HOH A O   1 
HETATM 1492 O O   . HOH C 3 .   ? 6.660   6.221   -10.501 1.00 19.81 ? 380 HOH A O   1 
HETATM 1493 O O   . HOH C 3 .   ? -1.124  -12.356 -0.612  1.00 23.80 ? 381 HOH A O   1 
HETATM 1494 O O   . HOH C 3 .   ? 12.437  -10.466 -3.631  1.00 22.16 ? 382 HOH A O   1 
HETATM 1495 O O   . HOH C 3 .   ? 23.340  -4.313  3.800   1.00 34.85 ? 383 HOH A O   1 
HETATM 1496 O O   . HOH C 3 .   ? 16.009  -3.110  -7.568  1.00 21.84 ? 384 HOH A O   1 
HETATM 1497 O O   . HOH C 3 .   ? 16.677  -3.557  -13.012 1.00 38.39 ? 385 HOH A O   1 
HETATM 1498 O O   . HOH C 3 .   ? -12.354 0.494   11.392  1.00 27.75 ? 386 HOH A O   1 
HETATM 1499 O O   . HOH C 3 .   ? 18.725  1.962   8.770   1.00 28.59 ? 387 HOH A O   1 
HETATM 1500 O O   . HOH C 3 .   ? -9.449  -2.797  15.537  1.00 37.72 ? 388 HOH A O   1 
HETATM 1501 O O   . HOH C 3 .   ? 4.921   -15.753 10.180  1.00 32.55 ? 389 HOH A O   1 
HETATM 1502 O O   . HOH C 3 .   ? 6.239   -6.556  -10.855 1.00 37.25 ? 390 HOH A O   1 
HETATM 1503 O O   . HOH C 3 .   ? 10.637  7.933   -0.874  1.00 32.56 ? 391 HOH A O   1 
HETATM 1504 O O   . HOH C 3 .   ? 15.536  -10.956 -9.788  1.00 38.16 ? 392 HOH A O   1 
HETATM 1505 O O   . HOH C 3 .   ? 5.502   5.407   -17.000 1.00 38.01 ? 393 HOH A O   1 
HETATM 1506 O O   . HOH C 3 .   ? 2.178   -1.358  -18.692 1.00 36.55 ? 394 HOH A O   1 
HETATM 1507 O O   . HOH C 3 .   ? 2.705   20.838  -6.280  1.00 30.36 ? 395 HOH A O   1 
HETATM 1508 O O   . HOH C 3 .   ? -10.253 -3.953  -16.407 1.00 38.20 ? 396 HOH A O   1 
HETATM 1509 O O   . HOH C 3 .   ? -16.015 2.463   5.536   1.00 33.92 ? 397 HOH A O   1 
HETATM 1510 O O   . HOH C 3 .   ? 10.940  1.003   8.551   1.00 31.14 ? 398 HOH A O   1 
HETATM 1511 O O   . HOH C 3 .   ? -16.409 -0.826  15.560  1.00 38.63 ? 399 HOH A O   1 
HETATM 1512 O O   . HOH C 3 .   ? 8.451   -14.509 0.389   1.00 36.54 ? 400 HOH A O   1 
HETATM 1513 O O   . HOH C 3 .   ? 3.694   10.810  -1.272  1.00 25.22 ? 401 HOH A O   1 
HETATM 1514 O O   . HOH C 3 .   ? 13.537  -9.183  12.772  1.00 42.79 ? 402 HOH A O   1 
HETATM 1515 O O   . HOH C 3 .   ? 11.902  -0.899  -12.952 1.00 28.14 ? 403 HOH A O   1 
HETATM 1516 O O   . HOH C 3 .   ? 17.550  -6.955  -7.097  1.00 29.22 ? 404 HOH A O   1 
HETATM 1517 O O   . HOH C 3 .   ? -23.098 -3.937  14.739  1.00 37.11 ? 405 HOH A O   1 
HETATM 1518 O O   . HOH C 3 .   ? 19.397  -8.648  -9.212  1.00 30.91 ? 406 HOH A O   1 
HETATM 1519 O O   . HOH C 3 .   ? 14.123  4.686   -14.405 1.00 36.05 ? 407 HOH A O   1 
HETATM 1520 O O   . HOH C 3 .   ? 12.721  8.580   -8.468  1.00 26.01 ? 408 HOH A O   1 
HETATM 1521 O O   . HOH C 3 .   ? -16.597 -2.526  6.839   1.00 28.78 ? 409 HOH A O   1 
HETATM 1522 O O   . HOH C 3 .   ? -4.750  9.221   -0.377  1.00 24.26 ? 410 HOH A O   1 
HETATM 1523 O O   . HOH C 3 .   ? 1.244   0.373   3.727   1.00 37.47 ? 411 HOH A O   1 
HETATM 1524 O O   . HOH C 3 .   ? -24.863 0.586   9.565   1.00 10.90 ? 412 HOH A O   1 
HETATM 1525 O O   . HOH C 3 .   ? 3.501   16.498  -11.522 1.00 26.07 ? 413 HOH A O   1 
HETATM 1526 O O   . HOH C 3 .   ? -7.899  -7.893  -11.122 1.00 28.12 ? 414 HOH A O   1 
HETATM 1527 O O   . HOH C 3 .   ? -18.526 2.754   -6.097  1.00 24.12 ? 415 HOH A O   1 
HETATM 1528 O O   . HOH C 3 .   ? 7.257   11.850  -15.338 1.00 35.67 ? 416 HOH A O   1 
HETATM 1529 O O   . HOH C 3 .   ? 10.792  -12.627 -4.627  1.00 33.57 ? 417 HOH A O   1 
HETATM 1530 O O   . HOH C 3 .   ? -10.266 8.435   1.488   1.00 30.13 ? 418 HOH A O   1 
HETATM 1531 O O   . HOH C 3 .   ? 8.365   -12.017 -7.644  1.00 39.48 ? 419 HOH A O   1 
HETATM 1532 O O   . HOH C 3 .   ? -10.760 -10.565 9.514   1.00 31.65 ? 420 HOH A O   1 
HETATM 1533 O O   . HOH C 3 .   ? -11.055 -6.200  14.293  1.00 33.71 ? 421 HOH A O   1 
HETATM 1534 O O   . HOH C 3 .   ? 18.526  3.660   1.603   1.00 34.82 ? 422 HOH A O   1 
HETATM 1535 O O   . HOH C 3 .   ? -10.014 -13.353 9.495   1.00 34.93 ? 423 HOH A O   1 
HETATM 1536 O O   . HOH C 3 .   ? -5.778  -12.135 11.811  1.00 27.24 ? 424 HOH A O   1 
HETATM 1537 O O   . HOH C 3 .   ? -19.094 4.117   2.786   1.00 38.74 ? 425 HOH A O   1 
HETATM 1538 O O   . HOH C 3 .   ? 13.214  8.383   -5.812  1.00 29.06 ? 426 HOH A O   1 
HETATM 1539 O O   . HOH C 3 .   ? -11.698 9.262   -11.273 1.00 44.09 ? 427 HOH A O   1 
HETATM 1540 O O   . HOH C 3 .   ? -20.488 -6.060  13.135  1.00 35.97 ? 428 HOH A O   1 
HETATM 1541 O O   . HOH C 3 .   ? 5.220   -12.162 -7.381  1.00 39.23 ? 429 HOH A O   1 
HETATM 1542 O O   . HOH C 3 .   ? 10.420  -12.759 3.590   1.00 54.88 ? 430 HOH A O   1 
HETATM 1543 O O   . HOH C 3 .   ? -11.328 8.275   10.120  1.00 45.95 ? 431 HOH A O   1 
HETATM 1544 O O   . HOH C 3 .   ? 11.270  -7.038  -10.833 1.00 29.07 ? 432 HOH A O   1 
HETATM 1545 O O   . HOH C 3 .   ? -19.566 -7.455  18.449  1.00 48.21 ? 433 HOH A O   1 
HETATM 1546 O O   . HOH C 3 .   ? 11.578  11.258  3.255   1.00 32.57 ? 434 HOH A O   1 
HETATM 1547 O O   . HOH C 3 .   ? 1.880   7.038   17.965  1.00 45.95 ? 435 HOH A O   1 
HETATM 1548 O O   . HOH C 3 .   ? -15.522 0.707   17.039  1.00 34.29 ? 436 HOH A O   1 
HETATM 1549 O O   . HOH C 3 .   ? 3.898   14.654  0.003   1.00 42.10 ? 437 HOH A O   1 
HETATM 1550 O O   . HOH C 3 .   ? -3.293  -11.751 14.657  1.00 37.40 ? 438 HOH A O   1 
HETATM 1551 O O   . HOH C 3 .   ? -1.473  14.496  -11.356 1.00 35.56 ? 439 HOH A O   1 
HETATM 1552 O O   . HOH C 3 .   ? 1.774   -12.898 -10.290 1.00 27.85 ? 440 HOH A O   1 
HETATM 1553 O O   . HOH C 3 .   ? 1.854   -15.309 13.022  1.00 37.59 ? 441 HOH A O   1 
HETATM 1554 O O   . HOH C 3 .   ? 9.008   -1.306  9.001   1.00 33.91 ? 442 HOH A O   1 
HETATM 1555 O O   . HOH C 3 .   ? -5.652  -11.111 13.913  1.00 38.95 ? 443 HOH A O   1 
HETATM 1556 O O   . HOH C 3 .   ? -6.084  16.486  -0.154  1.00 35.32 ? 444 HOH A O   1 
HETATM 1557 O O   . HOH C 3 .   ? 9.145   3.399   9.477   1.00 37.69 ? 445 HOH A O   1 
HETATM 1558 O O   . HOH C 3 .   ? 18.210  11.527  -12.366 1.00 56.23 ? 446 HOH A O   1 
HETATM 1559 O O   . HOH C 3 .   ? -13.431 -2.045  -16.619 1.00 57.03 ? 447 HOH A O   1 
HETATM 1560 O O   . HOH C 3 .   ? 24.031  -1.408  5.766   1.00 32.78 ? 448 HOH A O   1 
HETATM 1561 O O   . HOH C 3 .   ? -3.286  -8.636  15.826  1.00 50.42 ? 449 HOH A O   1 
HETATM 1562 O O   . HOH C 3 .   ? 22.083  1.729   8.151   1.00 36.33 ? 450 HOH A O   1 
HETATM 1563 O O   . HOH C 3 .   ? -17.842 -7.417  16.050  1.00 57.19 ? 451 HOH A O   1 
HETATM 1564 O O   . HOH C 3 .   ? -11.488 -8.626  -11.132 1.00 40.94 ? 452 HOH A O   1 
HETATM 1565 O O   . HOH C 3 .   ? -14.600 8.763   6.740   1.00 41.08 ? 453 HOH A O   1 
HETATM 1566 O O   . HOH C 3 .   ? -15.601 -1.414  -5.393  1.00 19.41 ? 454 HOH A O   1 
HETATM 1567 O O   . HOH C 3 .   ? 13.240  -1.065  10.030  1.00 39.44 ? 455 HOH A O   1 
HETATM 1568 O O   . HOH C 3 .   ? 1.730   13.650  3.711   1.00 39.74 ? 456 HOH A O   1 
HETATM 1569 O O   . HOH C 3 .   ? 2.337   19.525  -2.325  1.00 44.74 ? 457 HOH A O   1 
HETATM 1570 O O   . HOH C 3 .   ? 2.097   12.825  1.107   1.00 45.12 ? 458 HOH A O   1 
HETATM 1571 O O   . HOH C 3 .   ? -1.583  12.676  -15.992 1.00 43.41 ? 459 HOH A O   1 
HETATM 1572 O O   . HOH C 3 .   ? -11.098 8.351   3.728   1.00 40.83 ? 460 HOH A O   1 
HETATM 1573 O O   . HOH C 3 .   ? -9.235  15.196  -2.478  1.00 37.22 ? 461 HOH A O   1 
HETATM 1574 O O   . HOH C 3 .   ? -19.131 -2.100  1.968   1.00 49.47 ? 462 HOH A O   1 
HETATM 1575 O O   . HOH C 3 .   ? 13.453  11.794  -12.429 1.00 42.38 ? 463 HOH A O   1 
HETATM 1576 O O   . HOH C 3 .   ? -22.908 4.757   25.326  1.00 41.99 ? 464 HOH A O   1 
HETATM 1577 O O   . HOH C 3 .   ? 1.568   -18.392 7.630   1.00 42.92 ? 465 HOH A O   1 
HETATM 1578 O O   . HOH C 3 .   ? -12.541 0.245   13.806  1.00 38.00 ? 466 HOH A O   1 
HETATM 1579 O O   . HOH C 3 .   ? 8.183   -6.953  -12.227 1.00 40.44 ? 467 HOH A O   1 
HETATM 1580 O O   . HOH C 3 .   ? 10.185  12.535  -6.952  1.00 48.07 ? 468 HOH A O   1 
HETATM 1581 O O   . HOH C 3 .   ? -11.775 7.893   -14.146 1.00 42.04 ? 469 HOH A O   1 
HETATM 1582 O O   . HOH C 3 .   ? -21.138 2.559   -5.835  1.00 36.08 ? 470 HOH A O   1 
HETATM 1583 O O   . HOH C 3 .   ? 0.232   13.329  -13.579 1.00 47.83 ? 471 HOH A O   1 
HETATM 1584 O O   . HOH C 3 .   ? -18.968 -0.653  -2.351  1.00 41.00 ? 472 HOH A O   1 
HETATM 1585 O O   . HOH C 3 .   ? 11.305  -9.421  3.421   1.00 45.08 ? 473 HOH A O   1 
HETATM 1586 O O   . HOH C 3 .   ? 4.050   -7.646  -11.779 1.00 38.16 ? 474 HOH A O   1 
HETATM 1587 O O   . HOH C 3 .   ? 8.636   14.074  -15.311 1.00 42.28 ? 475 HOH A O   1 
HETATM 1588 O O   . HOH C 3 .   ? 12.223  11.452  -14.758 1.00 34.53 ? 476 HOH A O   1 
HETATM 1589 O O   . HOH C 3 .   ? -21.126 0.874   -1.459  1.00 53.35 ? 477 HOH A O   1 
HETATM 1590 O O   . HOH C 3 .   ? 5.061   -5.823  -14.251 1.00 37.35 ? 478 HOH A O   1 
HETATM 1591 O O   . HOH C 3 .   ? -11.836 -4.084  15.570  1.00 42.17 ? 479 HOH A O   1 
HETATM 1592 O O   . HOH C 3 .   ? -13.389 -1.950  15.046  1.00 45.99 ? 480 HOH A O   1 
HETATM 1593 O O   . HOH C 3 .   ? 17.621  6.906   1.156   1.00 25.91 ? 481 HOH A O   1 
HETATM 1594 O O   . HOH C 3 .   ? 2.924   -17.476 11.435  1.00 45.03 ? 482 HOH A O   1 
HETATM 1595 O O   . HOH C 3 .   ? 12.138  -11.061 -0.696  1.00 36.56 ? 483 HOH A O   1 
HETATM 1596 O O   . HOH C 3 .   ? -10.310 9.113   8.104   1.00 44.99 ? 484 HOH A O   1 
HETATM 1597 O O   . HOH C 3 .   ? -11.884 9.011   6.296   1.00 54.02 ? 485 HOH A O   1 
HETATM 1598 O O   . HOH C 3 .   ? -28.108 -5.653  19.227  1.00 44.63 ? 486 HOH A O   1 
# 
